data_3VEJ
# 
_entry.id   3VEJ 
# 
_audit_conform.dict_name       mmcif_pdbx.dic 
_audit_conform.dict_version    5.387 
_audit_conform.dict_location   http://mmcif.pdb.org/dictionaries/ascii/mmcif_pdbx.dic 
# 
loop_
_database_2.database_id 
_database_2.database_code 
_database_2.pdbx_database_accession 
_database_2.pdbx_DOI 
PDB   3VEJ         pdb_00003vej 10.2210/pdb3vej/pdb 
RCSB  RCSB069945   ?            ?                   
WWPDB D_1000069945 ?            ?                   
# 
loop_
_pdbx_audit_revision_history.ordinal 
_pdbx_audit_revision_history.data_content_type 
_pdbx_audit_revision_history.major_revision 
_pdbx_audit_revision_history.minor_revision 
_pdbx_audit_revision_history.revision_date 
1 'Structure model' 1 0 2012-01-25 
2 'Structure model' 1 1 2012-03-28 
3 'Structure model' 1 2 2024-02-28 
# 
_pdbx_audit_revision_details.ordinal             1 
_pdbx_audit_revision_details.revision_ordinal    1 
_pdbx_audit_revision_details.data_content_type   'Structure model' 
_pdbx_audit_revision_details.provider            repository 
_pdbx_audit_revision_details.type                'Initial release' 
_pdbx_audit_revision_details.description         ? 
_pdbx_audit_revision_details.details             ? 
# 
loop_
_pdbx_audit_revision_group.ordinal 
_pdbx_audit_revision_group.revision_ordinal 
_pdbx_audit_revision_group.data_content_type 
_pdbx_audit_revision_group.group 
1 2 'Structure model' 'Database references'  
2 3 'Structure model' 'Data collection'      
3 3 'Structure model' 'Database references'  
4 3 'Structure model' 'Derived calculations' 
# 
loop_
_pdbx_audit_revision_category.ordinal 
_pdbx_audit_revision_category.revision_ordinal 
_pdbx_audit_revision_category.data_content_type 
_pdbx_audit_revision_category.category 
1 3 'Structure model' chem_comp_atom     
2 3 'Structure model' chem_comp_bond     
3 3 'Structure model' database_2         
4 3 'Structure model' struct_ref_seq_dif 
5 3 'Structure model' struct_site        
# 
loop_
_pdbx_audit_revision_item.ordinal 
_pdbx_audit_revision_item.revision_ordinal 
_pdbx_audit_revision_item.data_content_type 
_pdbx_audit_revision_item.item 
1 3 'Structure model' '_database_2.pdbx_DOI'                
2 3 'Structure model' '_database_2.pdbx_database_accession' 
3 3 'Structure model' '_struct_ref_seq_dif.details'         
4 3 'Structure model' '_struct_site.pdbx_auth_asym_id'      
5 3 'Structure model' '_struct_site.pdbx_auth_comp_id'      
6 3 'Structure model' '_struct_site.pdbx_auth_seq_id'       
# 
_pdbx_database_status.status_code                     REL 
_pdbx_database_status.entry_id                        3VEJ 
_pdbx_database_status.recvd_initial_deposition_date   2012-01-08 
_pdbx_database_status.deposit_site                    RCSB 
_pdbx_database_status.process_site                    RCSB 
_pdbx_database_status.status_code_sf                  REL 
_pdbx_database_status.status_code_mr                  ? 
_pdbx_database_status.SG_entry                        ? 
_pdbx_database_status.status_code_cs                  ? 
_pdbx_database_status.methods_development_category    ? 
_pdbx_database_status.pdb_format_compatible           Y 
_pdbx_database_status.status_code_nmr_data            ? 
# 
loop_
_pdbx_database_related.content_type 
_pdbx_database_related.db_id 
_pdbx_database_related.db_name 
_pdbx_database_related.details 
unspecified 2LNZ PDB 'Solution structure of the S. cerevisiae homolog' 
unspecified 2LO0 PDB .                                                 
# 
loop_
_audit_author.name 
_audit_author.pdbx_ordinal 
'Chartron, J.W.'    1 
'Vandervelde, D.G.' 2 
'Rao, M.'           3 
'Clemons Jr., W.M.' 4 
# 
_citation.id                        primary 
_citation.title                     
'Get5 Carboxyl-terminal Domain Is a Novel Dimerization Motif That Tethers an Extended Get4/Get5 Complex.' 
_citation.journal_abbrev            J.Biol.Chem. 
_citation.journal_volume            287 
_citation.page_first                8310 
_citation.page_last                 8317 
_citation.year                      2012 
_citation.journal_id_ASTM           JBCHA3 
_citation.country                   US 
_citation.journal_id_ISSN           0021-9258 
_citation.journal_id_CSD            0071 
_citation.book_publisher            ? 
_citation.pdbx_database_id_PubMed   22262836 
_citation.pdbx_database_id_DOI      10.1074/jbc.M111.333252 
# 
loop_
_citation_author.citation_id 
_citation_author.name 
_citation_author.ordinal 
_citation_author.identifier_ORCID 
primary 'Chartron, J.W.'    1 ? 
primary 'Vandervelde, D.G.' 2 ? 
primary 'Rao, M.'           3 ? 
primary 'Clemons, W.M.'     4 ? 
# 
loop_
_entity.id 
_entity.type 
_entity.src_method 
_entity.pdbx_description 
_entity.formula_weight 
_entity.pdbx_number_of_molecules 
_entity.pdbx_ec 
_entity.pdbx_mutation 
_entity.pdbx_fragment 
_entity.details 
1 polymer     man 'Ubiquitin-like protein MDY2' 4734.325 2  ? ? 'carboxyl domain residues 175-212' ? 
2 non-polymer syn 'PHOSPHATE ION'               94.971   1  ? ? ?                                  ? 
3 water       nat water                         18.015   86 ? ? ?                                  ? 
# 
_entity_name_com.entity_id   1 
_entity_name_com.name        
'Golgi to ER traffic protein 5, Mating-deficient protein 2, Translation machinery-associated protein 24' 
# 
_entity_poly.entity_id                      1 
_entity_poly.type                           'polypeptide(L)' 
_entity_poly.nstd_linkage                   no 
_entity_poly.nstd_monomer                   no 
_entity_poly.pdbx_seq_one_letter_code       SVDLTVPWDDIEALLKNNFENDQAAVRQVMERLQKGWSLAK 
_entity_poly.pdbx_seq_one_letter_code_can   SVDLTVPWDDIEALLKNNFENDQAAVRQVMERLQKGWSLAK 
_entity_poly.pdbx_strand_id                 A,B 
_entity_poly.pdbx_target_identifier         ? 
# 
loop_
_pdbx_entity_nonpoly.entity_id 
_pdbx_entity_nonpoly.name 
_pdbx_entity_nonpoly.comp_id 
2 'PHOSPHATE ION' PO4 
3 water           HOH 
# 
loop_
_entity_poly_seq.entity_id 
_entity_poly_seq.num 
_entity_poly_seq.mon_id 
_entity_poly_seq.hetero 
1 1  SER n 
1 2  VAL n 
1 3  ASP n 
1 4  LEU n 
1 5  THR n 
1 6  VAL n 
1 7  PRO n 
1 8  TRP n 
1 9  ASP n 
1 10 ASP n 
1 11 ILE n 
1 12 GLU n 
1 13 ALA n 
1 14 LEU n 
1 15 LEU n 
1 16 LYS n 
1 17 ASN n 
1 18 ASN n 
1 19 PHE n 
1 20 GLU n 
1 21 ASN n 
1 22 ASP n 
1 23 GLN n 
1 24 ALA n 
1 25 ALA n 
1 26 VAL n 
1 27 ARG n 
1 28 GLN n 
1 29 VAL n 
1 30 MET n 
1 31 GLU n 
1 32 ARG n 
1 33 LEU n 
1 34 GLN n 
1 35 LYS n 
1 36 GLY n 
1 37 TRP n 
1 38 SER n 
1 39 LEU n 
1 40 ALA n 
1 41 LYS n 
# 
_entity_src_gen.entity_id                          1 
_entity_src_gen.pdbx_src_id                        1 
_entity_src_gen.pdbx_alt_source_flag               sample 
_entity_src_gen.pdbx_seq_type                      ? 
_entity_src_gen.pdbx_beg_seq_num                   ? 
_entity_src_gen.pdbx_end_seq_num                   ? 
_entity_src_gen.gene_src_common_name               
;Baker's yeast
;
_entity_src_gen.gene_src_genus                     ? 
_entity_src_gen.pdbx_gene_src_gene                 'GET5, MDY2, TMA24, YOL111C' 
_entity_src_gen.gene_src_species                   ? 
_entity_src_gen.gene_src_strain                    'ATCC 204508 / S288c' 
_entity_src_gen.gene_src_tissue                    ? 
_entity_src_gen.gene_src_tissue_fraction           ? 
_entity_src_gen.gene_src_details                   ? 
_entity_src_gen.pdbx_gene_src_fragment             ? 
_entity_src_gen.pdbx_gene_src_scientific_name      'Saccharomyces cerevisiae' 
_entity_src_gen.pdbx_gene_src_ncbi_taxonomy_id     559292 
_entity_src_gen.pdbx_gene_src_variant              ? 
_entity_src_gen.pdbx_gene_src_cell_line            ? 
_entity_src_gen.pdbx_gene_src_atcc                 ? 
_entity_src_gen.pdbx_gene_src_organ                ? 
_entity_src_gen.pdbx_gene_src_organelle            ? 
_entity_src_gen.pdbx_gene_src_cell                 ? 
_entity_src_gen.pdbx_gene_src_cellular_location    ? 
_entity_src_gen.host_org_common_name               ? 
_entity_src_gen.pdbx_host_org_scientific_name      'Escherichia coli' 
_entity_src_gen.pdbx_host_org_ncbi_taxonomy_id     469008 
_entity_src_gen.host_org_genus                     ? 
_entity_src_gen.pdbx_host_org_gene                 ? 
_entity_src_gen.pdbx_host_org_organ                ? 
_entity_src_gen.host_org_species                   ? 
_entity_src_gen.pdbx_host_org_tissue               ? 
_entity_src_gen.pdbx_host_org_tissue_fraction      ? 
_entity_src_gen.pdbx_host_org_strain               'BL21(DE3)Star' 
_entity_src_gen.pdbx_host_org_variant              ? 
_entity_src_gen.pdbx_host_org_cell_line            ? 
_entity_src_gen.pdbx_host_org_atcc                 ? 
_entity_src_gen.pdbx_host_org_culture_collection   ? 
_entity_src_gen.pdbx_host_org_cell                 ? 
_entity_src_gen.pdbx_host_org_organelle            ? 
_entity_src_gen.pdbx_host_org_cellular_location    ? 
_entity_src_gen.pdbx_host_org_vector_type          plasmid 
_entity_src_gen.pdbx_host_org_vector               ? 
_entity_src_gen.host_org_details                   ? 
_entity_src_gen.expression_system_id               ? 
_entity_src_gen.plasmid_name                       pET-33b 
_entity_src_gen.plasmid_details                    ? 
_entity_src_gen.pdbx_description                   ? 
# 
loop_
_chem_comp.id 
_chem_comp.type 
_chem_comp.mon_nstd_flag 
_chem_comp.name 
_chem_comp.pdbx_synonyms 
_chem_comp.formula 
_chem_comp.formula_weight 
ALA 'L-peptide linking' y ALANINE         ? 'C3 H7 N O2'     89.093  
ARG 'L-peptide linking' y ARGININE        ? 'C6 H15 N4 O2 1' 175.209 
ASN 'L-peptide linking' y ASPARAGINE      ? 'C4 H8 N2 O3'    132.118 
ASP 'L-peptide linking' y 'ASPARTIC ACID' ? 'C4 H7 N O4'     133.103 
GLN 'L-peptide linking' y GLUTAMINE       ? 'C5 H10 N2 O3'   146.144 
GLU 'L-peptide linking' y 'GLUTAMIC ACID' ? 'C5 H9 N O4'     147.129 
GLY 'peptide linking'   y GLYCINE         ? 'C2 H5 N O2'     75.067  
HOH non-polymer         . WATER           ? 'H2 O'           18.015  
ILE 'L-peptide linking' y ISOLEUCINE      ? 'C6 H13 N O2'    131.173 
LEU 'L-peptide linking' y LEUCINE         ? 'C6 H13 N O2'    131.173 
LYS 'L-peptide linking' y LYSINE          ? 'C6 H15 N2 O2 1' 147.195 
MET 'L-peptide linking' y METHIONINE      ? 'C5 H11 N O2 S'  149.211 
PHE 'L-peptide linking' y PHENYLALANINE   ? 'C9 H11 N O2'    165.189 
PO4 non-polymer         . 'PHOSPHATE ION' ? 'O4 P -3'        94.971  
PRO 'L-peptide linking' y PROLINE         ? 'C5 H9 N O2'     115.130 
SER 'L-peptide linking' y SERINE          ? 'C3 H7 N O3'     105.093 
THR 'L-peptide linking' y THREONINE       ? 'C4 H9 N O3'     119.119 
TRP 'L-peptide linking' y TRYPTOPHAN      ? 'C11 H12 N2 O2'  204.225 
VAL 'L-peptide linking' y VALINE          ? 'C5 H11 N O2'    117.146 
# 
loop_
_pdbx_poly_seq_scheme.asym_id 
_pdbx_poly_seq_scheme.entity_id 
_pdbx_poly_seq_scheme.seq_id 
_pdbx_poly_seq_scheme.mon_id 
_pdbx_poly_seq_scheme.ndb_seq_num 
_pdbx_poly_seq_scheme.pdb_seq_num 
_pdbx_poly_seq_scheme.auth_seq_num 
_pdbx_poly_seq_scheme.pdb_mon_id 
_pdbx_poly_seq_scheme.auth_mon_id 
_pdbx_poly_seq_scheme.pdb_strand_id 
_pdbx_poly_seq_scheme.pdb_ins_code 
_pdbx_poly_seq_scheme.hetero 
A 1 1  SER 1  172 ?   ?   ?   A . n 
A 1 2  VAL 2  173 173 VAL VAL A . n 
A 1 3  ASP 3  174 174 ASP ASP A . n 
A 1 4  LEU 4  175 175 LEU LEU A . n 
A 1 5  THR 5  176 176 THR THR A . n 
A 1 6  VAL 6  177 177 VAL VAL A . n 
A 1 7  PRO 7  178 178 PRO PRO A . n 
A 1 8  TRP 8  179 179 TRP TRP A . n 
A 1 9  ASP 9  180 180 ASP ASP A . n 
A 1 10 ASP 10 181 181 ASP ASP A . n 
A 1 11 ILE 11 182 182 ILE ILE A . n 
A 1 12 GLU 12 183 183 GLU GLU A . n 
A 1 13 ALA 13 184 184 ALA ALA A . n 
A 1 14 LEU 14 185 185 LEU LEU A . n 
A 1 15 LEU 15 186 186 LEU LEU A . n 
A 1 16 LYS 16 187 187 LYS LYS A . n 
A 1 17 ASN 17 188 188 ASN ASN A . n 
A 1 18 ASN 18 189 189 ASN ASN A . n 
A 1 19 PHE 19 190 190 PHE PHE A . n 
A 1 20 GLU 20 191 191 GLU GLU A . n 
A 1 21 ASN 21 192 192 ASN ASN A . n 
A 1 22 ASP 22 193 193 ASP ASP A . n 
A 1 23 GLN 23 194 194 GLN GLN A . n 
A 1 24 ALA 24 195 195 ALA ALA A . n 
A 1 25 ALA 25 196 196 ALA ALA A . n 
A 1 26 VAL 26 197 197 VAL VAL A . n 
A 1 27 ARG 27 198 198 ARG ARG A . n 
A 1 28 GLN 28 199 199 GLN GLN A . n 
A 1 29 VAL 29 200 200 VAL VAL A . n 
A 1 30 MET 30 201 201 MET MET A . n 
A 1 31 GLU 31 202 202 GLU GLU A . n 
A 1 32 ARG 32 203 203 ARG ARG A . n 
A 1 33 LEU 33 204 204 LEU LEU A . n 
A 1 34 GLN 34 205 205 GLN GLN A . n 
A 1 35 LYS 35 206 206 LYS LYS A . n 
A 1 36 GLY 36 207 207 GLY GLY A . n 
A 1 37 TRP 37 208 208 TRP TRP A . n 
A 1 38 SER 38 209 209 SER SER A . n 
A 1 39 LEU 39 210 210 LEU LEU A . n 
A 1 40 ALA 40 211 211 ALA ALA A . n 
A 1 41 LYS 41 212 212 LYS LYS A . n 
B 1 1  SER 1  172 172 SER SER B . n 
B 1 2  VAL 2  173 173 VAL VAL B . n 
B 1 3  ASP 3  174 174 ASP ASP B . n 
B 1 4  LEU 4  175 175 LEU LEU B . n 
B 1 5  THR 5  176 176 THR THR B . n 
B 1 6  VAL 6  177 177 VAL VAL B . n 
B 1 7  PRO 7  178 178 PRO PRO B . n 
B 1 8  TRP 8  179 179 TRP TRP B . n 
B 1 9  ASP 9  180 180 ASP ASP B . n 
B 1 10 ASP 10 181 181 ASP ASP B . n 
B 1 11 ILE 11 182 182 ILE ILE B . n 
B 1 12 GLU 12 183 183 GLU GLU B . n 
B 1 13 ALA 13 184 184 ALA ALA B . n 
B 1 14 LEU 14 185 185 LEU LEU B . n 
B 1 15 LEU 15 186 186 LEU LEU B . n 
B 1 16 LYS 16 187 187 LYS LYS B . n 
B 1 17 ASN 17 188 188 ASN ASN B . n 
B 1 18 ASN 18 189 189 ASN ASN B . n 
B 1 19 PHE 19 190 190 PHE PHE B . n 
B 1 20 GLU 20 191 191 GLU GLU B . n 
B 1 21 ASN 21 192 192 ASN ASN B . n 
B 1 22 ASP 22 193 193 ASP ASP B . n 
B 1 23 GLN 23 194 194 GLN GLN B . n 
B 1 24 ALA 24 195 195 ALA ALA B . n 
B 1 25 ALA 25 196 196 ALA ALA B . n 
B 1 26 VAL 26 197 197 VAL VAL B . n 
B 1 27 ARG 27 198 198 ARG ARG B . n 
B 1 28 GLN 28 199 199 GLN GLN B . n 
B 1 29 VAL 29 200 200 VAL VAL B . n 
B 1 30 MET 30 201 201 MET MET B . n 
B 1 31 GLU 31 202 202 GLU GLU B . n 
B 1 32 ARG 32 203 203 ARG ARG B . n 
B 1 33 LEU 33 204 204 LEU LEU B . n 
B 1 34 GLN 34 205 205 GLN GLN B . n 
B 1 35 LYS 35 206 206 LYS LYS B . n 
B 1 36 GLY 36 207 207 GLY GLY B . n 
B 1 37 TRP 37 208 208 TRP TRP B . n 
B 1 38 SER 38 209 209 SER SER B . n 
B 1 39 LEU 39 210 210 LEU LEU B . n 
B 1 40 ALA 40 211 211 ALA ALA B . n 
B 1 41 LYS 41 212 212 LYS LYS B . n 
# 
loop_
_pdbx_nonpoly_scheme.asym_id 
_pdbx_nonpoly_scheme.entity_id 
_pdbx_nonpoly_scheme.mon_id 
_pdbx_nonpoly_scheme.ndb_seq_num 
_pdbx_nonpoly_scheme.pdb_seq_num 
_pdbx_nonpoly_scheme.auth_seq_num 
_pdbx_nonpoly_scheme.pdb_mon_id 
_pdbx_nonpoly_scheme.auth_mon_id 
_pdbx_nonpoly_scheme.pdb_strand_id 
_pdbx_nonpoly_scheme.pdb_ins_code 
C 2 PO4 1  301 1  PO4 PO4 B . 
D 3 HOH 1  301 1  HOH HOH A . 
D 3 HOH 2  302 5  HOH HOH A . 
D 3 HOH 3  303 6  HOH HOH A . 
D 3 HOH 4  304 8  HOH HOH A . 
D 3 HOH 5  305 9  HOH HOH A . 
D 3 HOH 6  306 10 HOH HOH A . 
D 3 HOH 7  307 12 HOH HOH A . 
D 3 HOH 8  308 16 HOH HOH A . 
D 3 HOH 9  309 19 HOH HOH A . 
D 3 HOH 10 310 21 HOH HOH A . 
D 3 HOH 11 311 22 HOH HOH A . 
D 3 HOH 12 312 24 HOH HOH A . 
D 3 HOH 13 313 26 HOH HOH A . 
D 3 HOH 14 314 27 HOH HOH A . 
D 3 HOH 15 315 28 HOH HOH A . 
D 3 HOH 16 316 29 HOH HOH A . 
D 3 HOH 17 317 33 HOH HOH A . 
D 3 HOH 18 318 34 HOH HOH A . 
D 3 HOH 19 319 35 HOH HOH A . 
D 3 HOH 20 320 38 HOH HOH A . 
D 3 HOH 21 321 39 HOH HOH A . 
D 3 HOH 22 322 47 HOH HOH A . 
D 3 HOH 23 323 48 HOH HOH A . 
D 3 HOH 24 324 53 HOH HOH A . 
D 3 HOH 25 325 55 HOH HOH A . 
D 3 HOH 26 326 58 HOH HOH A . 
D 3 HOH 27 327 61 HOH HOH A . 
D 3 HOH 28 328 62 HOH HOH A . 
D 3 HOH 29 329 63 HOH HOH A . 
D 3 HOH 30 330 64 HOH HOH A . 
D 3 HOH 31 331 65 HOH HOH A . 
D 3 HOH 32 332 66 HOH HOH A . 
D 3 HOH 33 333 68 HOH HOH A . 
D 3 HOH 34 334 69 HOH HOH A . 
D 3 HOH 35 335 70 HOH HOH A . 
D 3 HOH 36 336 71 HOH HOH A . 
D 3 HOH 37 337 73 HOH HOH A . 
D 3 HOH 38 338 74 HOH HOH A . 
D 3 HOH 39 339 75 HOH HOH A . 
D 3 HOH 40 340 76 HOH HOH A . 
D 3 HOH 41 341 77 HOH HOH A . 
D 3 HOH 42 342 78 HOH HOH A . 
D 3 HOH 43 343 79 HOH HOH A . 
D 3 HOH 44 344 80 HOH HOH A . 
D 3 HOH 45 345 82 HOH HOH A . 
D 3 HOH 46 346 83 HOH HOH A . 
D 3 HOH 47 347 84 HOH HOH A . 
D 3 HOH 48 348 85 HOH HOH A . 
E 3 HOH 1  401 2  HOH HOH B . 
E 3 HOH 2  402 3  HOH HOH B . 
E 3 HOH 3  403 4  HOH HOH B . 
E 3 HOH 4  404 7  HOH HOH B . 
E 3 HOH 5  405 11 HOH HOH B . 
E 3 HOH 6  406 13 HOH HOH B . 
E 3 HOH 7  407 14 HOH HOH B . 
E 3 HOH 8  408 15 HOH HOH B . 
E 3 HOH 9  409 17 HOH HOH B . 
E 3 HOH 10 410 18 HOH HOH B . 
E 3 HOH 11 411 20 HOH HOH B . 
E 3 HOH 12 412 23 HOH HOH B . 
E 3 HOH 13 413 25 HOH HOH B . 
E 3 HOH 14 414 30 HOH HOH B . 
E 3 HOH 15 415 31 HOH HOH B . 
E 3 HOH 16 416 32 HOH HOH B . 
E 3 HOH 17 417 36 HOH HOH B . 
E 3 HOH 18 418 37 HOH HOH B . 
E 3 HOH 19 419 40 HOH HOH B . 
E 3 HOH 20 420 41 HOH HOH B . 
E 3 HOH 21 421 42 HOH HOH B . 
E 3 HOH 22 422 43 HOH HOH B . 
E 3 HOH 23 423 44 HOH HOH B . 
E 3 HOH 24 424 45 HOH HOH B . 
E 3 HOH 25 425 46 HOH HOH B . 
E 3 HOH 26 426 49 HOH HOH B . 
E 3 HOH 27 427 50 HOH HOH B . 
E 3 HOH 28 428 51 HOH HOH B . 
E 3 HOH 29 429 52 HOH HOH B . 
E 3 HOH 30 430 54 HOH HOH B . 
E 3 HOH 31 431 56 HOH HOH B . 
E 3 HOH 32 432 57 HOH HOH B . 
E 3 HOH 33 433 59 HOH HOH B . 
E 3 HOH 34 434 60 HOH HOH B . 
E 3 HOH 35 435 67 HOH HOH B . 
E 3 HOH 36 436 72 HOH HOH B . 
E 3 HOH 37 437 81 HOH HOH B . 
E 3 HOH 38 438 86 HOH HOH B . 
# 
loop_
_pdbx_unobs_or_zero_occ_atoms.id 
_pdbx_unobs_or_zero_occ_atoms.PDB_model_num 
_pdbx_unobs_or_zero_occ_atoms.polymer_flag 
_pdbx_unobs_or_zero_occ_atoms.occupancy_flag 
_pdbx_unobs_or_zero_occ_atoms.auth_asym_id 
_pdbx_unobs_or_zero_occ_atoms.auth_comp_id 
_pdbx_unobs_or_zero_occ_atoms.auth_seq_id 
_pdbx_unobs_or_zero_occ_atoms.PDB_ins_code 
_pdbx_unobs_or_zero_occ_atoms.auth_atom_id 
_pdbx_unobs_or_zero_occ_atoms.label_alt_id 
_pdbx_unobs_or_zero_occ_atoms.label_asym_id 
_pdbx_unobs_or_zero_occ_atoms.label_comp_id 
_pdbx_unobs_or_zero_occ_atoms.label_seq_id 
_pdbx_unobs_or_zero_occ_atoms.label_atom_id 
1 1 Y 1 B LYS 212 ? CB ? B LYS 41 CB 
2 1 Y 1 B LYS 212 ? CG ? B LYS 41 CG 
3 1 Y 1 B LYS 212 ? CD ? B LYS 41 CD 
4 1 Y 1 B LYS 212 ? CE ? B LYS 41 CE 
5 1 Y 1 B LYS 212 ? NZ ? B LYS 41 NZ 
# 
loop_
_software.name 
_software.classification 
_software.version 
_software.citation_id 
_software.pdbx_ordinal 
Blu-Ice 'data collection' .                            ? 1 
SOLVE   phasing           .                            ? 2 
PHENIX  refinement        '(phenix.refine: 1.7.3_928)' ? 3 
XDS     'data reduction'  .                            ? 4 
XDS     'data scaling'    .                            ? 5 
# 
_cell.entry_id           3VEJ 
_cell.length_a           25.020 
_cell.length_b           46.340 
_cell.length_c           28.270 
_cell.angle_alpha        90.00 
_cell.angle_beta         96.90 
_cell.angle_gamma        90.00 
_cell.Z_PDB              4 
_cell.pdbx_unique_axis   ? 
_cell.length_a_esd       ? 
_cell.length_b_esd       ? 
_cell.length_c_esd       ? 
_cell.angle_alpha_esd    ? 
_cell.angle_beta_esd     ? 
_cell.angle_gamma_esd    ? 
# 
_symmetry.entry_id                         3VEJ 
_symmetry.space_group_name_H-M             'P 1 21 1' 
_symmetry.pdbx_full_space_group_name_H-M   ? 
_symmetry.cell_setting                     ? 
_symmetry.Int_Tables_number                4 
_symmetry.space_group_name_Hall            ? 
# 
_exptl.entry_id          3VEJ 
_exptl.method            'X-RAY DIFFRACTION' 
_exptl.crystals_number   1 
# 
_exptl_crystal.id                    1 
_exptl_crystal.density_meas          ? 
_exptl_crystal.density_Matthews      1.72 
_exptl_crystal.density_percent_sol   28.42 
_exptl_crystal.description           ? 
_exptl_crystal.F_000                 ? 
_exptl_crystal.preparation           ? 
# 
_exptl_crystal_grow.crystal_id      1 
_exptl_crystal_grow.method          'VAPOR DIFFUSION, SITTING DROP' 
_exptl_crystal_grow.temp            298 
_exptl_crystal_grow.temp_details    ? 
_exptl_crystal_grow.pH              5.0 
_exptl_crystal_grow.pdbx_details    
'3.4 M ammonium sulfate, 0.1 M sodium citrate, pH 5.0, VAPOR DIFFUSION, SITTING DROP, temperature 298K' 
_exptl_crystal_grow.pdbx_pH_range   ? 
# 
_diffrn.id                     1 
_diffrn.ambient_temp           100 
_diffrn.ambient_temp_details   ? 
_diffrn.crystal_id             1 
# 
_diffrn_detector.diffrn_id              1 
_diffrn_detector.detector               PIXEL 
_diffrn_detector.type                   'DECTRIS PILATUS 6M' 
_diffrn_detector.pdbx_collection_date   2011-01-01 
_diffrn_detector.details                ? 
# 
_diffrn_radiation.diffrn_id                        1 
_diffrn_radiation.wavelength_id                    1 
_diffrn_radiation.pdbx_monochromatic_or_laue_m_l   M 
_diffrn_radiation.monochromator                    'Liquid nitrogen-cooled double crystal' 
_diffrn_radiation.pdbx_diffrn_protocol             'SINGLE WAVELENGTH' 
_diffrn_radiation.pdbx_scattering_type             x-ray 
# 
_diffrn_radiation_wavelength.id           1 
_diffrn_radiation_wavelength.wavelength   1.000 
_diffrn_radiation_wavelength.wt           1.0 
# 
_diffrn_source.diffrn_id                   1 
_diffrn_source.source                      SYNCHROTRON 
_diffrn_source.type                        'SSRL BEAMLINE BL12-2' 
_diffrn_source.pdbx_synchrotron_site       SSRL 
_diffrn_source.pdbx_synchrotron_beamline   BL12-2 
_diffrn_source.pdbx_wavelength             ? 
_diffrn_source.pdbx_wavelength_list        1.000 
# 
_reflns.entry_id                     3VEJ 
_reflns.observed_criterion_sigma_I   -3 
_reflns.observed_criterion_sigma_F   ? 
_reflns.d_resolution_low             46.34 
_reflns.d_resolution_high            1.23 
_reflns.number_obs                   18288 
_reflns.number_all                   ? 
_reflns.percent_possible_obs         97.9 
_reflns.pdbx_Rmerge_I_obs            0.058 
_reflns.pdbx_Rsym_value              ? 
_reflns.pdbx_netI_over_sigmaI        11.63 
_reflns.B_iso_Wilson_estimate        11.91 
_reflns.pdbx_redundancy              4.2 
_reflns.R_free_details               ? 
_reflns.limit_h_max                  ? 
_reflns.limit_h_min                  ? 
_reflns.limit_k_max                  ? 
_reflns.limit_k_min                  ? 
_reflns.limit_l_max                  ? 
_reflns.limit_l_min                  ? 
_reflns.observed_criterion_F_max     ? 
_reflns.observed_criterion_F_min     ? 
_reflns.pdbx_chi_squared             ? 
_reflns.pdbx_scaling_rejects         ? 
_reflns.pdbx_ordinal                 1 
_reflns.pdbx_diffrn_id               1 
# 
_reflns_shell.d_res_high             1.23 
_reflns_shell.d_res_low              1.26 
_reflns_shell.percent_possible_all   94.6 
_reflns_shell.Rmerge_I_obs           0.609 
_reflns_shell.pdbx_Rsym_value        ? 
_reflns_shell.meanI_over_sigI_obs    2.05 
_reflns_shell.pdbx_redundancy        3.87 
_reflns_shell.percent_possible_obs   ? 
_reflns_shell.number_unique_all      1302 
_reflns_shell.number_measured_all    ? 
_reflns_shell.number_measured_obs    ? 
_reflns_shell.number_unique_obs      ? 
_reflns_shell.pdbx_chi_squared       ? 
_reflns_shell.pdbx_ordinal           1 
_reflns_shell.pdbx_diffrn_id         1 
# 
_refine.entry_id                                 3VEJ 
_refine.ls_number_reflns_obs                     18274 
_refine.ls_number_reflns_all                     ? 
_refine.pdbx_ls_sigma_I                          ? 
_refine.pdbx_ls_sigma_F                          1.39 
_refine.pdbx_data_cutoff_high_absF               ? 
_refine.pdbx_data_cutoff_low_absF                ? 
_refine.pdbx_data_cutoff_high_rms_absF           ? 
_refine.ls_d_res_low                             24.839 
_refine.ls_d_res_high                            1.230 
_refine.ls_percent_reflns_obs                    97.89 
_refine.ls_R_factor_obs                          0.1782 
_refine.ls_R_factor_all                          ? 
_refine.ls_R_factor_R_work                       0.1766 
_refine.ls_R_factor_R_free                       0.2039 
_refine.ls_R_factor_R_free_error                 ? 
_refine.ls_R_factor_R_free_error_details         ? 
_refine.ls_percent_reflns_R_free                 5.96 
_refine.ls_number_reflns_R_free                  1089 
_refine.ls_number_parameters                     ? 
_refine.ls_number_restraints                     ? 
_refine.occupancy_min                            ? 
_refine.occupancy_max                            ? 
_refine.correlation_coeff_Fo_to_Fc               ? 
_refine.correlation_coeff_Fo_to_Fc_free          ? 
_refine.B_iso_mean                               ? 
_refine.aniso_B[1][1]                            -0.4035 
_refine.aniso_B[2][2]                            -1.1770 
_refine.aniso_B[3][3]                            1.5804 
_refine.aniso_B[1][2]                            -0.0000 
_refine.aniso_B[1][3]                            -0.8457 
_refine.aniso_B[2][3]                            -0.0000 
_refine.solvent_model_details                    'FLAT BULK SOLVENT MODEL' 
_refine.solvent_model_param_ksol                 0.394 
_refine.solvent_model_param_bsol                 37.409 
_refine.pdbx_solvent_vdw_probe_radii             1.10 
_refine.pdbx_solvent_ion_probe_radii             ? 
_refine.pdbx_solvent_shrinkage_radii             0.86 
_refine.pdbx_ls_cross_valid_method               ? 
_refine.details                                  ? 
_refine.pdbx_starting_model                      ? 
_refine.pdbx_method_to_determine_struct          SAD 
_refine.pdbx_isotropic_thermal_model             'Mixed isotropic and anisotropic' 
_refine.pdbx_stereochemistry_target_values       ML 
_refine.pdbx_stereochem_target_val_spec_case     ? 
_refine.pdbx_R_Free_selection_details            'Random 6%' 
_refine.pdbx_overall_ESU_R                       ? 
_refine.pdbx_overall_ESU_R_Free                  ? 
_refine.overall_SU_ML                            0.20 
_refine.pdbx_overall_phase_error                 20.60 
_refine.overall_SU_B                             ? 
_refine.overall_SU_R_Cruickshank_DPI             ? 
_refine.ls_redundancy_reflns_obs                 ? 
_refine.B_iso_min                                ? 
_refine.B_iso_max                                ? 
_refine.overall_SU_R_free                        ? 
_refine.ls_wR_factor_R_free                      ? 
_refine.ls_wR_factor_R_work                      ? 
_refine.overall_FOM_free_R_set                   ? 
_refine.overall_FOM_work_R_set                   ? 
_refine.pdbx_diffrn_id                           1 
_refine.pdbx_refine_id                           'X-RAY DIFFRACTION' 
_refine.pdbx_TLS_residual_ADP_flag               ? 
_refine.pdbx_overall_SU_R_free_Cruickshank_DPI   ? 
_refine.pdbx_overall_SU_R_Blow_DPI               ? 
_refine.pdbx_overall_SU_R_free_Blow_DPI          ? 
# 
_refine_hist.pdbx_refine_id                   'X-RAY DIFFRACTION' 
_refine_hist.cycle_id                         LAST 
_refine_hist.pdbx_number_atoms_protein        655 
_refine_hist.pdbx_number_atoms_nucleic_acid   0 
_refine_hist.pdbx_number_atoms_ligand         5 
_refine_hist.number_atoms_solvent             86 
_refine_hist.number_atoms_total               746 
_refine_hist.d_res_high                       1.230 
_refine_hist.d_res_low                        24.839 
# 
loop_
_refine_ls_restr.type 
_refine_ls_restr.dev_ideal 
_refine_ls_restr.dev_ideal_target 
_refine_ls_restr.weight 
_refine_ls_restr.number 
_refine_ls_restr.pdbx_restraint_function 
_refine_ls_restr.pdbx_refine_id 
f_bond_d           0.010  ? ? 740  ? 'X-RAY DIFFRACTION' 
f_angle_d          1.082  ? ? 1020 ? 'X-RAY DIFFRACTION' 
f_dihedral_angle_d 13.637 ? ? 288  ? 'X-RAY DIFFRACTION' 
f_chiral_restr     0.078  ? ? 112  ? 'X-RAY DIFFRACTION' 
f_plane_restr      0.007  ? ? 136  ? 'X-RAY DIFFRACTION' 
# 
loop_
_refine_ls_shell.pdbx_total_number_of_bins_used 
_refine_ls_shell.d_res_high 
_refine_ls_shell.d_res_low 
_refine_ls_shell.number_reflns_R_work 
_refine_ls_shell.R_factor_R_work 
_refine_ls_shell.percent_reflns_obs 
_refine_ls_shell.R_factor_R_free 
_refine_ls_shell.R_factor_R_free_error 
_refine_ls_shell.percent_reflns_R_free 
_refine_ls_shell.number_reflns_R_free 
_refine_ls_shell.number_reflns_all 
_refine_ls_shell.R_factor_all 
_refine_ls_shell.number_reflns_obs 
_refine_ls_shell.redundancy_reflns_obs 
_refine_ls_shell.pdbx_refine_id 
. 1.2299 1.2859  2084 0.3097 96.00 0.3587 . . 141 . . . . 'X-RAY DIFFRACTION' 
. 1.2859 1.3537  2161 0.2519 99.00 0.2723 . . 121 . . . . 'X-RAY DIFFRACTION' 
. 1.3537 1.4385  2153 0.1984 98.00 0.2431 . . 116 . . . . 'X-RAY DIFFRACTION' 
. 1.4385 1.5496  2202 0.1649 99.00 0.1914 . . 135 . . . . 'X-RAY DIFFRACTION' 
. 1.5496 1.7055  2114 0.1480 98.00 0.2000 . . 153 . . . . 'X-RAY DIFFRACTION' 
. 1.7055 1.9522  2140 0.1611 98.00 0.1714 . . 154 . . . . 'X-RAY DIFFRACTION' 
. 1.9522 2.4592  2155 0.1656 98.00 0.2108 . . 134 . . . . 'X-RAY DIFFRACTION' 
. 2.4592 24.8438 2176 0.1714 97.00 0.1870 . . 135 . . . . 'X-RAY DIFFRACTION' 
# 
_struct.entry_id                  3VEJ 
_struct.title                     'Crystal structure of the Get5 carboxyl domain from S. cerevisiae' 
_struct.pdbx_model_details        ? 
_struct.pdbx_CASP_flag            ? 
_struct.pdbx_model_type_details   ? 
# 
_struct_keywords.entry_id        3VEJ 
_struct_keywords.pdbx_keywords   'PROTEIN BINDING' 
_struct_keywords.text            'alpha helical, dimerization, homodimerization, PROTEIN BINDING' 
# 
loop_
_struct_asym.id 
_struct_asym.pdbx_blank_PDB_chainid_flag 
_struct_asym.pdbx_modified 
_struct_asym.entity_id 
_struct_asym.details 
A N N 1 ? 
B N N 1 ? 
C N N 2 ? 
D N N 3 ? 
E N N 3 ? 
# 
_struct_ref.id                         1 
_struct_ref.db_name                    UNP 
_struct_ref.db_code                    MDY2_YEAST 
_struct_ref.pdbx_db_accession          Q12285 
_struct_ref.entity_id                  1 
_struct_ref.pdbx_seq_one_letter_code   LTVPWDDIEALLKNNFENDQAAVRQVMERLQKGWSLAK 
_struct_ref.pdbx_align_begin           175 
_struct_ref.pdbx_db_isoform            ? 
# 
loop_
_struct_ref_seq.align_id 
_struct_ref_seq.ref_id 
_struct_ref_seq.pdbx_PDB_id_code 
_struct_ref_seq.pdbx_strand_id 
_struct_ref_seq.seq_align_beg 
_struct_ref_seq.pdbx_seq_align_beg_ins_code 
_struct_ref_seq.seq_align_end 
_struct_ref_seq.pdbx_seq_align_end_ins_code 
_struct_ref_seq.pdbx_db_accession 
_struct_ref_seq.db_align_beg 
_struct_ref_seq.pdbx_db_align_beg_ins_code 
_struct_ref_seq.db_align_end 
_struct_ref_seq.pdbx_db_align_end_ins_code 
_struct_ref_seq.pdbx_auth_seq_align_beg 
_struct_ref_seq.pdbx_auth_seq_align_end 
1 1 3VEJ A 4 ? 41 ? Q12285 175 ? 212 ? 175 212 
2 1 3VEJ B 4 ? 41 ? Q12285 175 ? 212 ? 175 212 
# 
loop_
_struct_ref_seq_dif.align_id 
_struct_ref_seq_dif.pdbx_pdb_id_code 
_struct_ref_seq_dif.mon_id 
_struct_ref_seq_dif.pdbx_pdb_strand_id 
_struct_ref_seq_dif.seq_num 
_struct_ref_seq_dif.pdbx_pdb_ins_code 
_struct_ref_seq_dif.pdbx_seq_db_name 
_struct_ref_seq_dif.pdbx_seq_db_accession_code 
_struct_ref_seq_dif.db_mon_id 
_struct_ref_seq_dif.pdbx_seq_db_seq_num 
_struct_ref_seq_dif.details 
_struct_ref_seq_dif.pdbx_auth_seq_num 
_struct_ref_seq_dif.pdbx_ordinal 
1 3VEJ SER A 1 ? UNP Q12285 ? ? 'expression tag' 172 1 
1 3VEJ VAL A 2 ? UNP Q12285 ? ? 'expression tag' 173 2 
1 3VEJ ASP A 3 ? UNP Q12285 ? ? 'expression tag' 174 3 
2 3VEJ SER B 1 ? UNP Q12285 ? ? 'expression tag' 172 4 
2 3VEJ VAL B 2 ? UNP Q12285 ? ? 'expression tag' 173 5 
2 3VEJ ASP B 3 ? UNP Q12285 ? ? 'expression tag' 174 6 
# 
_pdbx_struct_assembly.id                   1 
_pdbx_struct_assembly.details              author_and_software_defined_assembly 
_pdbx_struct_assembly.method_details       PISA 
_pdbx_struct_assembly.oligomeric_details   dimeric 
_pdbx_struct_assembly.oligomeric_count     2 
# 
loop_
_pdbx_struct_assembly_prop.biol_id 
_pdbx_struct_assembly_prop.type 
_pdbx_struct_assembly_prop.value 
_pdbx_struct_assembly_prop.details 
1 'ABSA (A^2)' 1890 ? 
1 MORE         -18  ? 
1 'SSA (A^2)'  5510 ? 
# 
_pdbx_struct_assembly_gen.assembly_id       1 
_pdbx_struct_assembly_gen.oper_expression   1 
_pdbx_struct_assembly_gen.asym_id_list      A,B,C,D,E 
# 
_pdbx_struct_oper_list.id                   1 
_pdbx_struct_oper_list.type                 'identity operation' 
_pdbx_struct_oper_list.name                 1_555 
_pdbx_struct_oper_list.symmetry_operation   x,y,z 
_pdbx_struct_oper_list.matrix[1][1]         1.0000000000 
_pdbx_struct_oper_list.matrix[1][2]         0.0000000000 
_pdbx_struct_oper_list.matrix[1][3]         0.0000000000 
_pdbx_struct_oper_list.vector[1]            0.0000000000 
_pdbx_struct_oper_list.matrix[2][1]         0.0000000000 
_pdbx_struct_oper_list.matrix[2][2]         1.0000000000 
_pdbx_struct_oper_list.matrix[2][3]         0.0000000000 
_pdbx_struct_oper_list.vector[2]            0.0000000000 
_pdbx_struct_oper_list.matrix[3][1]         0.0000000000 
_pdbx_struct_oper_list.matrix[3][2]         0.0000000000 
_pdbx_struct_oper_list.matrix[3][3]         1.0000000000 
_pdbx_struct_oper_list.vector[3]            0.0000000000 
# 
_struct_biol.id        1 
_struct_biol.details   'The biological assembly is the dimer in the asymmetric unit.' 
# 
loop_
_struct_conf.conf_type_id 
_struct_conf.id 
_struct_conf.pdbx_PDB_helix_id 
_struct_conf.beg_label_comp_id 
_struct_conf.beg_label_asym_id 
_struct_conf.beg_label_seq_id 
_struct_conf.pdbx_beg_PDB_ins_code 
_struct_conf.end_label_comp_id 
_struct_conf.end_label_asym_id 
_struct_conf.end_label_seq_id 
_struct_conf.pdbx_end_PDB_ins_code 
_struct_conf.beg_auth_comp_id 
_struct_conf.beg_auth_asym_id 
_struct_conf.beg_auth_seq_id 
_struct_conf.end_auth_comp_id 
_struct_conf.end_auth_asym_id 
_struct_conf.end_auth_seq_id 
_struct_conf.pdbx_PDB_helix_class 
_struct_conf.details 
_struct_conf.pdbx_PDB_helix_length 
HELX_P HELX_P1 1 PRO A 7  ? PHE A 19 ? PRO A 178 PHE A 190 1 ? 13 
HELX_P HELX_P2 2 ASP A 22 ? ALA A 40 ? ASP A 193 ALA A 211 1 ? 19 
HELX_P HELX_P3 3 PRO B 7  ? PHE B 19 ? PRO B 178 PHE B 190 1 ? 13 
HELX_P HELX_P4 4 ASP B 22 ? ALA B 40 ? ASP B 193 ALA B 211 1 ? 19 
# 
_struct_conf_type.id          HELX_P 
_struct_conf_type.criteria    ? 
_struct_conf_type.reference   ? 
# 
_struct_site.id                   AC1 
_struct_site.pdbx_evidence_code   Software 
_struct_site.pdbx_auth_asym_id    B 
_struct_site.pdbx_auth_comp_id    PO4 
_struct_site.pdbx_auth_seq_id     301 
_struct_site.pdbx_auth_ins_code   ? 
_struct_site.pdbx_num_residues    6 
_struct_site.details              'BINDING SITE FOR RESIDUE PO4 B 301' 
# 
loop_
_struct_site_gen.id 
_struct_site_gen.site_id 
_struct_site_gen.pdbx_num_res 
_struct_site_gen.label_comp_id 
_struct_site_gen.label_asym_id 
_struct_site_gen.label_seq_id 
_struct_site_gen.pdbx_auth_ins_code 
_struct_site_gen.auth_comp_id 
_struct_site_gen.auth_asym_id 
_struct_site_gen.auth_seq_id 
_struct_site_gen.label_atom_id 
_struct_site_gen.label_alt_id 
_struct_site_gen.symmetry 
_struct_site_gen.details 
1 AC1 6 ARG A 32 ? ARG A 203 . ? 1_455 ? 
2 AC1 6 HOH D .  ? HOH A 331 . ? 1_555 ? 
3 AC1 6 ARG B 32 ? ARG B 203 . ? 1_555 ? 
4 AC1 6 LYS B 41 ? LYS B 212 . ? 1_455 ? 
5 AC1 6 HOH E .  ? HOH B 433 . ? 1_555 ? 
6 AC1 6 HOH E .  ? HOH B 434 . ? 1_555 ? 
# 
_pdbx_validate_close_contact.id               1 
_pdbx_validate_close_contact.PDB_model_num    1 
_pdbx_validate_close_contact.auth_atom_id_1   OE1 
_pdbx_validate_close_contact.auth_asym_id_1   A 
_pdbx_validate_close_contact.auth_comp_id_1   GLU 
_pdbx_validate_close_contact.auth_seq_id_1    202 
_pdbx_validate_close_contact.PDB_ins_code_1   ? 
_pdbx_validate_close_contact.label_alt_id_1   B 
_pdbx_validate_close_contact.auth_atom_id_2   O 
_pdbx_validate_close_contact.auth_asym_id_2   A 
_pdbx_validate_close_contact.auth_comp_id_2   HOH 
_pdbx_validate_close_contact.auth_seq_id_2    341 
_pdbx_validate_close_contact.PDB_ins_code_2   ? 
_pdbx_validate_close_contact.label_alt_id_2   ? 
_pdbx_validate_close_contact.dist             2.15 
# 
_pdbx_validate_symm_contact.id                1 
_pdbx_validate_symm_contact.PDB_model_num     1 
_pdbx_validate_symm_contact.auth_atom_id_1    OD1 
_pdbx_validate_symm_contact.auth_asym_id_1    B 
_pdbx_validate_symm_contact.auth_comp_id_1    ASP 
_pdbx_validate_symm_contact.auth_seq_id_1     174 
_pdbx_validate_symm_contact.PDB_ins_code_1    ? 
_pdbx_validate_symm_contact.label_alt_id_1    ? 
_pdbx_validate_symm_contact.site_symmetry_1   1_555 
_pdbx_validate_symm_contact.auth_atom_id_2    O 
_pdbx_validate_symm_contact.auth_asym_id_2    A 
_pdbx_validate_symm_contact.auth_comp_id_2    HOH 
_pdbx_validate_symm_contact.auth_seq_id_2     336 
_pdbx_validate_symm_contact.PDB_ins_code_2    ? 
_pdbx_validate_symm_contact.label_alt_id_2    ? 
_pdbx_validate_symm_contact.site_symmetry_2   1_655 
_pdbx_validate_symm_contact.dist              2.18 
# 
_pdbx_unobs_or_zero_occ_residues.id               1 
_pdbx_unobs_or_zero_occ_residues.PDB_model_num    1 
_pdbx_unobs_or_zero_occ_residues.polymer_flag     Y 
_pdbx_unobs_or_zero_occ_residues.occupancy_flag   1 
_pdbx_unobs_or_zero_occ_residues.auth_asym_id     A 
_pdbx_unobs_or_zero_occ_residues.auth_comp_id     SER 
_pdbx_unobs_or_zero_occ_residues.auth_seq_id      172 
_pdbx_unobs_or_zero_occ_residues.PDB_ins_code     ? 
_pdbx_unobs_or_zero_occ_residues.label_asym_id    A 
_pdbx_unobs_or_zero_occ_residues.label_comp_id    SER 
_pdbx_unobs_or_zero_occ_residues.label_seq_id     1 
# 
loop_
_chem_comp_atom.comp_id 
_chem_comp_atom.atom_id 
_chem_comp_atom.type_symbol 
_chem_comp_atom.pdbx_aromatic_flag 
_chem_comp_atom.pdbx_stereo_config 
_chem_comp_atom.pdbx_ordinal 
ALA N    N N N 1   
ALA CA   C N S 2   
ALA C    C N N 3   
ALA O    O N N 4   
ALA CB   C N N 5   
ALA OXT  O N N 6   
ALA H    H N N 7   
ALA H2   H N N 8   
ALA HA   H N N 9   
ALA HB1  H N N 10  
ALA HB2  H N N 11  
ALA HB3  H N N 12  
ALA HXT  H N N 13  
ARG N    N N N 14  
ARG CA   C N S 15  
ARG C    C N N 16  
ARG O    O N N 17  
ARG CB   C N N 18  
ARG CG   C N N 19  
ARG CD   C N N 20  
ARG NE   N N N 21  
ARG CZ   C N N 22  
ARG NH1  N N N 23  
ARG NH2  N N N 24  
ARG OXT  O N N 25  
ARG H    H N N 26  
ARG H2   H N N 27  
ARG HA   H N N 28  
ARG HB2  H N N 29  
ARG HB3  H N N 30  
ARG HG2  H N N 31  
ARG HG3  H N N 32  
ARG HD2  H N N 33  
ARG HD3  H N N 34  
ARG HE   H N N 35  
ARG HH11 H N N 36  
ARG HH12 H N N 37  
ARG HH21 H N N 38  
ARG HH22 H N N 39  
ARG HXT  H N N 40  
ASN N    N N N 41  
ASN CA   C N S 42  
ASN C    C N N 43  
ASN O    O N N 44  
ASN CB   C N N 45  
ASN CG   C N N 46  
ASN OD1  O N N 47  
ASN ND2  N N N 48  
ASN OXT  O N N 49  
ASN H    H N N 50  
ASN H2   H N N 51  
ASN HA   H N N 52  
ASN HB2  H N N 53  
ASN HB3  H N N 54  
ASN HD21 H N N 55  
ASN HD22 H N N 56  
ASN HXT  H N N 57  
ASP N    N N N 58  
ASP CA   C N S 59  
ASP C    C N N 60  
ASP O    O N N 61  
ASP CB   C N N 62  
ASP CG   C N N 63  
ASP OD1  O N N 64  
ASP OD2  O N N 65  
ASP OXT  O N N 66  
ASP H    H N N 67  
ASP H2   H N N 68  
ASP HA   H N N 69  
ASP HB2  H N N 70  
ASP HB3  H N N 71  
ASP HD2  H N N 72  
ASP HXT  H N N 73  
GLN N    N N N 74  
GLN CA   C N S 75  
GLN C    C N N 76  
GLN O    O N N 77  
GLN CB   C N N 78  
GLN CG   C N N 79  
GLN CD   C N N 80  
GLN OE1  O N N 81  
GLN NE2  N N N 82  
GLN OXT  O N N 83  
GLN H    H N N 84  
GLN H2   H N N 85  
GLN HA   H N N 86  
GLN HB2  H N N 87  
GLN HB3  H N N 88  
GLN HG2  H N N 89  
GLN HG3  H N N 90  
GLN HE21 H N N 91  
GLN HE22 H N N 92  
GLN HXT  H N N 93  
GLU N    N N N 94  
GLU CA   C N S 95  
GLU C    C N N 96  
GLU O    O N N 97  
GLU CB   C N N 98  
GLU CG   C N N 99  
GLU CD   C N N 100 
GLU OE1  O N N 101 
GLU OE2  O N N 102 
GLU OXT  O N N 103 
GLU H    H N N 104 
GLU H2   H N N 105 
GLU HA   H N N 106 
GLU HB2  H N N 107 
GLU HB3  H N N 108 
GLU HG2  H N N 109 
GLU HG3  H N N 110 
GLU HE2  H N N 111 
GLU HXT  H N N 112 
GLY N    N N N 113 
GLY CA   C N N 114 
GLY C    C N N 115 
GLY O    O N N 116 
GLY OXT  O N N 117 
GLY H    H N N 118 
GLY H2   H N N 119 
GLY HA2  H N N 120 
GLY HA3  H N N 121 
GLY HXT  H N N 122 
HOH O    O N N 123 
HOH H1   H N N 124 
HOH H2   H N N 125 
ILE N    N N N 126 
ILE CA   C N S 127 
ILE C    C N N 128 
ILE O    O N N 129 
ILE CB   C N S 130 
ILE CG1  C N N 131 
ILE CG2  C N N 132 
ILE CD1  C N N 133 
ILE OXT  O N N 134 
ILE H    H N N 135 
ILE H2   H N N 136 
ILE HA   H N N 137 
ILE HB   H N N 138 
ILE HG12 H N N 139 
ILE HG13 H N N 140 
ILE HG21 H N N 141 
ILE HG22 H N N 142 
ILE HG23 H N N 143 
ILE HD11 H N N 144 
ILE HD12 H N N 145 
ILE HD13 H N N 146 
ILE HXT  H N N 147 
LEU N    N N N 148 
LEU CA   C N S 149 
LEU C    C N N 150 
LEU O    O N N 151 
LEU CB   C N N 152 
LEU CG   C N N 153 
LEU CD1  C N N 154 
LEU CD2  C N N 155 
LEU OXT  O N N 156 
LEU H    H N N 157 
LEU H2   H N N 158 
LEU HA   H N N 159 
LEU HB2  H N N 160 
LEU HB3  H N N 161 
LEU HG   H N N 162 
LEU HD11 H N N 163 
LEU HD12 H N N 164 
LEU HD13 H N N 165 
LEU HD21 H N N 166 
LEU HD22 H N N 167 
LEU HD23 H N N 168 
LEU HXT  H N N 169 
LYS N    N N N 170 
LYS CA   C N S 171 
LYS C    C N N 172 
LYS O    O N N 173 
LYS CB   C N N 174 
LYS CG   C N N 175 
LYS CD   C N N 176 
LYS CE   C N N 177 
LYS NZ   N N N 178 
LYS OXT  O N N 179 
LYS H    H N N 180 
LYS H2   H N N 181 
LYS HA   H N N 182 
LYS HB2  H N N 183 
LYS HB3  H N N 184 
LYS HG2  H N N 185 
LYS HG3  H N N 186 
LYS HD2  H N N 187 
LYS HD3  H N N 188 
LYS HE2  H N N 189 
LYS HE3  H N N 190 
LYS HZ1  H N N 191 
LYS HZ2  H N N 192 
LYS HZ3  H N N 193 
LYS HXT  H N N 194 
MET N    N N N 195 
MET CA   C N S 196 
MET C    C N N 197 
MET O    O N N 198 
MET CB   C N N 199 
MET CG   C N N 200 
MET SD   S N N 201 
MET CE   C N N 202 
MET OXT  O N N 203 
MET H    H N N 204 
MET H2   H N N 205 
MET HA   H N N 206 
MET HB2  H N N 207 
MET HB3  H N N 208 
MET HG2  H N N 209 
MET HG3  H N N 210 
MET HE1  H N N 211 
MET HE2  H N N 212 
MET HE3  H N N 213 
MET HXT  H N N 214 
PHE N    N N N 215 
PHE CA   C N S 216 
PHE C    C N N 217 
PHE O    O N N 218 
PHE CB   C N N 219 
PHE CG   C Y N 220 
PHE CD1  C Y N 221 
PHE CD2  C Y N 222 
PHE CE1  C Y N 223 
PHE CE2  C Y N 224 
PHE CZ   C Y N 225 
PHE OXT  O N N 226 
PHE H    H N N 227 
PHE H2   H N N 228 
PHE HA   H N N 229 
PHE HB2  H N N 230 
PHE HB3  H N N 231 
PHE HD1  H N N 232 
PHE HD2  H N N 233 
PHE HE1  H N N 234 
PHE HE2  H N N 235 
PHE HZ   H N N 236 
PHE HXT  H N N 237 
PO4 P    P N N 238 
PO4 O1   O N N 239 
PO4 O2   O N N 240 
PO4 O3   O N N 241 
PO4 O4   O N N 242 
PRO N    N N N 243 
PRO CA   C N S 244 
PRO C    C N N 245 
PRO O    O N N 246 
PRO CB   C N N 247 
PRO CG   C N N 248 
PRO CD   C N N 249 
PRO OXT  O N N 250 
PRO H    H N N 251 
PRO HA   H N N 252 
PRO HB2  H N N 253 
PRO HB3  H N N 254 
PRO HG2  H N N 255 
PRO HG3  H N N 256 
PRO HD2  H N N 257 
PRO HD3  H N N 258 
PRO HXT  H N N 259 
SER N    N N N 260 
SER CA   C N S 261 
SER C    C N N 262 
SER O    O N N 263 
SER CB   C N N 264 
SER OG   O N N 265 
SER OXT  O N N 266 
SER H    H N N 267 
SER H2   H N N 268 
SER HA   H N N 269 
SER HB2  H N N 270 
SER HB3  H N N 271 
SER HG   H N N 272 
SER HXT  H N N 273 
THR N    N N N 274 
THR CA   C N S 275 
THR C    C N N 276 
THR O    O N N 277 
THR CB   C N R 278 
THR OG1  O N N 279 
THR CG2  C N N 280 
THR OXT  O N N 281 
THR H    H N N 282 
THR H2   H N N 283 
THR HA   H N N 284 
THR HB   H N N 285 
THR HG1  H N N 286 
THR HG21 H N N 287 
THR HG22 H N N 288 
THR HG23 H N N 289 
THR HXT  H N N 290 
TRP N    N N N 291 
TRP CA   C N S 292 
TRP C    C N N 293 
TRP O    O N N 294 
TRP CB   C N N 295 
TRP CG   C Y N 296 
TRP CD1  C Y N 297 
TRP CD2  C Y N 298 
TRP NE1  N Y N 299 
TRP CE2  C Y N 300 
TRP CE3  C Y N 301 
TRP CZ2  C Y N 302 
TRP CZ3  C Y N 303 
TRP CH2  C Y N 304 
TRP OXT  O N N 305 
TRP H    H N N 306 
TRP H2   H N N 307 
TRP HA   H N N 308 
TRP HB2  H N N 309 
TRP HB3  H N N 310 
TRP HD1  H N N 311 
TRP HE1  H N N 312 
TRP HE3  H N N 313 
TRP HZ2  H N N 314 
TRP HZ3  H N N 315 
TRP HH2  H N N 316 
TRP HXT  H N N 317 
VAL N    N N N 318 
VAL CA   C N S 319 
VAL C    C N N 320 
VAL O    O N N 321 
VAL CB   C N N 322 
VAL CG1  C N N 323 
VAL CG2  C N N 324 
VAL OXT  O N N 325 
VAL H    H N N 326 
VAL H2   H N N 327 
VAL HA   H N N 328 
VAL HB   H N N 329 
VAL HG11 H N N 330 
VAL HG12 H N N 331 
VAL HG13 H N N 332 
VAL HG21 H N N 333 
VAL HG22 H N N 334 
VAL HG23 H N N 335 
VAL HXT  H N N 336 
# 
loop_
_chem_comp_bond.comp_id 
_chem_comp_bond.atom_id_1 
_chem_comp_bond.atom_id_2 
_chem_comp_bond.value_order 
_chem_comp_bond.pdbx_aromatic_flag 
_chem_comp_bond.pdbx_stereo_config 
_chem_comp_bond.pdbx_ordinal 
ALA N   CA   sing N N 1   
ALA N   H    sing N N 2   
ALA N   H2   sing N N 3   
ALA CA  C    sing N N 4   
ALA CA  CB   sing N N 5   
ALA CA  HA   sing N N 6   
ALA C   O    doub N N 7   
ALA C   OXT  sing N N 8   
ALA CB  HB1  sing N N 9   
ALA CB  HB2  sing N N 10  
ALA CB  HB3  sing N N 11  
ALA OXT HXT  sing N N 12  
ARG N   CA   sing N N 13  
ARG N   H    sing N N 14  
ARG N   H2   sing N N 15  
ARG CA  C    sing N N 16  
ARG CA  CB   sing N N 17  
ARG CA  HA   sing N N 18  
ARG C   O    doub N N 19  
ARG C   OXT  sing N N 20  
ARG CB  CG   sing N N 21  
ARG CB  HB2  sing N N 22  
ARG CB  HB3  sing N N 23  
ARG CG  CD   sing N N 24  
ARG CG  HG2  sing N N 25  
ARG CG  HG3  sing N N 26  
ARG CD  NE   sing N N 27  
ARG CD  HD2  sing N N 28  
ARG CD  HD3  sing N N 29  
ARG NE  CZ   sing N N 30  
ARG NE  HE   sing N N 31  
ARG CZ  NH1  sing N N 32  
ARG CZ  NH2  doub N N 33  
ARG NH1 HH11 sing N N 34  
ARG NH1 HH12 sing N N 35  
ARG NH2 HH21 sing N N 36  
ARG NH2 HH22 sing N N 37  
ARG OXT HXT  sing N N 38  
ASN N   CA   sing N N 39  
ASN N   H    sing N N 40  
ASN N   H2   sing N N 41  
ASN CA  C    sing N N 42  
ASN CA  CB   sing N N 43  
ASN CA  HA   sing N N 44  
ASN C   O    doub N N 45  
ASN C   OXT  sing N N 46  
ASN CB  CG   sing N N 47  
ASN CB  HB2  sing N N 48  
ASN CB  HB3  sing N N 49  
ASN CG  OD1  doub N N 50  
ASN CG  ND2  sing N N 51  
ASN ND2 HD21 sing N N 52  
ASN ND2 HD22 sing N N 53  
ASN OXT HXT  sing N N 54  
ASP N   CA   sing N N 55  
ASP N   H    sing N N 56  
ASP N   H2   sing N N 57  
ASP CA  C    sing N N 58  
ASP CA  CB   sing N N 59  
ASP CA  HA   sing N N 60  
ASP C   O    doub N N 61  
ASP C   OXT  sing N N 62  
ASP CB  CG   sing N N 63  
ASP CB  HB2  sing N N 64  
ASP CB  HB3  sing N N 65  
ASP CG  OD1  doub N N 66  
ASP CG  OD2  sing N N 67  
ASP OD2 HD2  sing N N 68  
ASP OXT HXT  sing N N 69  
GLN N   CA   sing N N 70  
GLN N   H    sing N N 71  
GLN N   H2   sing N N 72  
GLN CA  C    sing N N 73  
GLN CA  CB   sing N N 74  
GLN CA  HA   sing N N 75  
GLN C   O    doub N N 76  
GLN C   OXT  sing N N 77  
GLN CB  CG   sing N N 78  
GLN CB  HB2  sing N N 79  
GLN CB  HB3  sing N N 80  
GLN CG  CD   sing N N 81  
GLN CG  HG2  sing N N 82  
GLN CG  HG3  sing N N 83  
GLN CD  OE1  doub N N 84  
GLN CD  NE2  sing N N 85  
GLN NE2 HE21 sing N N 86  
GLN NE2 HE22 sing N N 87  
GLN OXT HXT  sing N N 88  
GLU N   CA   sing N N 89  
GLU N   H    sing N N 90  
GLU N   H2   sing N N 91  
GLU CA  C    sing N N 92  
GLU CA  CB   sing N N 93  
GLU CA  HA   sing N N 94  
GLU C   O    doub N N 95  
GLU C   OXT  sing N N 96  
GLU CB  CG   sing N N 97  
GLU CB  HB2  sing N N 98  
GLU CB  HB3  sing N N 99  
GLU CG  CD   sing N N 100 
GLU CG  HG2  sing N N 101 
GLU CG  HG3  sing N N 102 
GLU CD  OE1  doub N N 103 
GLU CD  OE2  sing N N 104 
GLU OE2 HE2  sing N N 105 
GLU OXT HXT  sing N N 106 
GLY N   CA   sing N N 107 
GLY N   H    sing N N 108 
GLY N   H2   sing N N 109 
GLY CA  C    sing N N 110 
GLY CA  HA2  sing N N 111 
GLY CA  HA3  sing N N 112 
GLY C   O    doub N N 113 
GLY C   OXT  sing N N 114 
GLY OXT HXT  sing N N 115 
HOH O   H1   sing N N 116 
HOH O   H2   sing N N 117 
ILE N   CA   sing N N 118 
ILE N   H    sing N N 119 
ILE N   H2   sing N N 120 
ILE CA  C    sing N N 121 
ILE CA  CB   sing N N 122 
ILE CA  HA   sing N N 123 
ILE C   O    doub N N 124 
ILE C   OXT  sing N N 125 
ILE CB  CG1  sing N N 126 
ILE CB  CG2  sing N N 127 
ILE CB  HB   sing N N 128 
ILE CG1 CD1  sing N N 129 
ILE CG1 HG12 sing N N 130 
ILE CG1 HG13 sing N N 131 
ILE CG2 HG21 sing N N 132 
ILE CG2 HG22 sing N N 133 
ILE CG2 HG23 sing N N 134 
ILE CD1 HD11 sing N N 135 
ILE CD1 HD12 sing N N 136 
ILE CD1 HD13 sing N N 137 
ILE OXT HXT  sing N N 138 
LEU N   CA   sing N N 139 
LEU N   H    sing N N 140 
LEU N   H2   sing N N 141 
LEU CA  C    sing N N 142 
LEU CA  CB   sing N N 143 
LEU CA  HA   sing N N 144 
LEU C   O    doub N N 145 
LEU C   OXT  sing N N 146 
LEU CB  CG   sing N N 147 
LEU CB  HB2  sing N N 148 
LEU CB  HB3  sing N N 149 
LEU CG  CD1  sing N N 150 
LEU CG  CD2  sing N N 151 
LEU CG  HG   sing N N 152 
LEU CD1 HD11 sing N N 153 
LEU CD1 HD12 sing N N 154 
LEU CD1 HD13 sing N N 155 
LEU CD2 HD21 sing N N 156 
LEU CD2 HD22 sing N N 157 
LEU CD2 HD23 sing N N 158 
LEU OXT HXT  sing N N 159 
LYS N   CA   sing N N 160 
LYS N   H    sing N N 161 
LYS N   H2   sing N N 162 
LYS CA  C    sing N N 163 
LYS CA  CB   sing N N 164 
LYS CA  HA   sing N N 165 
LYS C   O    doub N N 166 
LYS C   OXT  sing N N 167 
LYS CB  CG   sing N N 168 
LYS CB  HB2  sing N N 169 
LYS CB  HB3  sing N N 170 
LYS CG  CD   sing N N 171 
LYS CG  HG2  sing N N 172 
LYS CG  HG3  sing N N 173 
LYS CD  CE   sing N N 174 
LYS CD  HD2  sing N N 175 
LYS CD  HD3  sing N N 176 
LYS CE  NZ   sing N N 177 
LYS CE  HE2  sing N N 178 
LYS CE  HE3  sing N N 179 
LYS NZ  HZ1  sing N N 180 
LYS NZ  HZ2  sing N N 181 
LYS NZ  HZ3  sing N N 182 
LYS OXT HXT  sing N N 183 
MET N   CA   sing N N 184 
MET N   H    sing N N 185 
MET N   H2   sing N N 186 
MET CA  C    sing N N 187 
MET CA  CB   sing N N 188 
MET CA  HA   sing N N 189 
MET C   O    doub N N 190 
MET C   OXT  sing N N 191 
MET CB  CG   sing N N 192 
MET CB  HB2  sing N N 193 
MET CB  HB3  sing N N 194 
MET CG  SD   sing N N 195 
MET CG  HG2  sing N N 196 
MET CG  HG3  sing N N 197 
MET SD  CE   sing N N 198 
MET CE  HE1  sing N N 199 
MET CE  HE2  sing N N 200 
MET CE  HE3  sing N N 201 
MET OXT HXT  sing N N 202 
PHE N   CA   sing N N 203 
PHE N   H    sing N N 204 
PHE N   H2   sing N N 205 
PHE CA  C    sing N N 206 
PHE CA  CB   sing N N 207 
PHE CA  HA   sing N N 208 
PHE C   O    doub N N 209 
PHE C   OXT  sing N N 210 
PHE CB  CG   sing N N 211 
PHE CB  HB2  sing N N 212 
PHE CB  HB3  sing N N 213 
PHE CG  CD1  doub Y N 214 
PHE CG  CD2  sing Y N 215 
PHE CD1 CE1  sing Y N 216 
PHE CD1 HD1  sing N N 217 
PHE CD2 CE2  doub Y N 218 
PHE CD2 HD2  sing N N 219 
PHE CE1 CZ   doub Y N 220 
PHE CE1 HE1  sing N N 221 
PHE CE2 CZ   sing Y N 222 
PHE CE2 HE2  sing N N 223 
PHE CZ  HZ   sing N N 224 
PHE OXT HXT  sing N N 225 
PO4 P   O1   doub N N 226 
PO4 P   O2   sing N N 227 
PO4 P   O3   sing N N 228 
PO4 P   O4   sing N N 229 
PRO N   CA   sing N N 230 
PRO N   CD   sing N N 231 
PRO N   H    sing N N 232 
PRO CA  C    sing N N 233 
PRO CA  CB   sing N N 234 
PRO CA  HA   sing N N 235 
PRO C   O    doub N N 236 
PRO C   OXT  sing N N 237 
PRO CB  CG   sing N N 238 
PRO CB  HB2  sing N N 239 
PRO CB  HB3  sing N N 240 
PRO CG  CD   sing N N 241 
PRO CG  HG2  sing N N 242 
PRO CG  HG3  sing N N 243 
PRO CD  HD2  sing N N 244 
PRO CD  HD3  sing N N 245 
PRO OXT HXT  sing N N 246 
SER N   CA   sing N N 247 
SER N   H    sing N N 248 
SER N   H2   sing N N 249 
SER CA  C    sing N N 250 
SER CA  CB   sing N N 251 
SER CA  HA   sing N N 252 
SER C   O    doub N N 253 
SER C   OXT  sing N N 254 
SER CB  OG   sing N N 255 
SER CB  HB2  sing N N 256 
SER CB  HB3  sing N N 257 
SER OG  HG   sing N N 258 
SER OXT HXT  sing N N 259 
THR N   CA   sing N N 260 
THR N   H    sing N N 261 
THR N   H2   sing N N 262 
THR CA  C    sing N N 263 
THR CA  CB   sing N N 264 
THR CA  HA   sing N N 265 
THR C   O    doub N N 266 
THR C   OXT  sing N N 267 
THR CB  OG1  sing N N 268 
THR CB  CG2  sing N N 269 
THR CB  HB   sing N N 270 
THR OG1 HG1  sing N N 271 
THR CG2 HG21 sing N N 272 
THR CG2 HG22 sing N N 273 
THR CG2 HG23 sing N N 274 
THR OXT HXT  sing N N 275 
TRP N   CA   sing N N 276 
TRP N   H    sing N N 277 
TRP N   H2   sing N N 278 
TRP CA  C    sing N N 279 
TRP CA  CB   sing N N 280 
TRP CA  HA   sing N N 281 
TRP C   O    doub N N 282 
TRP C   OXT  sing N N 283 
TRP CB  CG   sing N N 284 
TRP CB  HB2  sing N N 285 
TRP CB  HB3  sing N N 286 
TRP CG  CD1  doub Y N 287 
TRP CG  CD2  sing Y N 288 
TRP CD1 NE1  sing Y N 289 
TRP CD1 HD1  sing N N 290 
TRP CD2 CE2  doub Y N 291 
TRP CD2 CE3  sing Y N 292 
TRP NE1 CE2  sing Y N 293 
TRP NE1 HE1  sing N N 294 
TRP CE2 CZ2  sing Y N 295 
TRP CE3 CZ3  doub Y N 296 
TRP CE3 HE3  sing N N 297 
TRP CZ2 CH2  doub Y N 298 
TRP CZ2 HZ2  sing N N 299 
TRP CZ3 CH2  sing Y N 300 
TRP CZ3 HZ3  sing N N 301 
TRP CH2 HH2  sing N N 302 
TRP OXT HXT  sing N N 303 
VAL N   CA   sing N N 304 
VAL N   H    sing N N 305 
VAL N   H2   sing N N 306 
VAL CA  C    sing N N 307 
VAL CA  CB   sing N N 308 
VAL CA  HA   sing N N 309 
VAL C   O    doub N N 310 
VAL C   OXT  sing N N 311 
VAL CB  CG1  sing N N 312 
VAL CB  CG2  sing N N 313 
VAL CB  HB   sing N N 314 
VAL CG1 HG11 sing N N 315 
VAL CG1 HG12 sing N N 316 
VAL CG1 HG13 sing N N 317 
VAL CG2 HG21 sing N N 318 
VAL CG2 HG22 sing N N 319 
VAL CG2 HG23 sing N N 320 
VAL OXT HXT  sing N N 321 
# 
_atom_sites.entry_id                    3VEJ 
_atom_sites.fract_transf_matrix[1][1]   -0.02183697 
_atom_sites.fract_transf_matrix[1][2]   0.00614429 
_atom_sites.fract_transf_matrix[1][3]   -0.03326007 
_atom_sites.fract_transf_matrix[2][1]   0.01612926 
_atom_sites.fract_transf_matrix[2][2]   -0.00779836 
_atom_sites.fract_transf_matrix[2][3]   -0.01203033 
_atom_sites.fract_transf_matrix[3][1]   -0.01589179 
_atom_sites.fract_transf_matrix[3][2]   -0.03188435 
_atom_sites.fract_transf_matrix[3][3]   -0.00063816 
_atom_sites.fract_transf_vector[1]      0.273153 
_atom_sites.fract_transf_vector[2]      0.504659 
_atom_sites.fract_transf_vector[3]      0.087537 
# 
loop_
_atom_type.symbol 
C 
N 
O 
P 
S 
# 
loop_
_atom_site.group_PDB 
_atom_site.id 
_atom_site.type_symbol 
_atom_site.label_atom_id 
_atom_site.label_alt_id 
_atom_site.label_comp_id 
_atom_site.label_asym_id 
_atom_site.label_entity_id 
_atom_site.label_seq_id 
_atom_site.pdbx_PDB_ins_code 
_atom_site.Cartn_x 
_atom_site.Cartn_y 
_atom_site.Cartn_z 
_atom_site.occupancy 
_atom_site.B_iso_or_equiv 
_atom_site.pdbx_formal_charge 
_atom_site.auth_seq_id 
_atom_site.auth_comp_id 
_atom_site.auth_asym_id 
_atom_site.auth_atom_id 
_atom_site.pdbx_PDB_model_num 
ATOM   1   N N   . VAL A 1 2  ? 12.432  2.645   4.369   1.00 28.53 ? 173 VAL A N   1 
ATOM   2   C CA  . VAL A 1 2  ? 11.287  1.771   4.133   1.00 19.96 ? 173 VAL A CA  1 
ATOM   3   C C   . VAL A 1 2  ? 11.193  0.695   5.220   1.00 14.09 ? 173 VAL A C   1 
ATOM   4   O O   . VAL A 1 2  ? 12.046  -0.165  5.333   1.00 17.03 ? 173 VAL A O   1 
ATOM   5   C CB  . VAL A 1 2  ? 11.313  1.155   2.703   1.00 22.47 ? 173 VAL A CB  1 
ATOM   6   C CG1 . VAL A 1 2  ? 10.260  0.084   2.559   1.00 20.20 ? 173 VAL A CG1 1 
ATOM   7   C CG2 . VAL A 1 2  ? 11.109  2.247   1.652   1.00 34.51 ? 173 VAL A CG2 1 
ATOM   8   N N   . ASP A 1 3  ? 10.148  0.797   6.031   1.00 17.26 ? 174 ASP A N   1 
ATOM   9   C CA  . ASP A 1 3  ? 9.959   -0.062  7.198   1.00 16.38 ? 174 ASP A CA  1 
ATOM   10  C C   . ASP A 1 3  ? 9.559   -1.444  6.693   1.00 16.10 ? 174 ASP A C   1 
ATOM   11  O O   . ASP A 1 3  ? 8.495   -1.608  6.086   1.00 16.79 ? 174 ASP A O   1 
ATOM   12  C CB  . ASP A 1 3  ? 8.884   0.541   8.108   1.00 13.89 ? 174 ASP A CB  1 
ATOM   13  C CG  . ASP A 1 3  ? 8.689   -0.239  9.409   1.00 23.85 ? 174 ASP A CG  1 
ATOM   14  O OD1 . ASP A 1 3  ? 8.981   -1.459  9.462   1.00 17.49 ? 174 ASP A OD1 1 
ATOM   15  O OD2 . ASP A 1 3  ? 8.201   0.384   10.381  1.00 27.83 ? 174 ASP A OD2 1 
ATOM   16  N N   . LEU A 1 4  ? 10.424  -2.436  6.913   1.00 12.80 ? 175 LEU A N   1 
ATOM   17  C CA  . LEU A 1 4  ? 10.152  -3.782  6.444   1.00 12.56 ? 175 LEU A CA  1 
ATOM   18  C C   . LEU A 1 4  ? 9.175   -4.544  7.314   1.00 14.10 ? 175 LEU A C   1 
ATOM   19  O O   . LEU A 1 4  ? 8.859   -5.699  6.987   1.00 17.75 ? 175 LEU A O   1 
ATOM   20  C CB  . LEU A 1 4  ? 11.471  -4.550  6.337   1.00 14.89 ? 175 LEU A CB  1 
ATOM   21  C CG  . LEU A 1 4  ? 12.425  -3.879  5.370   1.00 11.67 ? 175 LEU A CG  1 
ATOM   22  C CD1 . LEU A 1 4  ? 13.707  -4.694  5.205   1.00 15.78 ? 175 LEU A CD1 1 
ATOM   23  C CD2 . LEU A 1 4  ? 11.767  -3.574  4.031   1.00 15.50 ? 175 LEU A CD2 1 
ATOM   24  N N   . THR A 1 5  ? 8.708   -3.953  8.410   1.00 12.76 ? 176 THR A N   1 
ATOM   25  C CA  . THR A 1 5  ? 7.544   -4.512  9.078   1.00 18.84 ? 176 THR A CA  1 
ATOM   26  C C   . THR A 1 5  ? 6.291   -4.362  8.210   1.00 14.91 ? 176 THR A C   1 
ATOM   27  O O   . THR A 1 5  ? 5.313   -5.088  8.438   1.00 26.23 ? 176 THR A O   1 
ATOM   28  C CB  . THR A 1 5  ? 7.368   -3.965  10.519  1.00 15.03 ? 176 THR A CB  1 
ATOM   29  O OG1 . THR A 1 5  ? 6.979   -2.595  10.480  1.00 22.19 ? 176 THR A OG1 1 
ATOM   30  C CG2 . THR A 1 5  ? 8.676   -4.088  11.350  1.00 16.32 ? 176 THR A CG2 1 
ATOM   31  N N   . VAL A 1 6  ? 6.289   -3.419  7.264   1.00 16.68 ? 177 VAL A N   1 
ATOM   32  C CA  . VAL A 1 6  ? 5.166   -3.308  6.308   1.00 12.07 ? 177 VAL A CA  1 
ATOM   33  C C   . VAL A 1 6  ? 5.251   -4.460  5.313   1.00 12.39 ? 177 VAL A C   1 
ATOM   34  O O   . VAL A 1 6  ? 6.328   -4.715  4.750   1.00 10.69 ? 177 VAL A O   1 
ATOM   35  C CB  . VAL A 1 6  ? 5.172   -1.951  5.590   1.00 14.45 ? 177 VAL A CB  1 
ATOM   36  C CG1 . VAL A 1 6  ? 4.053   -1.898  4.506   1.00 13.62 ? 177 VAL A CG1 1 
ATOM   37  C CG2 . VAL A 1 6  ? 4.972   -0.788  6.571   1.00 16.33 ? 177 VAL A CG2 1 
ATOM   38  N N   . PRO A 1 7  ? 4.218   -5.150  5.089   1.00 10.77 ? 178 PRO A N   1 
ATOM   39  C CA  . PRO A 1 7  ? 4.276   -6.383  4.276   1.00 10.14 ? 178 PRO A CA  1 
ATOM   40  C C   . PRO A 1 7  ? 4.234   -6.080  2.784   1.00 8.92  ? 178 PRO A C   1 
ATOM   41  O O   . PRO A 1 7  ? 3.247   -6.335  2.097   1.00 9.16  ? 178 PRO A O   1 
ATOM   42  C CB  . PRO A 1 7  ? 3.034   -7.146  4.750   1.00 10.94 ? 178 PRO A CB  1 
ATOM   43  C CG  . PRO A 1 7  ? 2.069   -6.034  5.149   1.00 11.98 ? 178 PRO A CG  1 
ATOM   44  C CD  . PRO A 1 7  ? 2.955   -5.030  5.836   1.00 12.01 ? 178 PRO A CD  1 
ATOM   45  N N   . TRP A 1 8  ? 5.339   -5.522  2.286   1.00 8.74  ? 179 TRP A N   1 
ATOM   46  C CA  . TRP A 1 8  ? 5.378   -5.044  0.905   1.00 8.63  ? 179 TRP A CA  1 
ATOM   47  C C   . TRP A 1 8  ? 5.154   -6.165  -0.106  1.00 8.58  ? 179 TRP A C   1 
ATOM   48  O O   . TRP A 1 8  ? 4.472   -5.965  -1.116  1.00 8.51  ? 179 TRP A O   1 
ATOM   49  C CB  . TRP A 1 8  ? 6.726   -4.387  0.628   1.00 9.44  ? 179 TRP A CB  1 
ATOM   50  C CG  . TRP A 1 8  ? 6.974   -3.140  1.457   1.00 9.70  ? 179 TRP A CG  1 
ATOM   51  C CD1 . TRP A 1 8  ? 7.868   -3.005  2.476   1.00 11.23 ? 179 TRP A CD1 1 
ATOM   52  C CD2 . TRP A 1 8  ? 6.280   -1.885  1.357   1.00 10.27 ? 179 TRP A CD2 1 
ATOM   53  N NE1 . TRP A 1 8  ? 7.785   -1.738  3.011   1.00 12.67 ? 179 TRP A NE1 1 
ATOM   54  C CE2 . TRP A 1 8  ? 6.822   -1.033  2.333   1.00 12.91 ? 179 TRP A CE2 1 
ATOM   55  C CE3 . TRP A 1 8  ? 5.241   -1.405  0.535   1.00 10.99 ? 179 TRP A CE3 1 
ATOM   56  C CZ2 . TRP A 1 8  ? 6.377   0.277   2.505   1.00 13.08 ? 179 TRP A CZ2 1 
ATOM   57  C CZ3 . TRP A 1 8  ? 4.805   -0.105  0.709   1.00 12.11 ? 179 TRP A CZ3 1 
ATOM   58  C CH2 . TRP A 1 8  ? 5.365   0.717   1.686   1.00 12.82 ? 179 TRP A CH2 1 
ATOM   59  N N   . ASP A 1 9  ? 5.724   -7.354  0.126   1.00 8.96  ? 180 ASP A N   1 
ATOM   60  C CA  . ASP A 1 9  ? 5.532   -8.434  -0.843  1.00 10.09 ? 180 ASP A CA  1 
ATOM   61  C C   . ASP A 1 9  ? 4.063   -8.845  -0.929  1.00 9.07  ? 180 ASP A C   1 
ATOM   62  O O   . ASP A 1 9  ? 3.542   -9.106  -2.021  1.00 10.41 ? 180 ASP A O   1 
ATOM   63  C CB  . ASP A 1 9  ? 6.397   -9.645  -0.504  1.00 12.12 ? 180 ASP A CB  1 
ATOM   64  C CG  . ASP A 1 9  ? 7.885   -9.440  -0.817  1.00 15.37 ? 180 ASP A CG  1 
ATOM   65  O OD1 . ASP A 1 9  ? 8.303   -8.469  -1.489  1.00 15.45 ? 180 ASP A OD1 1 
ATOM   66  O OD2 . ASP A 1 9  ? 8.668   -10.314 -0.409  1.00 19.82 ? 180 ASP A OD2 1 
ATOM   67  N N   . ASP A 1 10 ? 3.370   -8.904  0.205   1.00 8.62  ? 181 ASP A N   1 
ATOM   68  C CA  . ASP A 1 10 ? 1.953   -9.238  0.170   1.00 8.54  ? 181 ASP A CA  1 
ATOM   69  C C   . ASP A 1 10 ? 1.151   -8.120  -0.490  1.00 9.17  ? 181 ASP A C   1 
ATOM   70  O O   . ASP A 1 10 ? 0.195   -8.387  -1.219  1.00 9.79  ? 181 ASP A O   1 
ATOM   71  C CB  . ASP A 1 10 ? 1.435   -9.518  1.579   1.00 10.19 ? 181 ASP A CB  1 
ATOM   72  C CG  . ASP A 1 10 ? 2.088   -10.737 2.228   1.00 12.33 ? 181 ASP A CG  1 
ATOM   73  O OD1 . ASP A 1 10 ? 2.601   -11.632 1.527   1.00 14.57 ? 181 ASP A OD1 1 
ATOM   74  O OD2 . ASP A 1 10 ? 2.071   -10.795 3.466   1.00 12.70 ? 181 ASP A OD2 1 
ATOM   75  N N   . ILE A 1 11 ? 1.537   -6.855  -0.276  1.00 8.75  ? 182 ILE A N   1 
ATOM   76  C CA  . ILE A 1 11 ? 0.868   -5.765  -0.989  1.00 8.59  ? 182 ILE A CA  1 
ATOM   77  C C   . ILE A 1 11 ? 1.072   -5.928  -2.485  1.00 8.35  ? 182 ILE A C   1 
ATOM   78  O O   . ILE A 1 11 ? 0.140   -5.765  -3.271  1.00 9.54  ? 182 ILE A O   1 
ATOM   79  C CB  . ILE A 1 11 ? 1.348   -4.395  -0.469  1.00 9.57  ? 182 ILE A CB  1 
ATOM   80  C CG1 . ILE A 1 11 ? 0.827   -4.158  0.947   1.00 10.38 ? 182 ILE A CG1 1 
ATOM   81  C CG2 . ILE A 1 11 ? 0.889   -3.257  -1.377  1.00 9.67  ? 182 ILE A CG2 1 
ATOM   82  C CD1 . ILE A 1 11 ? 1.470   -2.969  1.645   1.00 11.43 ? 182 ILE A CD1 1 
ATOM   83  N N   . GLU A 1 12 ? 2.286   -6.283  -2.900  1.00 8.38  ? 183 GLU A N   1 
ATOM   84  C CA  . GLU A 1 12 ? 2.540   -6.457  -4.321  1.00 9.37  ? 183 GLU A CA  1 
ATOM   85  C C   . GLU A 1 12 ? 1.658   -7.550  -4.904  1.00 9.10  ? 183 GLU A C   1 
ATOM   86  O O   . GLU A 1 12 ? 1.130   -7.403  -6.008  1.00 9.76  ? 183 GLU A O   1 
ATOM   87  C CB  . GLU A 1 12 ? 4.017   -6.770  -4.554  1.00 10.97 ? 183 GLU A CB  1 
ATOM   88  C CG  . GLU A 1 12 ? 4.290   -6.913  -6.057  1.00 14.08 ? 183 GLU A CG  1 
ATOM   89  C CD  . GLU A 1 12 ? 5.752   -6.956  -6.443  1.00 19.35 ? 183 GLU A CD  1 
ATOM   90  O OE1 . GLU A 1 12 ? 6.622   -6.544  -5.653  1.00 22.47 ? 183 GLU A OE1 1 
ATOM   91  O OE2 . GLU A 1 12 ? 6.033   -7.385  -7.575  1.00 21.58 ? 183 GLU A OE2 1 
ATOM   92  N N   . ALA A 1 13 ? 1.489   -8.658  -4.185  1.00 9.64  ? 184 ALA A N   1 
ATOM   93  C CA  . ALA A 1 13 ? 0.641   -9.732  -4.690  1.00 10.85 ? 184 ALA A CA  1 
ATOM   94  C C   . ALA A 1 13 ? -0.804  -9.261  -4.843  1.00 10.59 ? 184 ALA A C   1 
ATOM   95  O O   . ALA A 1 13 ? -1.488  -9.602  -5.822  1.00 11.33 ? 184 ALA A O   1 
ATOM   96  C CB  . ALA A 1 13 ? 0.714   -10.907 -3.725  1.00 11.86 ? 184 ALA A CB  1 
ATOM   97  N N   . LEU A 1 14 ? -1.277  -8.465  -3.883  1.00 10.84 ? 185 LEU A N   1 
ATOM   98  C CA  A LEU A 1 14 ? -2.620  -7.905  -3.977  0.71 11.47 ? 185 LEU A CA  1 
ATOM   99  C CA  B LEU A 1 14 ? -2.618  -7.901  -3.975  0.29 11.50 ? 185 LEU A CA  1 
ATOM   100 C C   . LEU A 1 14 ? -2.749  -6.987  -5.190  1.00 10.49 ? 185 LEU A C   1 
ATOM   101 O O   . LEU A 1 14 ? -3.740  -7.059  -5.933  1.00 11.81 ? 185 LEU A O   1 
ATOM   102 C CB  A LEU A 1 14 ? -2.955  -7.177  -2.670  0.71 13.12 ? 185 LEU A CB  1 
ATOM   103 C CB  B LEU A 1 14 ? -2.926  -7.136  -2.688  0.29 13.29 ? 185 LEU A CB  1 
ATOM   104 C CG  A LEU A 1 14 ? -4.166  -6.248  -2.534  0.71 15.13 ? 185 LEU A CG  1 
ATOM   105 C CG  B LEU A 1 14 ? -4.247  -6.378  -2.598  0.29 15.25 ? 185 LEU A CG  1 
ATOM   106 C CD1 A LEU A 1 14 ? -4.421  -6.010  -1.046  0.71 15.91 ? 185 LEU A CD1 1 
ATOM   107 C CD1 B LEU A 1 14 ? -5.392  -7.366  -2.552  0.29 16.00 ? 185 LEU A CD1 1 
ATOM   108 C CD2 A LEU A 1 14 ? -3.983  -4.899  -3.204  0.71 15.80 ? 185 LEU A CD2 1 
ATOM   109 C CD2 B LEU A 1 14 ? -4.269  -5.468  -1.364  0.29 16.07 ? 185 LEU A CD2 1 
ATOM   110 N N   . LEU A 1 15 ? -1.756  -6.127  -5.417  1.00 10.05 ? 186 LEU A N   1 
ATOM   111 C CA  . LEU A 1 15 ? -1.800  -5.234  -6.569  1.00 10.15 ? 186 LEU A CA  1 
ATOM   112 C C   . LEU A 1 15 ? -1.787  -6.008  -7.878  1.00 10.29 ? 186 LEU A C   1 
ATOM   113 O O   . LEU A 1 15 ? -2.485  -5.639  -8.835  1.00 10.08 ? 186 LEU A O   1 
ATOM   114 C CB  . LEU A 1 15 ? -0.610  -4.284  -6.519  1.00 10.48 ? 186 LEU A CB  1 
ATOM   115 C CG  . LEU A 1 15 ? -0.595  -3.344  -5.318  1.00 10.93 ? 186 LEU A CG  1 
ATOM   116 C CD1 . LEU A 1 15 ? 0.655   -2.481  -5.331  1.00 11.75 ? 186 LEU A CD1 1 
ATOM   117 C CD2 . LEU A 1 15 ? -1.885  -2.499  -5.248  1.00 11.51 ? 186 LEU A CD2 1 
ATOM   118 N N   . LYS A 1 16 ? -0.965  -7.061  -7.948  1.00 10.53 ? 187 LYS A N   1 
ATOM   119 C CA  . LYS A 1 16 ? -0.912  -7.861  -9.167  1.00 12.09 ? 187 LYS A CA  1 
ATOM   120 C C   . LYS A 1 16 ? -2.298  -8.399  -9.518  1.00 12.99 ? 187 LYS A C   1 
ATOM   121 O O   . LYS A 1 16 ? -2.735  -8.331  -10.679 1.00 14.70 ? 187 LYS A O   1 
ATOM   122 C CB  . LYS A 1 16 ? 0.120   -8.976  -8.991  1.00 15.24 ? 187 LYS A CB  1 
ATOM   123 C CG  . LYS A 1 16 ? 0.300   -9.827  -10.197 1.00 19.78 ? 187 LYS A CG  1 
ATOM   124 C CD  . LYS A 1 16 ? 1.528   -10.715 -10.049 1.00 22.66 ? 187 LYS A CD  1 
ATOM   125 C CE  . LYS A 1 16 ? 1.713   -11.603 -11.277 1.00 24.68 ? 187 LYS A CE  1 
ATOM   126 N NZ  . LYS A 1 16 ? 1.521   -10.898 -12.580 1.00 26.92 ? 187 LYS A NZ  1 
ATOM   127 N N   . ASN A 1 17 ? -3.029  -8.897  -8.525  1.00 12.76 ? 188 ASN A N   1 
ATOM   128 C CA  . ASN A 1 17 ? -4.385  -9.359  -8.807  1.00 14.70 ? 188 ASN A CA  1 
ATOM   129 C C   . ASN A 1 17 ? -5.282  -8.204  -9.234  1.00 14.31 ? 188 ASN A C   1 
ATOM   130 O O   . ASN A 1 17 ? -6.013  -8.299  -10.232 1.00 15.58 ? 188 ASN A O   1 
ATOM   131 C CB  . ASN A 1 17 ? -4.972  -10.026 -7.572  1.00 17.09 ? 188 ASN A CB  1 
ATOM   132 C CG  . ASN A 1 17 ? -6.445  -10.331 -7.748  1.00 19.99 ? 188 ASN A CG  1 
ATOM   133 O OD1 . ASN A 1 17 ? -6.799  -11.328 -8.360  1.00 22.54 ? 188 ASN A OD1 1 
ATOM   134 N ND2 . ASN A 1 17 ? -7.310  -9.455  -7.244  1.00 19.82 ? 188 ASN A ND2 1 
ATOM   135 N N   . ASN A 1 18 ? -5.233  -7.094  -8.488  1.00 14.05 ? 189 ASN A N   1 
ATOM   136 C CA  A ASN A 1 18 ? -6.135  -5.976  -8.754  0.70 14.33 ? 189 ASN A CA  1 
ATOM   137 C CA  B ASN A 1 18 ? -6.132  -5.971  -8.752  0.30 14.73 ? 189 ASN A CA  1 
ATOM   138 C C   . ASN A 1 18 ? -5.900  -5.353  -10.128 1.00 14.08 ? 189 ASN A C   1 
ATOM   139 O O   . ASN A 1 18 ? -6.847  -4.840  -10.748 1.00 15.84 ? 189 ASN A O   1 
ATOM   140 C CB  A ASN A 1 18 ? -5.961  -4.934  -7.655  0.70 16.69 ? 189 ASN A CB  1 
ATOM   141 C CB  B ASN A 1 18 ? -5.985  -4.899  -7.667  0.30 17.01 ? 189 ASN A CB  1 
ATOM   142 C CG  A ASN A 1 18 ? -7.002  -3.847  -7.708  0.70 18.98 ? 189 ASN A CG  1 
ATOM   143 C CG  B ASN A 1 18 ? -6.722  -5.248  -6.374  0.30 19.53 ? 189 ASN A CG  1 
ATOM   144 O OD1 A ASN A 1 18 ? -8.071  -3.977  -7.132  0.70 20.56 ? 189 ASN A OD1 1 
ATOM   145 O OD1 B ASN A 1 18 ? -6.144  -5.809  -5.443  0.30 21.20 ? 189 ASN A OD1 1 
ATOM   146 N ND2 A ASN A 1 18 ? -6.676  -2.750  -8.355  0.70 19.18 ? 189 ASN A ND2 1 
ATOM   147 N ND2 B ASN A 1 18 ? -7.994  -4.886  -6.301  0.30 19.86 ? 189 ASN A ND2 1 
ATOM   148 N N   . PHE A 1 19 ? -4.657  -5.377  -10.624 1.00 12.54 ? 190 PHE A N   1 
ATOM   149 C CA  A PHE A 1 19 ? -4.290  -4.757  -11.891 0.54 12.49 ? 190 PHE A CA  1 
ATOM   150 C CA  B PHE A 1 19 ? -4.315  -4.760  -11.899 0.46 13.21 ? 190 PHE A CA  1 
ATOM   151 C C   . PHE A 1 19 ? -4.146  -5.777  -13.011 1.00 13.00 ? 190 PHE A C   1 
ATOM   152 O O   . PHE A 1 19 ? -3.411  -5.531  -13.977 1.00 12.86 ? 190 PHE A O   1 
ATOM   153 C CB  A PHE A 1 19 ? -3.008  -3.936  -11.762 0.54 12.75 ? 190 PHE A CB  1 
ATOM   154 C CB  B PHE A 1 19 ? -3.096  -3.854  -11.762 0.46 14.72 ? 190 PHE A CB  1 
ATOM   155 C CG  A PHE A 1 19 ? -3.033  -2.923  -10.655 0.54 12.68 ? 190 PHE A CG  1 
ATOM   156 C CG  B PHE A 1 19 ? -3.310  -2.759  -10.788 0.46 15.98 ? 190 PHE A CG  1 
ATOM   157 C CD1 A PHE A 1 19 ? -4.221  -2.387  -10.179 0.54 12.62 ? 190 PHE A CD1 1 
ATOM   158 C CD1 B PHE A 1 19 ? -4.250  -1.787  -11.040 0.46 16.66 ? 190 PHE A CD1 1 
ATOM   159 C CD2 A PHE A 1 19 ? -1.843  -2.504  -10.084 0.54 12.37 ? 190 PHE A CD2 1 
ATOM   160 C CD2 B PHE A 1 19 ? -2.607  -2.719  -9.596  0.46 16.94 ? 190 PHE A CD2 1 
ATOM   161 C CE1 A PHE A 1 19 ? -4.206  -1.440  -9.141  0.54 12.15 ? 190 PHE A CE1 1 
ATOM   162 C CE1 B PHE A 1 19 ? -4.475  -0.798  -10.133 0.46 17.29 ? 190 PHE A CE1 1 
ATOM   163 C CE2 A PHE A 1 19 ? -1.824  -1.571  -9.066  0.54 12.32 ? 190 PHE A CE2 1 
ATOM   164 C CE2 B PHE A 1 19 ? -2.826  -1.719  -8.690  0.46 17.60 ? 190 PHE A CE2 1 
ATOM   165 C CZ  A PHE A 1 19 ? -3.011  -1.038  -8.588  0.54 12.39 ? 190 PHE A CZ  1 
ATOM   166 C CZ  B PHE A 1 19 ? -3.761  -0.759  -8.957  0.46 17.53 ? 190 PHE A CZ  1 
ATOM   167 N N   . GLU A 1 20 ? -4.822  -6.911  -12.907 1.00 13.16 ? 191 GLU A N   1 
ATOM   168 C CA  . GLU A 1 20 ? -4.881  -7.862  -14.024 1.00 14.33 ? 191 GLU A CA  1 
ATOM   169 C C   . GLU A 1 20 ? -3.482  -8.317  -14.435 1.00 14.00 ? 191 GLU A C   1 
ATOM   170 O O   . GLU A 1 20 ? -3.191  -8.513  -15.619 1.00 14.07 ? 191 GLU A O   1 
ATOM   171 C CB  . GLU A 1 20 ? -5.669  -7.289  -15.218 1.00 15.72 ? 191 GLU A CB  1 
ATOM   172 C CG  . GLU A 1 20 ? -7.004  -6.635  -14.777 1.00 17.24 ? 191 GLU A CG  1 
ATOM   173 C CD  . GLU A 1 20 ? -7.769  -5.862  -15.873 1.00 18.42 ? 191 GLU A CD  1 
ATOM   174 O OE1 . GLU A 1 20 ? -7.169  -5.046  -16.603 1.00 20.60 ? 191 GLU A OE1 1 
ATOM   175 O OE2 . GLU A 1 20 ? -8.998  -6.045  -15.976 1.00 17.80 ? 191 GLU A OE2 1 
ATOM   176 N N   . ASN A 1 21 ? -2.595  -8.451  -13.448 1.00 13.95 ? 192 ASN A N   1 
ATOM   177 C CA  . ASN A 1 21 ? -1.240  -8.949  -13.670 1.00 15.61 ? 192 ASN A CA  1 
ATOM   178 C C   . ASN A 1 21 ? -0.393  -8.028  -14.542 1.00 14.97 ? 192 ASN A C   1 
ATOM   179 O O   . ASN A 1 21 ? 0.600   -8.468  -15.132 1.00 17.15 ? 192 ASN A O   1 
ATOM   180 C CB  . ASN A 1 21 ? -1.242  -10.390 -14.198 1.00 19.33 ? 192 ASN A CB  1 
ATOM   181 C CG  . ASN A 1 21 ? -2.011  -11.317 -13.292 1.00 23.91 ? 192 ASN A CG  1 
ATOM   182 O OD1 . ASN A 1 21 ? -1.524  -11.689 -12.224 1.00 25.90 ? 192 ASN A OD1 1 
ATOM   183 N ND2 . ASN A 1 21 ? -3.231  -11.682 -13.699 1.00 25.43 ? 192 ASN A ND2 1 
ATOM   184 N N   . ASP A 1 22 ? -0.737  -6.744  -14.598 1.00 12.55 ? 193 ASP A N   1 
ATOM   185 C CA  A ASP A 1 22 ? -0.042  -5.736  -15.403 0.58 12.37 ? 193 ASP A CA  1 
ATOM   186 C CA  B ASP A 1 22 ? 0.016   -5.823  -15.424 0.42 12.05 ? 193 ASP A CA  1 
ATOM   187 C C   . ASP A 1 22 ? 1.247   -5.359  -14.674 1.00 11.08 ? 193 ASP A C   1 
ATOM   188 O O   . ASP A 1 22 ? 1.175   -4.643  -13.664 1.00 11.94 ? 193 ASP A O   1 
ATOM   189 C CB  A ASP A 1 22 ? -0.986  -4.527  -15.487 0.58 12.93 ? 193 ASP A CB  1 
ATOM   190 C CB  B ASP A 1 22 ? -0.781  -4.635  -15.920 0.42 12.15 ? 193 ASP A CB  1 
ATOM   191 C CG  A ASP A 1 22 ? -0.469  -3.361  -16.360 0.58 13.02 ? 193 ASP A CG  1 
ATOM   192 C CG  B ASP A 1 22 ? 0.042   -3.806  -16.848 0.42 12.34 ? 193 ASP A CG  1 
ATOM   193 O OD1 A ASP A 1 22 ? 0.749   -3.222  -16.561 0.58 12.17 ? 193 ASP A OD1 1 
ATOM   194 O OD1 B ASP A 1 22 ? 0.338   -2.645  -16.525 0.42 12.64 ? 193 ASP A OD1 1 
ATOM   195 O OD2 A ASP A 1 22 ? -1.307  -2.537  -16.820 0.58 15.15 ? 193 ASP A OD2 1 
ATOM   196 O OD2 B ASP A 1 22 ? 0.471   -4.376  -17.870 0.42 12.70 ? 193 ASP A OD2 1 
ATOM   197 N N   . GLN A 1 23 ? 2.403   -5.806  -15.178 1.00 10.10 ? 194 GLN A N   1 
ATOM   198 C CA  . GLN A 1 23 ? 3.671   -5.494  -14.519 1.00 10.47 ? 194 GLN A CA  1 
ATOM   199 C C   . GLN A 1 23 ? 3.889   -3.998  -14.401 1.00 9.26  ? 194 GLN A C   1 
ATOM   200 O O   . GLN A 1 23 ? 4.374   -3.518  -13.373 1.00 9.20  ? 194 GLN A O   1 
ATOM   201 C CB  . GLN A 1 23 ? 4.845   -6.094  -15.303 1.00 11.82 ? 194 GLN A CB  1 
ATOM   202 C CG  . GLN A 1 23 ? 5.000   -7.643  -15.221 1.00 16.13 ? 194 GLN A CG  1 
ATOM   203 C CD  . GLN A 1 23 ? 3.929   -8.385  -15.990 1.00 19.99 ? 194 GLN A CD  1 
ATOM   204 O OE1 . GLN A 1 23 ? 3.299   -7.837  -16.893 1.00 21.11 ? 194 GLN A OE1 1 
ATOM   205 N NE2 . GLN A 1 23 ? 3.731   -9.647  -15.647 1.00 21.97 ? 194 GLN A NE2 1 
ATOM   206 N N   . ALA A 1 24 ? 3.588   -3.255  -15.463 1.00 8.67  ? 195 ALA A N   1 
ATOM   207 C CA  . ALA A 1 24 ? 3.867   -1.826  -15.462 1.00 8.67  ? 195 ALA A CA  1 
ATOM   208 C C   . ALA A 1 24 ? 3.073   -1.125  -14.374 1.00 7.86  ? 195 ALA A C   1 
ATOM   209 O O   . ALA A 1 24 ? 3.588   -0.226  -13.699 1.00 8.04  ? 195 ALA A O   1 
ATOM   210 C CB  . ALA A 1 24 ? 3.558   -1.221  -16.837 1.00 9.40  ? 195 ALA A CB  1 
ATOM   211 N N   . ALA A 1 25 ? 1.806   -1.509  -14.207 1.00 7.76  ? 196 ALA A N   1 
ATOM   212 C CA  . ALA A 1 25 ? 0.964   -0.885  -13.199 1.00 8.96  ? 196 ALA A CA  1 
ATOM   213 C C   . ALA A 1 25 ? 1.459   -1.237  -11.805 1.00 8.35  ? 196 ALA A C   1 
ATOM   214 O O   . ALA A 1 25 ? 1.507   -0.378  -10.918 1.00 9.37  ? 196 ALA A O   1 
ATOM   215 C CB  . ALA A 1 25 ? -0.489  -1.344  -13.367 1.00 10.85 ? 196 ALA A CB  1 
ATOM   216 N N   . VAL A 1 26 ? 1.768   -2.512  -11.579 1.00 8.11  ? 197 VAL A N   1 
ATOM   217 C CA  . VAL A 1 26 ? 2.253   -2.927  -10.270 1.00 8.77  ? 197 VAL A CA  1 
ATOM   218 C C   . VAL A 1 26 ? 3.513   -2.153  -9.928  1.00 8.37  ? 197 VAL A C   1 
ATOM   219 O O   . VAL A 1 26 ? 3.665   -1.640  -8.812  1.00 8.46  ? 197 VAL A O   1 
ATOM   220 C CB  . VAL A 1 26 ? 2.499   -4.444  -10.247 1.00 10.61 ? 197 VAL A CB  1 
ATOM   221 C CG1 . VAL A 1 26 ? 3.231   -4.869  -8.937  1.00 11.89 ? 197 VAL A CG1 1 
ATOM   222 C CG2 . VAL A 1 26 ? 1.206   -5.212  -10.436 1.00 11.16 ? 197 VAL A CG2 1 
ATOM   223 N N   . ARG A 1 27 ? 4.428   -2.015  -10.897 1.00 7.64  ? 198 ARG A N   1 
ATOM   224 C CA  A ARG A 1 27 ? 5.653   -1.256  -10.649 0.58 8.38  ? 198 ARG A CA  1 
ATOM   225 C CA  B ARG A 1 27 ? 5.648   -1.260  -10.644 0.42 8.46  ? 198 ARG A CA  1 
ATOM   226 C C   . ARG A 1 27 ? 5.335   0.186   -10.284 1.00 8.32  ? 198 ARG A C   1 
ATOM   227 O O   . ARG A 1 27 ? 5.887   0.730   -9.324  1.00 8.19  ? 198 ARG A O   1 
ATOM   228 C CB  A ARG A 1 27 ? 6.601   -1.303  -11.851 0.58 8.97  ? 198 ARG A CB  1 
ATOM   229 C CB  B ARG A 1 27 ? 6.569   -1.314  -11.855 0.42 9.18  ? 198 ARG A CB  1 
ATOM   230 C CG  A ARG A 1 27 ? 7.877   -0.470  -11.600 0.58 10.18 ? 198 ARG A CG  1 
ATOM   231 C CG  B ARG A 1 27 ? 7.645   -0.275  -11.734 0.42 10.22 ? 198 ARG A CG  1 
ATOM   232 C CD  A ARG A 1 27 ? 8.868   -0.437  -12.754 0.58 10.99 ? 198 ARG A CD  1 
ATOM   233 C CD  B ARG A 1 27 ? 8.671   -0.369  -12.811 0.42 10.61 ? 198 ARG A CD  1 
ATOM   234 N NE  A ARG A 1 27 ? 8.388   0.411   -13.840 0.58 11.12 ? 198 ARG A NE  1 
ATOM   235 N NE  B ARG A 1 27 ? 9.638   0.693   -12.616 0.42 10.31 ? 198 ARG A NE  1 
ATOM   236 C CZ  A ARG A 1 27 ? 8.586   1.723   -13.910 0.58 12.49 ? 198 ARG A CZ  1 
ATOM   237 C CZ  B ARG A 1 27 ? 9.469   1.934   -13.056 0.42 10.04 ? 198 ARG A CZ  1 
ATOM   238 N NH1 A ARG A 1 27 ? 9.274   2.349   -12.960 0.58 12.91 ? 198 ARG A NH1 1 
ATOM   239 N NH1 B ARG A 1 27 ? 8.381   2.257   -13.744 0.42 9.74  ? 198 ARG A NH1 1 
ATOM   240 N NH2 A ARG A 1 27 ? 8.099   2.408   -14.935 0.58 14.21 ? 198 ARG A NH2 1 
ATOM   241 N NH2 B ARG A 1 27 ? 10.396  2.850   -12.831 0.42 9.91  ? 198 ARG A NH2 1 
ATOM   242 N N   . GLN A 1 28 ? 4.457   0.834   -11.059 1.00 8.06  ? 199 GLN A N   1 
ATOM   243 C CA  . GLN A 1 28 ? 4.136   2.235   -10.800 1.00 8.78  ? 199 GLN A CA  1 
ATOM   244 C C   . GLN A 1 28 ? 3.662   2.423   -9.363  1.00 8.13  ? 199 GLN A C   1 
ATOM   245 O O   . GLN A 1 28 ? 4.091   3.350   -8.657  1.00 8.77  ? 199 GLN A O   1 
ATOM   246 C CB  . GLN A 1 28 ? 3.054   2.718   -11.771 1.00 9.72  ? 199 GLN A CB  1 
ATOM   247 C CG  . GLN A 1 28 ? 2.752   4.185   -11.554 1.00 11.63 ? 199 GLN A CG  1 
ATOM   248 C CD  . GLN A 1 28 ? 1.658   4.673   -12.459 1.00 12.89 ? 199 GLN A CD  1 
ATOM   249 O OE1 . GLN A 1 28 ? 0.525   4.189   -12.408 1.00 13.80 ? 199 GLN A OE1 1 
ATOM   250 N NE2 . GLN A 1 28 ? 1.988   5.627   -13.304 1.00 15.13 ? 199 GLN A NE2 1 
ATOM   251 N N   . VAL A 1 29 ? 2.743   1.563   -8.928  1.00 7.61  ? 200 VAL A N   1 
ATOM   252 C CA  . VAL A 1 29 ? 2.131   1.726   -7.621  1.00 7.92  ? 200 VAL A CA  1 
ATOM   253 C C   . VAL A 1 29 ? 3.113   1.359   -6.521  1.00 8.09  ? 200 VAL A C   1 
ATOM   254 O O   . VAL A 1 29 ? 3.207   2.063   -5.510  1.00 8.65  ? 200 VAL A O   1 
ATOM   255 C CB  . VAL A 1 29 ? 0.803   0.943   -7.551  1.00 8.82  ? 200 VAL A CB  1 
ATOM   256 C CG1 . VAL A 1 29 ? 0.207   0.999   -6.136  1.00 9.63  ? 200 VAL A CG1 1 
ATOM   257 C CG2 . VAL A 1 29 ? -0.170  1.483   -8.603  1.00 10.24 ? 200 VAL A CG2 1 
ATOM   258 N N   . MET A 1 30 ? 3.866   0.268   -6.694  1.00 7.65  ? 201 MET A N   1 
ATOM   259 C CA  . MET A 1 30 ? 4.847   -0.095  -5.671  1.00 7.63  ? 201 MET A CA  1 
ATOM   260 C C   . MET A 1 30 ? 5.912   0.977   -5.519  1.00 6.95  ? 201 MET A C   1 
ATOM   261 O O   . MET A 1 30 ? 6.361   1.250   -4.396  1.00 8.20  ? 201 MET A O   1 
ATOM   262 C CB  . MET A 1 30 ? 5.503   -1.431  -6.022  1.00 8.13  ? 201 MET A CB  1 
ATOM   263 C CG  . MET A 1 30 ? 4.586   -2.618  -5.855  1.00 9.42  ? 201 MET A CG  1 
ATOM   264 S SD  . MET A 1 30 ? 4.024   -2.943  -4.164  1.00 12.21 ? 201 MET A SD  1 
ATOM   265 C CE  . MET A 1 30 ? 5.560   -3.482  -3.407  1.00 13.42 ? 201 MET A CE  1 
ATOM   266 N N   . GLU A 1 31 ? 6.342   1.573   -6.638  1.00 6.90  ? 202 GLU A N   1 
ATOM   267 C CA  A GLU A 1 31 ? 7.341   2.641   -6.596  0.60 7.57  ? 202 GLU A CA  1 
ATOM   268 C CA  B GLU A 1 31 ? 7.350   2.626   -6.571  0.40 8.06  ? 202 GLU A CA  1 
ATOM   269 C C   . GLU A 1 31 ? 6.842   3.819   -5.774  1.00 7.95  ? 202 GLU A C   1 
ATOM   270 O O   . GLU A 1 31 ? 7.540   4.322   -4.893  1.00 8.05  ? 202 GLU A O   1 
ATOM   271 C CB  A GLU A 1 31 ? 7.653   3.103   -8.020  0.60 9.23  ? 202 GLU A CB  1 
ATOM   272 C CB  B GLU A 1 31 ? 7.770   3.054   -7.973  0.40 9.91  ? 202 GLU A CB  1 
ATOM   273 C CG  A GLU A 1 31 ? 8.509   2.137   -8.780  0.60 11.06 ? 202 GLU A CG  1 
ATOM   274 C CG  B GLU A 1 31 ? 8.942   3.995   -7.966  0.40 11.90 ? 202 GLU A CG  1 
ATOM   275 C CD  A GLU A 1 31 ? 9.952   2.389   -8.533  0.60 14.23 ? 202 GLU A CD  1 
ATOM   276 C CD  B GLU A 1 31 ? 9.407   4.340   -9.363  0.40 13.68 ? 202 GLU A CD  1 
ATOM   277 O OE1 A GLU A 1 31 ? 10.295  3.551   -8.231  0.60 16.23 ? 202 GLU A OE1 1 
ATOM   278 O OE1 B GLU A 1 31 ? 9.448   5.548   -9.695  0.40 15.26 ? 202 GLU A OE1 1 
ATOM   279 O OE2 A GLU A 1 31 ? 10.738  1.430   -8.639  0.60 15.23 ? 202 GLU A OE2 1 
ATOM   280 O OE2 B GLU A 1 31 ? 9.730   3.405   -10.125 0.40 14.86 ? 202 GLU A OE2 1 
ATOM   281 N N   . ARG A 1 32 ? 5.625   4.277   -6.065  1.00 7.94  ? 203 ARG A N   1 
ATOM   282 C CA  . ARG A 1 32 ? 5.117   5.474   -5.408  1.00 7.82  ? 203 ARG A CA  1 
ATOM   283 C C   . ARG A 1 32 ? 4.772   5.196   -3.953  1.00 7.80  ? 203 ARG A C   1 
ATOM   284 O O   . ARG A 1 32 ? 5.003   6.051   -3.087  1.00 8.52  ? 203 ARG A O   1 
ATOM   285 C CB  . ARG A 1 32 ? 3.914   6.013   -6.179  1.00 8.06  ? 203 ARG A CB  1 
ATOM   286 C CG  . ARG A 1 32 ? 3.409   7.338   -5.646  1.00 8.53  ? 203 ARG A CG  1 
ATOM   287 C CD  . ARG A 1 32 ? 2.440   7.918   -6.621  1.00 9.87  ? 203 ARG A CD  1 
ATOM   288 N NE  . ARG A 1 32 ? 1.826   9.120   -6.068  1.00 11.28 ? 203 ARG A NE  1 
ATOM   289 C CZ  . ARG A 1 32 ? 0.978   9.891   -6.732  1.00 12.75 ? 203 ARG A CZ  1 
ATOM   290 N NH1 . ARG A 1 32 ? 0.628   9.599   -7.981  1.00 14.08 ? 203 ARG A NH1 1 
ATOM   291 N NH2 . ARG A 1 32 ? 0.477   10.966  -6.139  1.00 13.31 ? 203 ARG A NH2 1 
ATOM   292 N N   . LEU A 1 33 ? 4.246   4.000   -3.653  1.00 7.61  ? 204 LEU A N   1 
ATOM   293 C CA  . LEU A 1 33 ? 3.962   3.674   -2.254  1.00 7.46  ? 204 LEU A CA  1 
ATOM   294 C C   . LEU A 1 33 ? 5.220   3.674   -1.411  1.00 7.33  ? 204 LEU A C   1 
ATOM   295 O O   . LEU A 1 33 ? 5.198   4.151   -0.272  1.00 7.66  ? 204 LEU A O   1 
ATOM   296 C CB  . LEU A 1 33 ? 3.278   2.324   -2.108  1.00 8.43  ? 204 LEU A CB  1 
ATOM   297 C CG  . LEU A 1 33 ? 1.822   2.206   -2.547  1.00 9.60  ? 204 LEU A CG  1 
ATOM   298 C CD1 . LEU A 1 33 ? 1.415   0.753   -2.551  1.00 10.97 ? 204 LEU A CD1 1 
ATOM   299 C CD2 . LEU A 1 33 ? 0.904   3.032   -1.635  1.00 9.75  ? 204 LEU A CD2 1 
ATOM   300 N N   . GLN A 1 34 ? 6.312   3.097   -1.930  1.00 7.51  ? 205 GLN A N   1 
ATOM   301 C CA  . GLN A 1 34 ? 7.517   3.040   -1.114  1.00 8.39  ? 205 GLN A CA  1 
ATOM   302 C C   . GLN A 1 34 ? 8.265   4.371   -1.067  1.00 8.06  ? 205 GLN A C   1 
ATOM   303 O O   . GLN A 1 34 ? 8.843   4.714   -0.024  1.00 9.24  ? 205 GLN A O   1 
ATOM   304 C CB  . GLN A 1 34 ? 8.406   1.893   -1.577  1.00 8.36  ? 205 GLN A CB  1 
ATOM   305 C CG  . GLN A 1 34 ? 7.793   0.580   -1.241  1.00 9.81  ? 205 GLN A CG  1 
ATOM   306 C CD  . GLN A 1 34 ? 8.482   -0.564  -1.888  1.00 11.03 ? 205 GLN A CD  1 
ATOM   307 O OE1 . GLN A 1 34 ? 8.090   -1.028  -2.971  1.00 14.13 ? 205 GLN A OE1 1 
ATOM   308 N NE2 . GLN A 1 34 ? 9.531   -1.016  -1.266  1.00 10.90 ? 205 GLN A NE2 1 
ATOM   309 N N   . LYS A 1 35 ? 8.302   5.111   -2.184  1.00 8.38  ? 206 LYS A N   1 
ATOM   310 C CA  . LYS A 1 35 ? 8.829   6.478   -2.160  1.00 9.38  ? 206 LYS A CA  1 
ATOM   311 C C   . LYS A 1 35 ? 8.074   7.309   -1.134  1.00 10.30 ? 206 LYS A C   1 
ATOM   312 O O   . LYS A 1 35 ? 8.672   7.984   -0.291  1.00 10.90 ? 206 LYS A O   1 
ATOM   313 C CB  . LYS A 1 35 ? 8.727   7.095   -3.562  1.00 12.07 ? 206 LYS A CB  1 
ATOM   314 C CG  . LYS A 1 35 ? 9.234   8.541   -3.673  1.00 15.49 ? 206 LYS A CG  1 
ATOM   315 C CD  . LYS A 1 35 ? 8.946   9.176   -5.060  1.00 19.65 ? 206 LYS A CD  1 
ATOM   316 C CE  . LYS A 1 35 ? 9.042   10.727  -5.011  1.00 23.08 ? 206 LYS A CE  1 
ATOM   317 N NZ  . LYS A 1 35 ? 8.769   11.486  -6.288  1.00 25.72 ? 206 LYS A NZ  1 
ATOM   318 N N   . GLY A 1 36 ? 6.745   7.232   -1.168  1.00 9.22  ? 207 GLY A N   1 
ATOM   319 C CA  . GLY A 1 36 ? 5.936   7.983   -0.231  1.00 9.71  ? 207 GLY A CA  1 
ATOM   320 C C   . GLY A 1 36 ? 6.164   7.563   1.204   1.00 9.84  ? 207 GLY A C   1 
ATOM   321 O O   . GLY A 1 36 ? 6.243   8.408   2.096   1.00 10.70 ? 207 GLY A O   1 
ATOM   322 N N   . TRP A 1 37 ? 6.294   6.261   1.449   1.00 10.11 ? 208 TRP A N   1 
ATOM   323 C CA  . TRP A 1 37 ? 6.523   5.802   2.818   1.00 10.40 ? 208 TRP A CA  1 
ATOM   324 C C   . TRP A 1 37 ? 7.801   6.405   3.379   1.00 11.88 ? 208 TRP A C   1 
ATOM   325 O O   . TRP A 1 37 ? 7.830   6.907   4.508   1.00 12.82 ? 208 TRP A O   1 
ATOM   326 C CB  . TRP A 1 37 ? 6.619   4.280   2.863   1.00 11.04 ? 208 TRP A CB  1 
ATOM   327 C CG  . TRP A 1 37 ? 6.834   3.808   4.265   1.00 11.03 ? 208 TRP A CG  1 
ATOM   328 C CD1 . TRP A 1 37 ? 8.030   3.659   4.915   1.00 12.83 ? 208 TRP A CD1 1 
ATOM   329 C CD2 . TRP A 1 37 ? 5.813   3.453   5.216   1.00 10.79 ? 208 TRP A CD2 1 
ATOM   330 N NE1 . TRP A 1 37 ? 7.807   3.234   6.210   1.00 13.06 ? 208 TRP A NE1 1 
ATOM   331 C CE2 . TRP A 1 37 ? 6.460   3.095   6.415   1.00 12.09 ? 208 TRP A CE2 1 
ATOM   332 C CE3 . TRP A 1 37 ? 4.419   3.410   5.166   1.00 10.95 ? 208 TRP A CE3 1 
ATOM   333 C CZ2 . TRP A 1 37 ? 5.762   2.675   7.541   1.00 11.53 ? 208 TRP A CZ2 1 
ATOM   334 C CZ3 . TRP A 1 37 ? 3.723   3.038   6.293   1.00 10.83 ? 208 TRP A CZ3 1 
ATOM   335 C CH2 . TRP A 1 37 ? 4.391   2.659   7.465   1.00 10.78 ? 208 TRP A CH2 1 
ATOM   336 N N   . SER A 1 38 ? 8.883   6.328   2.601   1.00 12.22 ? 209 SER A N   1 
ATOM   337 C CA  . SER A 1 38 ? 10.162  6.846   3.053   1.00 14.57 ? 209 SER A CA  1 
ATOM   338 C C   . SER A 1 38 ? 10.120  8.356   3.241   1.00 14.18 ? 209 SER A C   1 
ATOM   339 O O   . SER A 1 38 ? 10.783  8.880   4.135   1.00 14.49 ? 209 SER A O   1 
ATOM   340 C CB  . SER A 1 38 ? 11.235  6.426   2.053   1.00 18.15 ? 209 SER A CB  1 
ATOM   341 O OG  . SER A 1 38 ? 12.439  7.094   2.336   1.00 21.78 ? 209 SER A OG  1 
ATOM   342 N N   . LEU A 1 39 ? 9.357   9.072   2.417   1.00 13.87 ? 210 LEU A N   1 
ATOM   343 C CA  . LEU A 1 39 ? 9.227   10.522  2.571   1.00 14.39 ? 210 LEU A CA  1 
ATOM   344 C C   . LEU A 1 39 ? 8.399   10.879  3.795   1.00 13.99 ? 210 LEU A C   1 
ATOM   345 O O   . LEU A 1 39 ? 8.781   11.739  4.598   1.00 14.43 ? 210 LEU A O   1 
ATOM   346 C CB  . LEU A 1 39 ? 8.529   11.101  1.341   1.00 16.85 ? 210 LEU A CB  1 
ATOM   347 C CG  . LEU A 1 39 ? 9.267   11.532  0.092   1.00 18.18 ? 210 LEU A CG  1 
ATOM   348 C CD1 . LEU A 1 39 ? 8.216   12.022  -0.892  1.00 19.02 ? 210 LEU A CD1 1 
ATOM   349 C CD2 . LEU A 1 39 ? 10.251  12.645  0.432   1.00 18.03 ? 210 LEU A CD2 1 
ATOM   350 N N   . ALA A 1 40 ? 7.225   10.262  3.922   1.00 11.39 ? 211 ALA A N   1 
ATOM   351 C CA  . ALA A 1 40 ? 6.272   10.633  4.955   1.00 11.47 ? 211 ALA A CA  1 
ATOM   352 C C   . ALA A 1 40 ? 6.819   10.253  6.319   1.00 14.48 ? 211 ALA A C   1 
ATOM   353 O O   . ALA A 1 40 ? 7.553   9.269   6.479   1.00 21.91 ? 211 ALA A O   1 
ATOM   354 C CB  . ALA A 1 40 ? 4.963   9.873   4.753   1.00 13.96 ? 211 ALA A CB  1 
ATOM   355 N N   . LYS A 1 41 ? 6.465   11.045  7.310   1.00 18.23 ? 212 LYS A N   1 
ATOM   356 C CA  . LYS A 1 41 ? 6.736   10.644  8.671   1.00 23.20 ? 212 LYS A CA  1 
ATOM   357 C C   . LYS A 1 41 ? 5.442   10.181  9.333   1.00 29.58 ? 212 LYS A C   1 
ATOM   358 O O   . LYS A 1 41 ? 4.355   10.580  8.888   1.00 24.11 ? 212 LYS A O   1 
ATOM   359 C CB  . LYS A 1 41 ? 7.414   11.783  9.417   1.00 23.62 ? 212 LYS A CB  1 
ATOM   360 C CG  . LYS A 1 41 ? 8.789   12.073  8.841   1.00 21.67 ? 212 LYS A CG  1 
ATOM   361 C CD  . LYS A 1 41 ? 9.430   13.295  9.470   1.00 32.00 ? 212 LYS A CD  1 
ATOM   362 C CE  . LYS A 1 41 ? 10.734  13.652  8.770   1.00 29.74 ? 212 LYS A CE  1 
ATOM   363 N NZ  . LYS A 1 41 ? 11.797  12.615  8.923   1.00 50.62 ? 212 LYS A NZ  1 
ATOM   364 O OXT . LYS A 1 41 ? 5.464   9.378   10.276  1.00 27.22 ? 212 LYS A OXT 1 
ATOM   365 N N   . SER B 1 1  ? -9.358  15.671  -4.388  1.00 58.79 ? 172 SER B N   1 
ATOM   366 C CA  . SER B 1 1  ? -8.162  15.241  -5.096  1.00 41.87 ? 172 SER B CA  1 
ATOM   367 C C   . SER B 1 1  ? -7.462  14.081  -4.387  1.00 25.61 ? 172 SER B C   1 
ATOM   368 O O   . SER B 1 1  ? -6.488  13.535  -4.913  1.00 28.12 ? 172 SER B O   1 
ATOM   369 C CB  . SER B 1 1  ? -7.190  16.413  -5.281  1.00 50.91 ? 172 SER B CB  1 
ATOM   370 O OG  . SER B 1 1  ? -6.694  16.879  -4.033  1.00 44.74 ? 172 SER B OG  1 
ATOM   371 N N   . VAL B 1 2  ? -7.957  13.686  -3.210  1.00 16.97 ? 173 VAL B N   1 
ATOM   372 C CA  . VAL B 1 2  ? -7.312  12.598  -2.476  1.00 18.78 ? 173 VAL B CA  1 
ATOM   373 C C   . VAL B 1 2  ? -7.445  11.309  -3.279  1.00 16.72 ? 173 VAL B C   1 
ATOM   374 O O   . VAL B 1 2  ? -8.524  10.997  -3.816  1.00 19.21 ? 173 VAL B O   1 
ATOM   375 C CB  . VAL B 1 2  ? -7.912  12.458  -1.062  1.00 16.09 ? 173 VAL B CB  1 
ATOM   376 C CG1 . VAL B 1 2  ? -9.351  11.962  -1.105  1.00 33.53 ? 173 VAL B CG1 1 
ATOM   377 C CG2 . VAL B 1 2  ? -7.060  11.539  -0.186  1.00 27.12 ? 173 VAL B CG2 1 
ATOM   378 N N   . ASP B 1 3  ? -6.359  10.537  -3.356  1.00 14.74 ? 174 ASP B N   1 
ATOM   379 C CA  . ASP B 1 3  ? -6.369  9.381   -4.248  1.00 13.24 ? 174 ASP B CA  1 
ATOM   380 C C   . ASP B 1 3  ? -7.323  8.295   -3.743  1.00 13.82 ? 174 ASP B C   1 
ATOM   381 O O   . ASP B 1 3  ? -7.294  7.907   -2.565  1.00 17.02 ? 174 ASP B O   1 
ATOM   382 C CB  . ASP B 1 3  ? -4.973  8.796   -4.393  1.00 19.13 ? 174 ASP B CB  1 
ATOM   383 C CG  . ASP B 1 3  ? -4.957  7.589   -5.301  1.00 29.82 ? 174 ASP B CG  1 
ATOM   384 O OD1 . ASP B 1 3  ? -4.663  7.779   -6.501  1.00 27.62 ? 174 ASP B OD1 1 
ATOM   385 O OD2 . ASP B 1 3  ? -5.276  6.468   -4.826  1.00 16.10 ? 174 ASP B OD2 1 
ATOM   386 N N   . LEU B 1 4  ? -8.160  7.796   -4.657  1.00 13.11 ? 175 LEU B N   1 
ATOM   387 C CA  . LEU B 1 4  ? -9.101  6.744   -4.360  1.00 13.87 ? 175 LEU B CA  1 
ATOM   388 C C   . LEU B 1 4  ? -8.925  5.494   -5.208  1.00 14.80 ? 175 LEU B C   1 
ATOM   389 O O   . LEU B 1 4  ? -9.569  4.483   -4.919  1.00 15.67 ? 175 LEU B O   1 
ATOM   390 C CB  . LEU B 1 4  ? -10.512 7.266   -4.604  1.00 11.51 ? 175 LEU B CB  1 
ATOM   391 C CG  . LEU B 1 4  ? -10.886 8.543   -3.883  1.00 17.22 ? 175 LEU B CG  1 
ATOM   392 C CD1 . LEU B 1 4  ? -12.275 8.934   -4.282  1.00 20.61 ? 175 LEU B CD1 1 
ATOM   393 C CD2 . LEU B 1 4  ? -10.814 8.312   -2.414  1.00 17.23 ? 175 LEU B CD2 1 
ATOM   394 N N   . THR B 1 5  ? -8.089  5.524   -6.243  1.00 14.47 ? 176 THR B N   1 
ATOM   395 C CA  . THR B 1 5  ? -8.017  4.420   -7.199  1.00 15.68 ? 176 THR B CA  1 
ATOM   396 C C   . THR B 1 5  ? -7.000  3.335   -6.856  1.00 14.61 ? 176 THR B C   1 
ATOM   397 O O   . THR B 1 5  ? -7.117  2.219   -7.376  1.00 16.07 ? 176 THR B O   1 
ATOM   398 C CB  . THR B 1 5  ? -7.687  4.939   -8.585  1.00 18.27 ? 176 THR B CB  1 
ATOM   399 O OG1 . THR B 1 5  ? -6.523  5.768   -8.524  1.00 25.13 ? 176 THR B OG1 1 
ATOM   400 C CG2 . THR B 1 5  ? -8.844  5.741   -9.110  1.00 26.94 ? 176 THR B CG2 1 
ATOM   401 N N   . VAL B 1 6  ? -5.980  3.637   -6.063  1.00 12.83 ? 177 VAL B N   1 
ATOM   402 C CA  . VAL B 1 6  ? -5.232  2.535   -5.446  1.00 9.93  ? 177 VAL B CA  1 
ATOM   403 C C   . VAL B 1 6  ? -6.227  1.729   -4.629  1.00 8.98  ? 177 VAL B C   1 
ATOM   404 O O   . VAL B 1 6  ? -7.149  2.328   -4.056  1.00 10.18 ? 177 VAL B O   1 
ATOM   405 C CB  . VAL B 1 6  ? -4.150  3.142   -4.549  1.00 9.63  ? 177 VAL B CB  1 
ATOM   406 C CG1 . VAL B 1 6  ? -3.490  2.087   -3.652  1.00 11.60 ? 177 VAL B CG1 1 
ATOM   407 C CG2 . VAL B 1 6  ? -3.136  3.897   -5.404  1.00 11.81 ? 177 VAL B CG2 1 
ATOM   408 N N   . PRO B 1 7  ? -6.136  0.374   -4.552  1.00 9.35  ? 178 PRO B N   1 
ATOM   409 C CA  . PRO B 1 7  ? -7.170  -0.371  -3.788  1.00 9.25  ? 178 PRO B CA  1 
ATOM   410 C C   . PRO B 1 7  ? -6.925  -0.280  -2.287  1.00 8.58  ? 178 PRO B C   1 
ATOM   411 O O   . PRO B 1 7  ? -6.546  -1.242  -1.622  1.00 9.60  ? 178 PRO B O   1 
ATOM   412 C CB  . PRO B 1 7  ? -7.033  -1.796  -4.332  1.00 10.30 ? 178 PRO B CB  1 
ATOM   413 C CG  . PRO B 1 7  ? -5.617  -1.891  -4.719  1.00 10.49 ? 178 PRO B CG  1 
ATOM   414 C CD  . PRO B 1 7  ? -5.207  -0.531  -5.242  1.00 10.20 ? 178 PRO B CD  1 
ATOM   415 N N   . TRP B 1 8  ? -7.197  0.901   -1.727  1.00 8.57  ? 179 TRP B N   1 
ATOM   416 C CA  . TRP B 1 8  ? -6.894  1.154   -0.325  1.00 8.94  ? 179 TRP B CA  1 
ATOM   417 C C   . TRP B 1 8  ? -7.645  0.214   0.603   1.00 9.77  ? 179 TRP B C   1 
ATOM   418 O O   . TRP B 1 8  ? -7.091  -0.221  1.620   1.00 10.08 ? 179 TRP B O   1 
ATOM   419 C CB  . TRP B 1 8  ? -7.197  2.600   0.034   1.00 9.10  ? 179 TRP B CB  1 
ATOM   420 C CG  . TRP B 1 8  ? -6.365  3.585   -0.711  1.00 9.30  ? 179 TRP B CG  1 
ATOM   421 C CD1 . TRP B 1 8  ? -6.787  4.469   -1.644  1.00 10.51 ? 179 TRP B CD1 1 
ATOM   422 C CD2 . TRP B 1 8  ? -4.950  3.791   -0.569  1.00 9.50  ? 179 TRP B CD2 1 
ATOM   423 N NE1 . TRP B 1 8  ? -5.742  5.227   -2.094  1.00 10.92 ? 179 TRP B NE1 1 
ATOM   424 C CE2 . TRP B 1 8  ? -4.594  4.829   -1.451  1.00 10.36 ? 179 TRP B CE2 1 
ATOM   425 C CE3 . TRP B 1 8  ? -3.953  3.195   0.215   1.00 9.91  ? 179 TRP B CE3 1 
ATOM   426 C CZ2 . TRP B 1 8  ? -3.270  5.300   -1.575  1.00 10.56 ? 179 TRP B CZ2 1 
ATOM   427 C CZ3 . TRP B 1 8  ? -2.631  3.655   0.082   1.00 10.58 ? 179 TRP B CZ3 1 
ATOM   428 C CH2 . TRP B 1 8  ? -2.310  4.693   -0.806  1.00 11.20 ? 179 TRP B CH2 1 
ATOM   429 N N   . ASP B 1 9  ? -8.922  -0.056  0.316   1.00 10.87 ? 180 ASP B N   1 
ATOM   430 C CA  . ASP B 1 9  ? -9.695  -0.892  1.229   1.00 12.57 ? 180 ASP B CA  1 
ATOM   431 C C   . ASP B 1 9  ? -9.130  -2.302  1.281   1.00 11.51 ? 180 ASP B C   1 
ATOM   432 O O   . ASP B 1 9  ? -9.028  -2.902  2.359   1.00 11.49 ? 180 ASP B O   1 
ATOM   433 C CB  . ASP B 1 9  ? -11.178 -0.907  0.840   1.00 15.17 ? 180 ASP B CB  1 
ATOM   434 C CG  . ASP B 1 9  ? -11.869 0.437   1.070   1.00 19.10 ? 180 ASP B CG  1 
ATOM   435 O OD1 . ASP B 1 9  ? -11.453 1.181   1.979   1.00 21.22 ? 180 ASP B OD1 1 
ATOM   436 O OD2 . ASP B 1 9  ? -12.844 0.772   0.335   1.00 23.12 ? 180 ASP B OD2 1 
ATOM   437 N N   . ASP B 1 10 ? -8.696  -2.826  0.137   1.00 11.27 ? 181 ASP B N   1 
ATOM   438 C CA  . ASP B 1 10 ? -8.093  -4.151  0.133   1.00 12.14 ? 181 ASP B CA  1 
ATOM   439 C C   . ASP B 1 10 ? -6.750  -4.136  0.853   1.00 11.16 ? 181 ASP B C   1 
ATOM   440 O O   . ASP B 1 10 ? -6.422  -5.076  1.587   1.00 11.96 ? 181 ASP B O   1 
ATOM   441 C CB  . ASP B 1 10 ? -7.935  -4.670  -1.302  1.00 12.57 ? 181 ASP B CB  1 
ATOM   442 C CG  . ASP B 1 10 ? -9.271  -4.886  -2.015  1.00 15.62 ? 181 ASP B CG  1 
ATOM   443 O OD1 . ASP B 1 10 ? -10.320 -5.059  -1.361  1.00 16.74 ? 181 ASP B OD1 1 
ATOM   444 O OD2 . ASP B 1 10 ? -9.254  -4.884  -3.264  1.00 16.55 ? 181 ASP B OD2 1 
ATOM   445 N N   . ILE B 1 11 ? -5.958  -3.072  0.671   1.00 10.35 ? 182 ILE B N   1 
ATOM   446 C CA  . ILE B 1 11 ? -4.709  -2.948  1.418   1.00 9.94  ? 182 ILE B CA  1 
ATOM   447 C C   . ILE B 1 11 ? -4.998  -2.926  2.910   1.00 9.98  ? 182 ILE B C   1 
ATOM   448 O O   . ILE B 1 11 ? -4.320  -3.593  3.697   1.00 10.26 ? 182 ILE B O   1 
ATOM   449 C CB  . ILE B 1 11 ? -3.913  -1.710  0.955   1.00 10.07 ? 182 ILE B CB  1 
ATOM   450 C CG1 . ILE B 1 11 ? -3.377  -1.949  -0.456  1.00 9.97  ? 182 ILE B CG1 1 
ATOM   451 C CG2 . ILE B 1 11 ? -2.760  -1.392  1.908   1.00 10.04 ? 182 ILE B CG2 1 
ATOM   452 C CD1 . ILE B 1 11 ? -2.871  -0.692  -1.155  1.00 11.62 ? 182 ILE B CD1 1 
ATOM   453 N N   . GLU B 1 12 ? -6.035  -2.196  3.321   1.00 9.36  ? 183 GLU B N   1 
ATOM   454 C CA  . GLU B 1 12 ? -6.358  -2.130  4.746   1.00 10.07 ? 183 GLU B CA  1 
ATOM   455 C C   . GLU B 1 12 ? -6.718  -3.501  5.301   1.00 9.53  ? 183 GLU B C   1 
ATOM   456 O O   . GLU B 1 12 ? -6.323  -3.846  6.421   1.00 10.54 ? 183 GLU B O   1 
ATOM   457 C CB  . GLU B 1 12 ? -7.484  -1.127  5.005   1.00 12.02 ? 183 GLU B CB  1 
ATOM   458 C CG  . GLU B 1 12 ? -7.793  -0.986  6.496   1.00 14.76 ? 183 GLU B CG  1 
ATOM   459 C CD  . GLU B 1 12 ? -8.649  0.205   6.813   1.00 19.04 ? 183 GLU B CD  1 
ATOM   460 O OE1 . GLU B 1 12 ? -8.815  1.087   5.935   1.00 21.86 ? 183 GLU B OE1 1 
ATOM   461 O OE2 . GLU B 1 12 ? -9.166  0.260   7.947   1.00 21.55 ? 183 GLU B OE2 1 
ATOM   462 N N   . ALA B 1 13 ? -7.483  -4.294  4.544   1.00 9.92  ? 184 ALA B N   1 
ATOM   463 C CA  . ALA B 1 13 ? -7.851  -5.624  5.026   1.00 10.66 ? 184 ALA B CA  1 
ATOM   464 C C   . ALA B 1 13 ? -6.603  -6.497  5.168   1.00 9.92  ? 184 ALA B C   1 
ATOM   465 O O   . ALA B 1 13 ? -6.446  -7.238  6.144   1.00 9.66  ? 184 ALA B O   1 
ATOM   466 C CB  . ALA B 1 13 ? -8.830  -6.278  4.046   1.00 12.12 ? 184 ALA B CB  1 
ATOM   467 N N   . LEU B 1 14 ? -5.679  -6.387  4.213   1.00 10.19 ? 185 LEU B N   1 
ATOM   468 C CA  A LEU B 1 14 ? -4.418  -7.104  4.319   0.57 10.89 ? 185 LEU B CA  1 
ATOM   469 C CA  B LEU B 1 14 ? -4.411  -7.093  4.312   0.43 11.00 ? 185 LEU B CA  1 
ATOM   470 C C   . LEU B 1 14 ? -3.665  -6.678  5.576   1.00 10.42 ? 185 LEU B C   1 
ATOM   471 O O   . LEU B 1 14 ? -3.162  -7.527  6.330   1.00 11.11 ? 185 LEU B O   1 
ATOM   472 C CB  A LEU B 1 14 ? -3.592  -6.850  3.053   0.57 12.44 ? 185 LEU B CB  1 
ATOM   473 C CB  B LEU B 1 14 ? -3.582  -6.777  3.064   0.43 12.67 ? 185 LEU B CB  1 
ATOM   474 C CG  A LEU B 1 14 ? -2.199  -7.444  2.833   0.57 14.61 ? 185 LEU B CG  1 
ATOM   475 C CG  B LEU B 1 14 ? -2.227  -7.442  2.849   0.43 14.88 ? 185 LEU B CG  1 
ATOM   476 C CD1 A LEU B 1 14 ? -1.868  -7.360  1.341   0.57 14.44 ? 185 LEU B CD1 1 
ATOM   477 C CD1 B LEU B 1 14 ? -2.421  -8.926  2.741   0.43 15.52 ? 185 LEU B CD1 1 
ATOM   478 C CD2 A LEU B 1 14 ? -1.145  -6.712  3.635   0.57 16.66 ? 185 LEU B CD2 1 
ATOM   479 C CD2 B LEU B 1 14 ? -1.605  -6.903  1.574   0.43 16.45 ? 185 LEU B CD2 1 
ATOM   480 N N   . LEU B 1 15 ? -3.592  -5.361  5.836   1.00 10.49 ? 186 LEU B N   1 
ATOM   481 C CA  . LEU B 1 15 ? -2.838  -4.877  6.988   1.00 10.42 ? 186 LEU B CA  1 
ATOM   482 C C   . LEU B 1 15 ? -3.507  -5.288  8.293   1.00 10.27 ? 186 LEU B C   1 
ATOM   483 O O   . LEU B 1 15 ? -2.832  -5.653  9.263   1.00 10.16 ? 186 LEU B O   1 
ATOM   484 C CB  . LEU B 1 15 ? -2.729  -3.357  6.942   1.00 10.52 ? 186 LEU B CB  1 
ATOM   485 C CG  . LEU B 1 15 ? -1.919  -2.781  5.794   1.00 11.73 ? 186 LEU B CG  1 
ATOM   486 C CD1 . LEU B 1 15 ? -2.058  -1.250  5.769   1.00 12.43 ? 186 LEU B CD1 1 
ATOM   487 C CD2 . LEU B 1 15 ? -0.460  -3.228  5.855   1.00 12.26 ? 186 LEU B CD2 1 
ATOM   488 N N   . LYS B 1 16 ? -4.841  -5.221  8.338   1.00 11.17 ? 187 LYS B N   1 
ATOM   489 C CA  . LYS B 1 16 ? -5.519  -5.641  9.557   1.00 12.67 ? 187 LYS B CA  1 
ATOM   490 C C   . LYS B 1 16 ? -5.196  -7.087  9.887   1.00 11.94 ? 187 LYS B C   1 
ATOM   491 O O   . LYS B 1 16 ? -4.932  -7.437  11.046  1.00 12.35 ? 187 LYS B O   1 
ATOM   492 C CB  . LYS B 1 16 ? -7.016  -5.444  9.385   1.00 15.06 ? 187 LYS B CB  1 
ATOM   493 C CG  . LYS B 1 16 ? -7.770  -5.789  10.636  1.00 17.75 ? 187 LYS B CG  1 
ATOM   494 C CD  . LYS B 1 16 ? -9.221  -5.378  10.541  1.00 20.67 ? 187 LYS B CD  1 
ATOM   495 C CE  . LYS B 1 16 ? -9.920  -5.577  11.876  1.00 22.84 ? 187 LYS B CE  1 
ATOM   496 N NZ  . LYS B 1 16 ? -11.356 -5.191  11.882  1.00 24.40 ? 187 LYS B NZ  1 
ATOM   497 N N   . ASN B 1 17 ? -5.161  -7.938  8.871   1.00 11.31 ? 188 ASN B N   1 
ATOM   498 C CA  . ASN B 1 17 ? -4.787  -9.316  9.105   1.00 11.42 ? 188 ASN B CA  1 
ATOM   499 C C   . ASN B 1 17 ? -3.338  -9.419  9.580   1.00 11.82 ? 188 ASN B C   1 
ATOM   500 O O   . ASN B 1 17 ? -3.041  -10.061 10.597  1.00 13.43 ? 188 ASN B O   1 
ATOM   501 C CB  . ASN B 1 17 ? -5.019  -10.128 7.844   1.00 12.27 ? 188 ASN B CB  1 
ATOM   502 C CG  . ASN B 1 17 ? -4.518  -11.495 7.990   1.00 12.57 ? 188 ASN B CG  1 
ATOM   503 O OD1 . ASN B 1 17 ? -5.108  -12.302 8.698   1.00 14.42 ? 188 ASN B OD1 1 
ATOM   504 N ND2 . ASN B 1 17 ? -3.397  -11.780 7.352   1.00 12.66 ? 188 ASN B ND2 1 
ATOM   505 N N   . ASN B 1 18 ? -2.415  -8.791  8.849   1.00 11.63 ? 189 ASN B N   1 
ATOM   506 C CA  . ASN B 1 18 ? -0.991  -8.916  9.151   1.00 12.43 ? 189 ASN B CA  1 
ATOM   507 C C   . ASN B 1 18 ? -0.675  -8.451  10.566  1.00 12.56 ? 189 ASN B C   1 
ATOM   508 O O   . ASN B 1 18 ? 0.173   -9.035  11.247  1.00 13.80 ? 189 ASN B O   1 
ATOM   509 C CB  . ASN B 1 18 ? -0.226  -8.074  8.128   1.00 13.78 ? 189 ASN B CB  1 
ATOM   510 C CG  . ASN B 1 18 ? 1.274   -8.187  8.259   1.00 16.32 ? 189 ASN B CG  1 
ATOM   511 O OD1 . ASN B 1 18 ? 1.873   -9.087  7.709   1.00 17.02 ? 189 ASN B OD1 1 
ATOM   512 N ND2 . ASN B 1 18 ? 1.886   -7.251  8.958   1.00 18.17 ? 189 ASN B ND2 1 
ATOM   513 N N   . PHE B 1 19 ? -1.307  -7.367  11.004  1.00 11.45 ? 190 PHE B N   1 
ATOM   514 C CA  A PHE B 1 19 ? -1.045  -6.749  12.300  0.45 11.56 ? 190 PHE B CA  1 
ATOM   515 C CA  B PHE B 1 19 ? -1.026  -6.775  12.305  0.55 11.78 ? 190 PHE B CA  1 
ATOM   516 C C   . PHE B 1 19 ? -1.925  -7.307  13.415  1.00 12.94 ? 190 PHE B C   1 
ATOM   517 O O   . PHE B 1 19 ? -2.112  -6.630  14.430  1.00 14.44 ? 190 PHE B O   1 
ATOM   518 C CB  A PHE B 1 19 ? -1.229  -5.229  12.230  0.45 10.45 ? 190 PHE B CB  1 
ATOM   519 C CB  B PHE B 1 19 ? -1.034  -5.249  12.194  0.55 11.17 ? 190 PHE B CB  1 
ATOM   520 C CG  A PHE B 1 19 ? -0.347  -4.538  11.230  0.45 10.17 ? 190 PHE B CG  1 
ATOM   521 C CG  B PHE B 1 19 ? 0.124   -4.730  11.406  0.55 11.55 ? 190 PHE B CG  1 
ATOM   522 C CD1 A PHE B 1 19 ? 0.873   -5.071  10.850  0.45 11.36 ? 190 PHE B CD1 1 
ATOM   523 C CD1 B PHE B 1 19 ? 1.403   -4.912  11.893  0.55 11.51 ? 190 PHE B CD1 1 
ATOM   524 C CD2 A PHE B 1 19 ? -0.750  -3.340  10.663  0.45 10.97 ? 190 PHE B CD2 1 
ATOM   525 C CD2 B PHE B 1 19 ? -0.033  -4.132  10.166  0.55 12.55 ? 190 PHE B CD2 1 
ATOM   526 C CE1 A PHE B 1 19 ? 1.666   -4.416  9.920   0.45 11.24 ? 190 PHE B CE1 1 
ATOM   527 C CE1 B PHE B 1 19 ? 2.499   -4.477  11.185  0.55 12.50 ? 190 PHE B CE1 1 
ATOM   528 C CE2 A PHE B 1 19 ? 0.054   -2.687  9.745   0.45 11.28 ? 190 PHE B CE2 1 
ATOM   529 C CE2 B PHE B 1 19 ? 1.075   -3.688  9.454   0.55 12.39 ? 190 PHE B CE2 1 
ATOM   530 C CZ  A PHE B 1 19 ? 1.257   -3.224  9.376   0.45 11.30 ? 190 PHE B CZ  1 
ATOM   531 C CZ  B PHE B 1 19 ? 2.339   -3.857  9.969   0.55 12.65 ? 190 PHE B CZ  1 
ATOM   532 N N   . GLU B 1 20 ? -2.457  -8.515  13.255  1.00 14.29 ? 191 GLU B N   1 
ATOM   533 C CA  A GLU B 1 20 ? -3.180  -9.188  14.336  0.67 15.48 ? 191 GLU B CA  1 
ATOM   534 C CA  B GLU B 1 20 ? -3.202  -9.200  14.318  0.33 15.67 ? 191 GLU B CA  1 
ATOM   535 C C   . GLU B 1 20 ? -4.391  -8.372  14.798  1.00 15.29 ? 191 GLU B C   1 
ATOM   536 O O   . GLU B 1 20 ? -4.700  -8.316  15.991  1.00 16.01 ? 191 GLU B O   1 
ATOM   537 C CB  A GLU B 1 20 ? -2.243  -9.535  15.506  0.67 17.19 ? 191 GLU B CB  1 
ATOM   538 C CB  B GLU B 1 20 ? -2.301  -9.624  15.483  0.33 17.53 ? 191 GLU B CB  1 
ATOM   539 C CG  A GLU B 1 20 ? -1.006  -10.348 15.080  0.67 18.09 ? 191 GLU B CG  1 
ATOM   540 C CG  B GLU B 1 20 ? -1.157  -10.550 15.087  0.33 18.95 ? 191 GLU B CG  1 
ATOM   541 C CD  A GLU B 1 20 ? 0.118   -10.396 16.130  0.67 18.16 ? 191 GLU B CD  1 
ATOM   542 C CD  B GLU B 1 20 ? -1.525  -12.023 15.137  0.33 20.09 ? 191 GLU B CD  1 
ATOM   543 O OE1 A GLU B 1 20 ? 0.246   -9.462  16.956  0.67 19.10 ? 191 GLU B OE1 1 
ATOM   544 O OE1 B GLU B 1 20 ? -2.660  -12.359 15.540  0.33 20.45 ? 191 GLU B OE1 1 
ATOM   545 O OE2 A GLU B 1 20 ? 0.882   -11.384 16.125  0.67 17.61 ? 191 GLU B OE2 1 
ATOM   546 O OE2 B GLU B 1 20 ? -0.668  -12.856 14.772  0.33 20.70 ? 191 GLU B OE2 1 
ATOM   547 N N   . ASN B 1 21 ? -5.072  -7.715  13.851  1.00 15.15 ? 192 ASN B N   1 
ATOM   548 C CA  . ASN B 1 21 ? -6.284  -6.937  14.139  1.00 16.36 ? 192 ASN B CA  1 
ATOM   549 C C   . ASN B 1 21 ? -6.032  -5.752  15.072  1.00 15.12 ? 192 ASN B C   1 
ATOM   550 O O   . ASN B 1 21 ? -6.946  -5.282  15.757  1.00 16.79 ? 192 ASN B O   1 
ATOM   551 C CB  . ASN B 1 21 ? -7.438  -7.813  14.628  1.00 18.12 ? 192 ASN B CB  1 
ATOM   552 C CG  . ASN B 1 21 ? -7.811  -8.885  13.628  1.00 21.58 ? 192 ASN B CG  1 
ATOM   553 O OD1 . ASN B 1 21 ? -7.412  -8.836  12.462  1.00 22.59 ? 192 ASN B OD1 1 
ATOM   554 N ND2 . ASN B 1 21 ? -8.571  -9.873  14.085  1.00 23.13 ? 192 ASN B ND2 1 
ATOM   555 N N   . ASP B 1 22 ? -4.806  -5.234  15.079  1.00 12.99 ? 193 ASP B N   1 
ATOM   556 C CA  . ASP B 1 22 ? -4.392  -4.082  15.887  1.00 12.22 ? 193 ASP B CA  1 
ATOM   557 C C   . ASP B 1 22 ? -4.842  -2.827  15.145  1.00 11.96 ? 193 ASP B C   1 
ATOM   558 O O   . ASP B 1 22 ? -4.190  -2.392  14.189  1.00 11.97 ? 193 ASP B O   1 
ATOM   559 C CB  . ASP B 1 22 ? -2.868  -4.161  16.038  1.00 12.81 ? 193 ASP B CB  1 
ATOM   560 C CG  . ASP B 1 22 ? -2.224  -3.023  16.853  1.00 14.36 ? 193 ASP B CG  1 
ATOM   561 O OD1 . ASP B 1 22 ? -2.813  -1.957  17.026  1.00 13.71 ? 193 ASP B OD1 1 
ATOM   562 O OD2 . ASP B 1 22 ? -1.049  -3.202  17.281  1.00 15.74 ? 193 ASP B OD2 1 
ATOM   563 N N   . GLN B 1 23 ? -5.951  -2.229  15.602  1.00 10.82 ? 194 GLN B N   1 
ATOM   564 C CA  . GLN B 1 23 ? -6.530  -1.081  14.904  1.00 11.40 ? 194 GLN B CA  1 
ATOM   565 C C   . GLN B 1 23 ? -5.575  0.100   14.885  1.00 9.90  ? 194 GLN B C   1 
ATOM   566 O O   . GLN B 1 23 ? -5.497  0.823   13.890  1.00 10.01 ? 194 GLN B O   1 
ATOM   567 C CB  . GLN B 1 23 ? -7.836  -0.671  15.591  1.00 13.06 ? 194 GLN B CB  1 
ATOM   568 C CG  . GLN B 1 23 ? -8.992  -1.656  15.419  1.00 16.59 ? 194 GLN B CG  1 
ATOM   569 C CD  . GLN B 1 23 ? -8.992  -2.807  16.422  1.00 18.74 ? 194 GLN B CD  1 
ATOM   570 O OE1 . GLN B 1 23 ? -8.116  -2.917  17.300  1.00 19.90 ? 194 GLN B OE1 1 
ATOM   571 N NE2 . GLN B 1 23 ? -9.988  -3.677  16.297  1.00 21.06 ? 194 GLN B NE2 1 
ATOM   572 N N   . ALA B 1 24 ? -4.864  0.333   15.991  1.00 8.85  ? 195 ALA B N   1 
ATOM   573 C CA  . ALA B 1 24 ? -3.941  1.455   16.041  1.00 8.81  ? 195 ALA B CA  1 
ATOM   574 C C   . ALA B 1 24 ? -2.843  1.301   14.999  1.00 8.78  ? 195 ALA B C   1 
ATOM   575 O O   . ALA B 1 24 ? -2.457  2.269   14.346  1.00 9.44  ? 195 ALA B O   1 
ATOM   576 C CB  . ALA B 1 24 ? -3.324  1.560   17.431  1.00 9.90  ? 195 ALA B CB  1 
ATOM   577 N N   . ALA B 1 25 ? -2.332  0.081   14.830  1.00 8.66  ? 196 ALA B N   1 
ATOM   578 C CA  . ALA B 1 25 ? -1.282  -0.159  13.845  1.00 8.84  ? 196 ALA B CA  1 
ATOM   579 C C   . ALA B 1 25 ? -1.808  0.019   12.432  1.00 8.68  ? 196 ALA B C   1 
ATOM   580 O O   . ALA B 1 25 ? -1.140  0.625   11.587  1.00 9.64  ? 196 ALA B O   1 
ATOM   581 C CB  . ALA B 1 25 ? -0.729  -1.561  14.024  1.00 10.20 ? 196 ALA B CB  1 
ATOM   582 N N   . VAL B 1 26 ? -3.006  -0.491  12.161  1.00 8.27  ? 197 VAL B N   1 
ATOM   583 C CA  . VAL B 1 26 ? -3.593  -0.314  10.844  1.00 8.52  ? 197 VAL B CA  1 
ATOM   584 C C   . VAL B 1 26 ? -3.751  1.163   10.529  1.00 8.74  ? 197 VAL B C   1 
ATOM   585 O O   . VAL B 1 26 ? -3.395  1.622   9.439   1.00 8.63  ? 197 VAL B O   1 
ATOM   586 C CB  . VAL B 1 26 ? -4.931  -1.060  10.770  1.00 11.16 ? 197 VAL B CB  1 
ATOM   587 C CG1 . VAL B 1 26 ? -5.638  -0.753  9.447   1.00 12.29 ? 197 VAL B CG1 1 
ATOM   588 C CG2 . VAL B 1 26 ? -4.704  -2.541  10.910  1.00 12.34 ? 197 VAL B CG2 1 
ATOM   589 N N   . ARG B 1 27 ? -4.251  1.939   11.498  1.00 9.06  ? 198 ARG B N   1 
ATOM   590 C CA  . ARG B 1 27 ? -4.445  3.370   11.273  1.00 9.89  ? 198 ARG B CA  1 
ATOM   591 C C   . ARG B 1 27 ? -3.116  4.046   10.979  1.00 10.35 ? 198 ARG B C   1 
ATOM   592 O O   . ARG B 1 27 ? -3.010  4.856   10.053  1.00 11.19 ? 198 ARG B O   1 
ATOM   593 C CB  . ARG B 1 27 ? -5.131  4.048   12.470  1.00 10.81 ? 198 ARG B CB  1 
ATOM   594 C CG  . ARG B 1 27 ? -5.453  5.522   12.145  1.00 13.71 ? 198 ARG B CG  1 
ATOM   595 C CD  . ARG B 1 27 ? -5.917  6.312   13.337  1.00 14.99 ? 198 ARG B CD  1 
ATOM   596 N NE  . ARG B 1 27 ? -4.823  6.477   14.280  1.00 16.45 ? 198 ARG B NE  1 
ATOM   597 C CZ  . ARG B 1 27 ? -3.961  7.486   14.238  1.00 18.28 ? 198 ARG B CZ  1 
ATOM   598 N NH1 . ARG B 1 27 ? -4.114  8.436   13.332  1.00 18.48 ? 198 ARG B NH1 1 
ATOM   599 N NH2 . ARG B 1 27 ? -2.977  7.554   15.123  1.00 19.94 ? 198 ARG B NH2 1 
ATOM   600 N N   . GLN B 1 28 ? -2.092  3.739   11.777  1.00 10.10 ? 199 GLN B N   1 
ATOM   601 C CA  . GLN B 1 28 ? -0.792  4.369   11.570  1.00 10.77 ? 199 GLN B CA  1 
ATOM   602 C C   . GLN B 1 28 ? -0.253  4.086   10.170  1.00 9.72  ? 199 GLN B C   1 
ATOM   603 O O   . GLN B 1 28 ? 0.258   4.991   9.489   1.00 10.77 ? 199 GLN B O   1 
ATOM   604 C CB  . GLN B 1 28 ? 0.201   3.871   12.617  1.00 12.33 ? 199 GLN B CB  1 
ATOM   605 C CG  . GLN B 1 28 ? 1.590   4.468   12.455  1.00 13.95 ? 199 GLN B CG  1 
ATOM   606 C CD  . GLN B 1 28 ? 2.550   3.943   13.489  1.00 15.19 ? 199 GLN B CD  1 
ATOM   607 O OE1 . GLN B 1 28 ? 3.005   2.805   13.414  1.00 16.32 ? 199 GLN B OE1 1 
ATOM   608 N NE2 . GLN B 1 28 ? 2.816   4.751   14.500  1.00 15.84 ? 199 GLN B NE2 1 
ATOM   609 N N   . VAL B 1 29 ? -0.342  2.825   9.724   1.00 8.83  ? 200 VAL B N   1 
ATOM   610 C CA  . VAL B 1 29 ? 0.231   2.464   8.433   1.00 9.58  ? 200 VAL B CA  1 
ATOM   611 C C   . VAL B 1 29 ? -0.597  3.041   7.292   1.00 8.07  ? 200 VAL B C   1 
ATOM   612 O O   . VAL B 1 29 ? -0.041  3.581   6.332   1.00 8.13  ? 200 VAL B O   1 
ATOM   613 C CB  . VAL B 1 29 ? 0.376   0.941   8.324   1.00 11.30 ? 200 VAL B CB  1 
ATOM   614 C CG1 . VAL B 1 29 ? 0.872   0.544   6.941   1.00 10.95 ? 200 VAL B CG1 1 
ATOM   615 C CG2 . VAL B 1 29 ? 1.352   0.454   9.363   1.00 11.76 ? 200 VAL B CG2 1 
ATOM   616 N N   . MET B 1 30 ? -1.932  2.948   7.377   1.00 7.54  ? 201 MET B N   1 
ATOM   617 C CA  . MET B 1 30 ? -2.773  3.534   6.338   1.00 7.58  ? 201 MET B CA  1 
ATOM   618 C C   . MET B 1 30 ? -2.578  5.043   6.239   1.00 7.94  ? 201 MET B C   1 
ATOM   619 O O   . MET B 1 30 ? -2.596  5.614   5.141   1.00 8.23  ? 201 MET B O   1 
ATOM   620 C CB  . MET B 1 30 ? -4.234  3.190   6.610   1.00 9.32  ? 201 MET B CB  1 
ATOM   621 C CG  . MET B 1 30 ? -4.604  1.726   6.414   1.00 10.79 ? 201 MET B CG  1 
ATOM   622 S SD  . MET B 1 30 ? -4.391  1.157   4.708   1.00 12.22 ? 201 MET B SD  1 
ATOM   623 C CE  . MET B 1 30 ? -5.670  2.092   3.870   1.00 13.35 ? 201 MET B CE  1 
ATOM   624 N N   . GLU B 1 31 ? -2.439  5.721   7.370   1.00 8.22  ? 202 GLU B N   1 
ATOM   625 C CA  . GLU B 1 31 ? -2.222  7.161   7.342   1.00 8.87  ? 202 GLU B CA  1 
ATOM   626 C C   . GLU B 1 31 ? -0.926  7.493   6.621   1.00 8.93  ? 202 GLU B C   1 
ATOM   627 O O   . GLU B 1 31 ? -0.884  8.382   5.761   1.00 8.65  ? 202 GLU B O   1 
ATOM   628 C CB  . GLU B 1 31 ? -2.167  7.725   8.759   1.00 11.99 ? 202 GLU B CB  1 
ATOM   629 C CG  . GLU B 1 31 ? -2.026  9.244   8.738   1.00 16.06 ? 202 GLU B CG  1 
ATOM   630 C CD  . GLU B 1 31 ? -2.058  9.864   10.106  1.00 19.38 ? 202 GLU B CD  1 
ATOM   631 O OE1 . GLU B 1 31 ? -3.049  9.627   10.831  1.00 20.76 ? 202 GLU B OE1 1 
ATOM   632 O OE2 . GLU B 1 31 ? -1.096  10.588  10.448  1.00 21.61 ? 202 GLU B OE2 1 
ATOM   633 N N   . ARG B 1 32 ? 0.143   6.769   6.956   1.00 9.04  ? 203 ARG B N   1 
ATOM   634 C CA  . ARG B 1 32 ? 1.429   7.093   6.359   1.00 8.28  ? 203 ARG B CA  1 
ATOM   635 C C   . ARG B 1 32 ? 1.473   6.722   4.883   1.00 8.13  ? 203 ARG B C   1 
ATOM   636 O O   . ARG B 1 32 ? 2.078   7.441   4.080   1.00 8.79  ? 203 ARG B O   1 
ATOM   637 C CB  . ARG B 1 32 ? 2.542   6.412   7.150   1.00 8.90  ? 203 ARG B CB  1 
ATOM   638 C CG  . ARG B 1 32 ? 3.934   6.744   6.618   1.00 9.40  ? 203 ARG B CG  1 
ATOM   639 C CD  . ARG B 1 32 ? 4.970   6.365   7.643   1.00 9.28  ? 203 ARG B CD  1 
ATOM   640 N NE  . ARG B 1 32 ? 6.325   6.523   7.119   1.00 11.16 ? 203 ARG B NE  1 
ATOM   641 C CZ  . ARG B 1 32 ? 7.421   6.243   7.816   1.00 13.34 ? 203 ARG B CZ  1 
ATOM   642 N NH1 . ARG B 1 32 ? 7.304   5.802   9.060   1.00 14.97 ? 203 ARG B NH1 1 
ATOM   643 N NH2 . ARG B 1 32 ? 8.621   6.408   7.270   1.00 14.07 ? 203 ARG B NH2 1 
ATOM   644 N N   . LEU B 1 33 ? 0.849   5.604   4.502   1.00 7.54  ? 204 LEU B N   1 
ATOM   645 C CA  . LEU B 1 33 ? 0.852   5.229   3.086   1.00 7.21  ? 204 LEU B CA  1 
ATOM   646 C C   . LEU B 1 33 ? 0.121   6.262   2.252   1.00 8.05  ? 204 LEU B C   1 
ATOM   647 O O   . LEU B 1 33 ? 0.554   6.590   1.143   1.00 7.48  ? 204 LEU B O   1 
ATOM   648 C CB  . LEU B 1 33 ? 0.190   3.864   2.882   1.00 8.27  ? 204 LEU B CB  1 
ATOM   649 C CG  . LEU B 1 33 ? 0.991   2.628   3.297   1.00 8.51  ? 204 LEU B CG  1 
ATOM   650 C CD1 . LEU B 1 33 ? 0.073   1.432   3.259   1.00 8.50  ? 204 LEU B CD1 1 
ATOM   651 C CD2 . LEU B 1 33 ? 2.236   2.374   2.391   1.00 9.66  ? 204 LEU B CD2 1 
ATOM   652 N N   . GLN B 1 34 ? -1.023  6.730   2.740   1.00 7.55  ? 205 GLN B N   1 
ATOM   653 C CA  . GLN B 1 34 ? -1.799  7.692   1.964   1.00 7.83  ? 205 GLN B CA  1 
ATOM   654 C C   . GLN B 1 34 ? -1.178  9.083   1.990   1.00 7.97  ? 205 GLN B C   1 
ATOM   655 O O   . GLN B 1 34 ? -1.218  9.799   0.986   1.00 8.96  ? 205 GLN B O   1 
ATOM   656 C CB  . GLN B 1 34 ? -3.257  7.716   2.421   1.00 7.95  ? 205 GLN B CB  1 
ATOM   657 C CG  . GLN B 1 34 ? -3.946  6.405   2.091   1.00 8.31  ? 205 GLN B CG  1 
ATOM   658 C CD  . GLN B 1 34 ? -5.314  6.320   2.662   1.00 9.20  ? 205 GLN B CD  1 
ATOM   659 O OE1 . GLN B 1 34 ? -5.524  5.725   3.723   1.00 13.65 ? 205 GLN B OE1 1 
ATOM   660 N NE2 . GLN B 1 34 ? -6.260  6.942   1.999   1.00 8.70  ? 205 GLN B NE2 1 
ATOM   661 N N   . LYS B 1 35 ? -0.603  9.491   3.120   1.00 7.85  ? 206 LYS B N   1 
ATOM   662 C CA  . LYS B 1 35 ? 0.136   10.743  3.145   1.00 8.76  ? 206 LYS B CA  1 
ATOM   663 C C   . LYS B 1 35 ? 1.312   10.679  2.183   1.00 9.04  ? 206 LYS B C   1 
ATOM   664 O O   . LYS B 1 35 ? 1.533   11.593  1.377   1.00 9.55  ? 206 LYS B O   1 
ATOM   665 C CB  . LYS B 1 35 ? 0.649   10.961  4.557   1.00 10.45 ? 206 LYS B CB  1 
ATOM   666 C CG  . LYS B 1 35 ? 1.456   12.219  4.743   1.00 13.48 ? 206 LYS B CG  1 
ATOM   667 C CD  . LYS B 1 35 ? 1.933   12.292  6.195   1.00 16.80 ? 206 LYS B CD  1 
ATOM   668 C CE  . LYS B 1 35 ? 2.760   13.513  6.472   1.00 19.81 ? 206 LYS B CE  1 
ATOM   669 N NZ  . LYS B 1 35 ? 3.197   13.511  7.910   1.00 20.18 ? 206 LYS B NZ  1 
ATOM   670 N N   . GLY B 1 36 ? 2.071   9.582   2.251   1.00 9.16  ? 207 GLY B N   1 
ATOM   671 C CA  . GLY B 1 36 ? 3.213   9.421   1.375   1.00 8.98  ? 207 GLY B CA  1 
ATOM   672 C C   . GLY B 1 36 ? 2.825   9.417   -0.086  1.00 9.25  ? 207 GLY B C   1 
ATOM   673 O O   . GLY B 1 36 ? 3.524   9.993   -0.924  1.00 10.31 ? 207 GLY B O   1 
ATOM   674 N N   . TRP B 1 37 ? 1.714   8.760   -0.420  1.00 8.80  ? 208 TRP B N   1 
ATOM   675 C CA  . TRP B 1 37 ? 1.277   8.734   -1.812  1.00 8.96  ? 208 TRP B CA  1 
ATOM   676 C C   . TRP B 1 37 ? 1.090   10.147  -2.335  1.00 9.13  ? 208 TRP B C   1 
ATOM   677 O O   . TRP B 1 37 ? 1.518   10.470  -3.451  1.00 10.19 ? 208 TRP B O   1 
ATOM   678 C CB  . TRP B 1 37 ? -0.029  7.945   -1.941  1.00 9.21  ? 208 TRP B CB  1 
ATOM   679 C CG  . TRP B 1 37 ? -0.538  7.863   -3.363  1.00 9.03  ? 208 TRP B CG  1 
ATOM   680 C CD1 . TRP B 1 37 ? -1.378  8.745   -4.001  1.00 10.46 ? 208 TRP B CD1 1 
ATOM   681 C CD2 . TRP B 1 37 ? -0.263  6.814   -4.306  1.00 9.07  ? 208 TRP B CD2 1 
ATOM   682 N NE1 . TRP B 1 37 ? -1.614  8.317   -5.294  1.00 9.95  ? 208 TRP B NE1 1 
ATOM   683 C CE2 . TRP B 1 37 ? -0.940  7.137   -5.505  1.00 9.27  ? 208 TRP B CE2 1 
ATOM   684 C CE3 . TRP B 1 37 ? 0.525   5.660   -4.269  1.00 9.42  ? 208 TRP B CE3 1 
ATOM   685 C CZ2 . TRP B 1 37 ? -0.873  6.321   -6.652  1.00 9.24  ? 208 TRP B CZ2 1 
ATOM   686 C CZ3 . TRP B 1 37 ? 0.592   4.855   -5.410  1.00 9.58  ? 208 TRP B CZ3 1 
ATOM   687 C CH2 . TRP B 1 37 ? -0.111  5.190   -6.580  1.00 8.94  ? 208 TRP B CH2 1 
ATOM   688 N N   . SER B 1 38 ? 0.476   11.015  -1.518  1.00 9.71  ? 209 SER B N   1 
ATOM   689 C CA  A SER B 1 38 ? 0.263   12.399  -1.927  0.63 11.02 ? 209 SER B CA  1 
ATOM   690 C CA  B SER B 1 38 ? 0.261   12.400  -1.926  0.37 10.56 ? 209 SER B CA  1 
ATOM   691 C C   . SER B 1 38 ? 1.575   13.165  -2.026  1.00 11.05 ? 209 SER B C   1 
ATOM   692 O O   . SER B 1 38 ? 1.755   13.973  -2.944  1.00 13.61 ? 209 SER B O   1 
ATOM   693 C CB  A SER B 1 38 ? -0.687  13.108  -0.963  0.63 12.41 ? 209 SER B CB  1 
ATOM   694 C CB  B SER B 1 38 ? -0.703  13.106  -0.966  0.37 10.95 ? 209 SER B CB  1 
ATOM   695 O OG  A SER B 1 38 ? -0.734  14.497  -1.237  0.63 14.33 ? 209 SER B OG  1 
ATOM   696 O OG  B SER B 1 38 ? -0.136  13.284  0.322   0.37 11.46 ? 209 SER B OG  1 
ATOM   697 N N   . LEU B 1 39 ? 2.501   12.946  -1.077  1.00 10.82 ? 210 LEU B N   1 
ATOM   698 C CA  . LEU B 1 39 ? 3.766   13.681  -1.102  1.00 11.74 ? 210 LEU B CA  1 
ATOM   699 C C   . LEU B 1 39 ? 4.658   13.249  -2.249  1.00 12.60 ? 210 LEU B C   1 
ATOM   700 O O   . LEU B 1 39 ? 5.476   14.045  -2.732  1.00 14.91 ? 210 LEU B O   1 
ATOM   701 C CB  . LEU B 1 39 ? 4.541   13.456  0.193   1.00 11.14 ? 210 LEU B CB  1 
ATOM   702 C CG  . LEU B 1 39 ? 3.905   14.067  1.440   1.00 12.29 ? 210 LEU B CG  1 
ATOM   703 C CD1 . LEU B 1 39 ? 4.633   13.564  2.687   1.00 13.75 ? 210 LEU B CD1 1 
ATOM   704 C CD2 . LEU B 1 39 ? 3.917   15.607  1.377   1.00 13.96 ? 210 LEU B CD2 1 
ATOM   705 N N   . ALA B 1 40 ? 4.554   11.990  -2.677  1.00 12.21 ? 211 ALA B N   1 
ATOM   706 C CA  . ALA B 1 40 ? 5.458   11.441  -3.684  1.00 12.79 ? 211 ALA B CA  1 
ATOM   707 C C   . ALA B 1 40 ? 4.985   11.671  -5.109  1.00 19.43 ? 211 ALA B C   1 
ATOM   708 O O   . ALA B 1 40 ? 5.519   11.045  -6.029  1.00 39.20 ? 211 ALA B O   1 
ATOM   709 C CB  . ALA B 1 40 ? 5.652   9.944   -3.456  1.00 13.68 ? 211 ALA B CB  1 
ATOM   710 N N   . LYS B 1 41 ? 4.012   12.543  -5.324  1.00 19.41 ? 212 LYS B N   1 
ATOM   711 C CA  . LYS B 1 41 ? 3.464   12.751  -6.654  1.00 26.05 ? 212 LYS B CA  1 
ATOM   712 C C   . LYS B 1 41 ? 2.613   14.002  -6.770  1.00 49.51 ? 212 LYS B C   1 
ATOM   713 O O   . LYS B 1 41 ? 1.929   14.205  -7.776  1.00 52.09 ? 212 LYS B O   1 
ATOM   714 O OXT . LYS B 1 41 ? 2.580   14.840  -5.865  1.00 57.69 ? 212 LYS B OXT 1 
HETATM 715 P P   . PO4 C 2 .  ? 10.759  5.807   11.037  1.00 30.85 ? 301 PO4 B P   1 
HETATM 716 O O1  . PO4 C 2 .  ? 9.415   6.481   10.868  1.00 36.62 ? 301 PO4 B O1  1 
HETATM 717 O O2  . PO4 C 2 .  ? 11.861  6.843   10.924  1.00 38.33 ? 301 PO4 B O2  1 
HETATM 718 O O3  . PO4 C 2 .  ? 10.821  5.136   12.392  1.00 27.69 ? 301 PO4 B O3  1 
HETATM 719 O O4  . PO4 C 2 .  ? 10.918  4.796   9.924   1.00 35.77 ? 301 PO4 B O4  1 
HETATM 720 O O   . HOH D 3 .  ? 4.865   -9.198  2.734   1.00 11.02 ? 301 HOH A O   1 
HETATM 721 O O   . HOH D 3 .  ? 5.499   5.555   -9.550  1.00 14.94 ? 302 HOH A O   1 
HETATM 722 O O   . HOH D 3 .  ? 3.186   -4.523  -18.147 1.00 10.02 ? 303 HOH A O   1 
HETATM 723 O O   . HOH D 3 .  ? 7.473   -8.041  2.423   1.00 14.72 ? 304 HOH A O   1 
HETATM 724 O O   . HOH D 3 .  ? 5.601   1.230   -15.113 1.00 17.95 ? 305 HOH A O   1 
HETATM 725 O O   . HOH D 3 .  ? 3.309   6.119   0.507   1.00 15.03 ? 306 HOH A O   1 
HETATM 726 O O   . HOH D 3 .  ? 0.894   7.235   -9.850  1.00 19.66 ? 307 HOH A O   1 
HETATM 727 O O   . HOH D 3 .  ? 0.415   -10.425 5.599   1.00 16.18 ? 308 HOH A O   1 
HETATM 728 O O   . HOH D 3 .  ? 7.080   6.979   -7.673  1.00 19.47 ? 309 HOH A O   1 
HETATM 729 O O   . HOH D 3 .  ? 4.745   -10.672 -3.906  1.00 19.17 ? 310 HOH A O   1 
HETATM 730 O O   . HOH D 3 .  ? -0.609  5.015   -9.937  1.00 16.98 ? 311 HOH A O   1 
HETATM 731 O O   . HOH D 3 .  ? -1.271  -10.673 -0.467  1.00 22.57 ? 312 HOH A O   1 
HETATM 732 O O   . HOH D 3 .  ? 11.979  0.926   -11.197 1.00 21.12 ? 313 HOH A O   1 
HETATM 733 O O   . HOH D 3 .  ? 3.617   7.671   11.229  1.00 18.93 ? 314 HOH A O   1 
HETATM 734 O O   . HOH D 3 .  ? 8.316   4.897   -15.223 1.00 28.15 ? 315 HOH A O   1 
HETATM 735 O O   . HOH D 3 .  ? 1.032   -9.241  -17.846 1.00 20.61 ? 316 HOH A O   1 
HETATM 736 O O   . HOH D 3 .  ? 1.714   9.552   8.703   1.00 18.86 ? 317 HOH A O   1 
HETATM 737 O O   . HOH D 3 .  ? 3.526   7.509   -10.185 1.00 20.23 ? 318 HOH A O   1 
HETATM 738 O O   . HOH D 3 .  ? 11.346  9.070   -1.000  1.00 28.99 ? 319 HOH A O   1 
HETATM 739 O O   . HOH D 3 .  ? 0.969   -12.722 -0.662  1.00 24.14 ? 320 HOH A O   1 
HETATM 740 O O   . HOH D 3 .  ? 7.209   4.556   -11.470 1.00 27.21 ? 321 HOH A O   1 
HETATM 741 O O   . HOH D 3 .  ? 12.957  11.051  3.243   1.00 24.37 ? 322 HOH A O   1 
HETATM 742 O O   . HOH D 3 .  ? 10.343  9.212   7.193   1.00 28.64 ? 323 HOH A O   1 
HETATM 743 O O   . HOH D 3 .  ? 3.415   -10.927 -6.376  1.00 27.04 ? 324 HOH A O   1 
HETATM 744 O O   . HOH D 3 .  ? 11.233  13.004  4.491   1.00 23.61 ? 325 HOH A O   1 
HETATM 745 O O   . HOH D 3 .  ? 15.096  9.376   4.537   1.00 36.32 ? 326 HOH A O   1 
HETATM 746 O O   . HOH D 3 .  ? 12.985  9.278   1.386   1.00 32.50 ? 327 HOH A O   1 
HETATM 747 O O   . HOH D 3 .  ? 16.016  9.990   0.086   1.00 34.64 ? 328 HOH A O   1 
HETATM 748 O O   . HOH D 3 .  ? 13.904  11.614  -0.131  1.00 38.36 ? 329 HOH A O   1 
HETATM 749 O O   . HOH D 3 .  ? 14.833  5.706   2.510   1.00 37.90 ? 330 HOH A O   1 
HETATM 750 O O   . HOH D 3 .  ? 7.626   8.778   11.353  1.00 40.18 ? 331 HOH A O   1 
HETATM 751 O O   . HOH D 3 .  ? 12.127  2.050   8.418   1.00 27.68 ? 332 HOH A O   1 
HETATM 752 O O   . HOH D 3 .  ? -6.498  -7.976  -5.279  1.00 25.94 ? 333 HOH A O   1 
HETATM 753 O O   . HOH D 3 .  ? -1.155  -12.023 -6.978  1.00 26.34 ? 334 HOH A O   1 
HETATM 754 O O   . HOH D 3 .  ? 4.244   -9.168  -8.819  1.00 31.67 ? 335 HOH A O   1 
HETATM 755 O O   . HOH D 3 .  ? 8.075   -0.336  12.800  1.00 29.68 ? 336 HOH A O   1 
HETATM 756 O O   . HOH D 3 .  ? -10.004 -1.971  -7.393  1.00 29.70 ? 337 HOH A O   1 
HETATM 757 O O   . HOH D 3 .  ? -6.059  -2.732  -14.634 1.00 30.52 ? 338 HOH A O   1 
HETATM 758 O O   . HOH D 3 .  ? -3.803  -3.029  -15.622 1.00 30.83 ? 339 HOH A O   1 
HETATM 759 O O   . HOH D 3 .  ? 5.458   3.953   -13.770 1.00 30.63 ? 340 HOH A O   1 
HETATM 760 O O   . HOH D 3 .  ? 9.606   6.957   -8.081  1.00 33.45 ? 341 HOH A O   1 
HETATM 761 O O   . HOH D 3 .  ? -0.826  -6.701  -19.108 1.00 30.68 ? 342 HOH A O   1 
HETATM 762 O O   . HOH D 3 .  ? 4.489   7.288   -13.509 1.00 30.31 ? 343 HOH A O   1 
HETATM 763 O O   . HOH D 3 .  ? -7.625  -0.281  -8.410  1.00 31.26 ? 344 HOH A O   1 
HETATM 764 O O   . HOH D 3 .  ? 2.477   -13.823 -9.306  1.00 32.32 ? 345 HOH A O   1 
HETATM 765 O O   . HOH D 3 .  ? 1.486   -12.662 -7.053  1.00 31.26 ? 346 HOH A O   1 
HETATM 766 O O   . HOH D 3 .  ? 13.476  15.177  8.329   1.00 32.00 ? 347 HOH A O   1 
HETATM 767 O O   . HOH D 3 .  ? 8.853   -4.923  -6.390  1.00 32.88 ? 348 HOH A O   1 
HETATM 768 O O   . HOH E 3 .  ? 1.145   7.590   10.460  1.00 15.34 ? 401 HOH B O   1 
HETATM 769 O O   . HOH E 3 .  ? -5.487  -0.944  18.575  1.00 10.19 ? 402 HOH B O   1 
HETATM 770 O O   . HOH E 3 .  ? -9.790  -1.727  -2.392  1.00 12.30 ? 403 HOH B O   1 
HETATM 771 O O   . HOH E 3 .  ? -10.506 0.931   -1.942  1.00 13.96 ? 404 HOH B O   1 
HETATM 772 O O   . HOH E 3 .  ? -2.494  4.719   15.925  1.00 15.62 ? 405 HOH B O   1 
HETATM 773 O O   . HOH E 3 .  ? -5.375  -11.011 11.983  1.00 21.57 ? 406 HOH B O   1 
HETATM 774 O O   . HOH E 3 .  ? -5.694  8.402   -0.180  1.00 16.48 ? 407 HOH B O   1 
HETATM 775 O O   . HOH E 3 .  ? -10.781 -2.924  4.446   1.00 19.64 ? 408 HOH B O   1 
HETATM 776 O O   . HOH E 3 .  ? -3.352  9.528   -0.896  1.00 16.02 ? 409 HOH B O   1 
HETATM 777 O O   . HOH E 3 .  ? -8.507  -8.385  7.392   1.00 15.46 ? 410 HOH B O   1 
HETATM 778 O O   . HOH E 3 .  ? -3.814  11.596  -2.485  1.00 17.63 ? 411 HOH B O   1 
HETATM 779 O O   . HOH E 3 .  ? -2.340  -10.124 5.399   1.00 20.06 ? 412 HOH B O   1 
HETATM 780 O O   . HOH E 3 .  ? -10.150 -4.228  6.995   1.00 22.98 ? 413 HOH B O   1 
HETATM 781 O O   . HOH E 3 .  ? 5.078   5.264   10.858  1.00 22.18 ? 414 HOH B O   1 
HETATM 782 O O   . HOH E 3 .  ? 2.632   16.517  7.565   1.00 19.03 ? 415 HOH B O   1 
HETATM 783 O O   . HOH E 3 .  ? -0.459  8.166   12.717  1.00 22.75 ? 416 HOH B O   1 
HETATM 784 O O   . HOH E 3 .  ? -11.190 -6.110  0.996   1.00 27.10 ? 417 HOH B O   1 
HETATM 785 O O   . HOH E 3 .  ? -6.840  -7.740  0.698   1.00 22.16 ? 418 HOH B O   1 
HETATM 786 O O   . HOH E 3 .  ? -5.408  6.291   8.815   1.00 19.75 ? 419 HOH B O   1 
HETATM 787 O O   . HOH E 3 .  ? 7.728   14.347  -4.204  1.00 26.60 ? 420 HOH B O   1 
HETATM 788 O O   . HOH E 3 .  ? -5.506  8.959   9.885   1.00 28.08 ? 421 HOH B O   1 
HETATM 789 O O   . HOH E 3 .  ? -4.661  -9.528  0.621   1.00 21.68 ? 422 HOH B O   1 
HETATM 790 O O   . HOH E 3 .  ? -10.878 -6.871  7.220   1.00 21.68 ? 423 HOH B O   1 
HETATM 791 O O   . HOH E 3 .  ? 1.018   15.657  3.697   1.00 21.66 ? 424 HOH B O   1 
HETATM 792 O O   . HOH E 3 .  ? 1.416   17.403  -1.177  1.00 29.74 ? 425 HOH B O   1 
HETATM 793 O O   . HOH E 3 .  ? 6.308   9.745   -7.703  1.00 27.85 ? 426 HOH B O   1 
HETATM 794 O O   . HOH E 3 .  ? -2.452  12.266  -4.235  1.00 29.37 ? 427 HOH B O   1 
HETATM 795 O O   . HOH E 3 .  ? 4.307   2.501   10.917  1.00 28.81 ? 428 HOH B O   1 
HETATM 796 O O   . HOH E 3 .  ? 0.332   16.143  0.950   1.00 27.47 ? 429 HOH B O   1 
HETATM 797 O O   . HOH E 3 .  ? -5.145  -12.556 14.529  1.00 29.57 ? 430 HOH B O   1 
HETATM 798 O O   . HOH E 3 .  ? -12.543 -4.837  3.098   1.00 30.61 ? 431 HOH B O   1 
HETATM 799 O O   . HOH E 3 .  ? -8.129  2.237   10.142  1.00 31.19 ? 432 HOH B O   1 
HETATM 800 O O   . HOH E 3 .  ? 9.250   3.783   14.002  1.00 30.27 ? 433 HOH B O   1 
HETATM 801 O O   . HOH E 3 .  ? 10.166  3.783   8.005   1.00 25.87 ? 434 HOH B O   1 
HETATM 802 O O   . HOH E 3 .  ? 1.275   13.529  9.660   1.00 31.25 ? 435 HOH B O   1 
HETATM 803 O O   . HOH E 3 .  ? -7.826  0.602   12.266  1.00 29.65 ? 436 HOH B O   1 
HETATM 804 O O   . HOH E 3 .  ? -11.936 -7.368  10.000  1.00 32.01 ? 437 HOH B O   1 
HETATM 805 O O   . HOH E 3 .  ? -9.344  -2.638  9.214   1.00 31.53 ? 438 HOH B O   1 
# 
loop_
_atom_site_anisotrop.id 
_atom_site_anisotrop.type_symbol 
_atom_site_anisotrop.pdbx_label_atom_id 
_atom_site_anisotrop.pdbx_label_alt_id 
_atom_site_anisotrop.pdbx_label_comp_id 
_atom_site_anisotrop.pdbx_label_asym_id 
_atom_site_anisotrop.pdbx_label_seq_id 
_atom_site_anisotrop.pdbx_PDB_ins_code 
_atom_site_anisotrop.U[1][1] 
_atom_site_anisotrop.U[2][2] 
_atom_site_anisotrop.U[3][3] 
_atom_site_anisotrop.U[1][2] 
_atom_site_anisotrop.U[1][3] 
_atom_site_anisotrop.U[2][3] 
_atom_site_anisotrop.pdbx_auth_seq_id 
_atom_site_anisotrop.pdbx_auth_comp_id 
_atom_site_anisotrop.pdbx_auth_asym_id 
_atom_site_anisotrop.pdbx_auth_atom_id 
38  N N   . PRO A 7  ? 0.1169 0.1790 0.1134 -0.0042 -0.0125 -0.0141 178 PRO A N   
39  C CA  . PRO A 7  ? 0.1179 0.1610 0.1064 0.0009  -0.0020 0.0045  178 PRO A CA  
40  C C   . PRO A 7  ? 0.0911 0.1465 0.1015 -0.0039 -0.0057 0.0056  178 PRO A C   
41  O O   . PRO A 7  ? 0.0899 0.1591 0.0991 -0.0024 -0.0103 0.0172  178 PRO A O   
42  C CB  . PRO A 7  ? 0.1147 0.1873 0.1135 -0.0017 0.0026  0.0025  178 PRO A CB  
43  C CG  . PRO A 7  ? 0.1179 0.1887 0.1486 0.0039  0.0138  0.0043  178 PRO A CG  
44  C CD  . PRO A 7  ? 0.1185 0.2031 0.1346 -0.0006 0.0053  -0.0103 178 PRO A CD  
45  N N   . TRP A 8  ? 0.0729 0.1347 0.1244 -0.0009 0.0100  0.0269  179 TRP A N   
46  C CA  . TRP A 8  ? 0.0797 0.1261 0.1222 -0.0114 0.0065  0.0261  179 TRP A CA  
47  C C   . TRP A 8  ? 0.0975 0.1256 0.1030 -0.0094 0.0142  0.0115  179 TRP A C   
48  O O   . TRP A 8  ? 0.0865 0.1356 0.1014 -0.0076 0.0074  -0.0029 179 TRP A O   
49  C CB  . TRP A 8  ? 0.0641 0.1223 0.1722 -0.0180 0.0128  0.0171  179 TRP A CB  
50  C CG  . TRP A 8  ? 0.0629 0.1222 0.1837 -0.0010 0.0006  0.0051  179 TRP A CG  
51  C CD1 . TRP A 8  ? 0.0730 0.1375 0.2161 0.0191  -0.0230 -0.0203 179 TRP A CD1 
52  C CD2 . TRP A 8  ? 0.0785 0.1239 0.1877 0.0070  -0.0030 0.0105  179 TRP A CD2 
53  N NE1 . TRP A 8  ? 0.0816 0.1481 0.2518 0.0272  -0.0282 -0.0278 179 TRP A NE1 
54  C CE2 . TRP A 8  ? 0.0928 0.1450 0.2528 0.0211  -0.0035 -0.0071 179 TRP A CE2 
55  C CE3 . TRP A 8  ? 0.0708 0.1483 0.1986 0.0034  0.0219  0.0307  179 TRP A CE3 
56  C CZ2 . TRP A 8  ? 0.0956 0.1293 0.2723 0.0219  0.0071  0.0000  179 TRP A CZ2 
57  C CZ3 . TRP A 8  ? 0.0953 0.1379 0.2269 0.0014  0.0394  0.0361  179 TRP A CZ3 
58  C CH2 . TRP A 8  ? 0.0839 0.1355 0.2677 0.0068  0.0303  0.0243  179 TRP A CH2 
59  N N   . ASP A 9  ? 0.1081 0.1220 0.1104 -0.0058 0.0186  0.0090  180 ASP A N   
60  C CA  . ASP A 9  ? 0.1238 0.1238 0.1359 -0.0023 0.0243  0.0228  180 ASP A CA  
61  C C   . ASP A 9  ? 0.1002 0.1311 0.1131 -0.0216 0.0159  0.0233  180 ASP A C   
62  O O   . ASP A 9  ? 0.1418 0.1518 0.1020 -0.0259 0.0110  0.0087  180 ASP A O   
63  C CB  . ASP A 9  ? 0.1519 0.1261 0.1824 0.0257  0.0091  0.0149  180 ASP A CB  
64  C CG  . ASP A 9  ? 0.1842 0.1622 0.2378 0.0376  0.0125  0.0213  180 ASP A CG  
65  O OD1 . ASP A 9  ? 0.1610 0.1857 0.2404 0.0101  0.0002  -0.0014 180 ASP A OD1 
66  O OD2 . ASP A 9  ? 0.2232 0.2210 0.3088 0.0464  0.0305  0.0181  180 ASP A OD2 
67  N N   . ASP A 10 ? 0.0927 0.1236 0.1110 -0.0276 0.0190  0.0223  181 ASP A N   
68  C CA  . ASP A 10 ? 0.1001 0.1341 0.0903 -0.0417 0.0191  0.0230  181 ASP A CA  
69  C C   . ASP A 10 ? 0.1055 0.1440 0.0990 -0.0320 0.0037  0.0124  181 ASP A C   
70  O O   . ASP A 10 ? 0.1120 0.1616 0.0985 -0.0398 -0.0119 0.0040  181 ASP A O   
71  C CB  . ASP A 10 ? 0.1330 0.1606 0.0937 -0.0300 0.0227  0.0383  181 ASP A CB  
72  C CG  . ASP A 10 ? 0.1500 0.1797 0.1386 -0.0129 0.0189  0.0387  181 ASP A CG  
73  O OD1 . ASP A 10 ? 0.1917 0.1800 0.1821 -0.0081 0.0243  0.0259  181 ASP A OD1 
74  O OD2 . ASP A 10 ? 0.1442 0.2039 0.1344 -0.0162 0.0084  0.0516  181 ASP A OD2 
75  N N   . ILE A 11 ? 0.1041 0.1250 0.1033 -0.0203 0.0036  0.0163  182 ILE A N   
76  C CA  . ILE A 11 ? 0.1016 0.1277 0.0969 -0.0142 -0.0072 0.0171  182 ILE A CA  
77  C C   . ILE A 11 ? 0.0936 0.1355 0.0880 -0.0068 -0.0031 0.0016  182 ILE A C   
78  O O   . ILE A 11 ? 0.1124 0.1643 0.0857 0.0119  -0.0078 -0.0017 182 ILE A O   
79  C CB  . ILE A 11 ? 0.1184 0.1388 0.1065 -0.0113 -0.0143 0.0100  182 ILE A CB  
80  C CG1 . ILE A 11 ? 0.1223 0.1577 0.1146 -0.0229 -0.0158 -0.0090 182 ILE A CG1 
81  C CG2 . ILE A 11 ? 0.1204 0.1248 0.1221 -0.0031 -0.0186 0.0169  182 ILE A CG2 
82  C CD1 . ILE A 11 ? 0.1279 0.1715 0.1347 -0.0196 -0.0146 -0.0251 182 ILE A CD1 
83  N N   . GLU A 12 ? 0.0963 0.1462 0.0758 -0.0018 0.0026  0.0077  183 GLU A N   
84  C CA  . GLU A 12 ? 0.0911 0.1748 0.0901 -0.0204 0.0076  0.0127  183 GLU A CA  
85  C C   . GLU A 12 ? 0.0857 0.1635 0.0967 -0.0117 -0.0035 0.0057  183 GLU A C   
86  O O   . GLU A 12 ? 0.0994 0.1895 0.0818 -0.0157 0.0007  0.0053  183 GLU A O   
87  C CB  . GLU A 12 ? 0.0969 0.2223 0.0978 -0.0221 0.0265  0.0267  183 GLU A CB  
88  C CG  . GLU A 12 ? 0.1381 0.2867 0.1103 -0.0101 0.0308  0.0063  183 GLU A CG  
89  C CD  . GLU A 12 ? 0.2036 0.3549 0.1768 -0.0048 0.0616  -0.0018 183 GLU A CD  
90  O OE1 . GLU A 12 ? 0.2262 0.3901 0.2373 -0.0089 0.0823  0.0016  183 GLU A OE1 
91  O OE2 . GLU A 12 ? 0.2362 0.3669 0.2170 0.0091  0.0823  -0.0052 183 GLU A OE2 
92  N N   . ALA A 13 ? 0.1114 0.1504 0.1044 -0.0196 0.0111  0.0011  184 ALA A N   
93  C CA  . ALA A 13 ? 0.1313 0.1455 0.1355 -0.0126 0.0043  -0.0007 184 ALA A CA  
94  C C   . ALA A 13 ? 0.1196 0.1626 0.1202 -0.0249 0.0091  -0.0049 184 ALA A C   
95  O O   . ALA A 13 ? 0.1251 0.1908 0.1146 -0.0331 0.0163  -0.0100 184 ALA A O   
96  C CB  . ALA A 13 ? 0.1744 0.1309 0.1451 -0.0036 0.0014  -0.0007 184 ALA A CB  
97  N N   . LEU A 14 ? 0.1260 0.1776 0.1086 -0.0239 0.0107  0.0044  185 LEU A N   
98  C CA  A LEU A 14 ? 0.1319 0.1943 0.1095 -0.0270 0.0026  -0.0120 185 LEU A CA  
99  C CA  B LEU A 14 ? 0.1313 0.1943 0.1113 -0.0277 0.0047  -0.0094 185 LEU A CA  
100 C C   . LEU A 14 ? 0.1111 0.1904 0.0969 -0.0441 0.0012  -0.0047 185 LEU A C   
101 O O   . LEU A 14 ? 0.1084 0.2151 0.1253 -0.0404 0.0047  0.0054  185 LEU A O   
102 C CB  A LEU A 14 ? 0.1578 0.2193 0.1214 -0.0173 0.0068  -0.0295 185 LEU A CB  
103 C CB  B LEU A 14 ? 0.1554 0.2194 0.1302 -0.0153 0.0080  -0.0239 185 LEU A CB  
104 C CG  A LEU A 14 ? 0.1713 0.2444 0.1591 0.0002  0.0152  -0.0328 185 LEU A CG  
105 C CG  B LEU A 14 ? 0.1733 0.2441 0.1622 0.0002  0.0159  -0.0301 185 LEU A CG  
106 C CD1 A LEU A 14 ? 0.1879 0.2532 0.1635 0.0104  0.0181  -0.0388 185 LEU A CD1 
107 C CD1 B LEU A 14 ? 0.1751 0.2546 0.1782 0.0040  0.0156  -0.0358 185 LEU A CD1 
108 C CD2 A LEU A 14 ? 0.1836 0.2448 0.1721 0.0176  0.0323  -0.0121 185 LEU A CD2 
109 C CD2 B LEU A 14 ? 0.1886 0.2480 0.1740 0.0121  0.0309  -0.0194 185 LEU A CD2 
110 N N   . LEU A 15 ? 0.1204 0.1794 0.0819 -0.0315 0.0088  0.0038  186 LEU A N   
111 C CA  . LEU A 15 ? 0.1176 0.1729 0.0951 -0.0239 -0.0072 0.0071  186 LEU A CA  
112 C C   . LEU A 15 ? 0.1070 0.1863 0.0977 -0.0230 -0.0056 0.0180  186 LEU A C   
113 O O   . LEU A 15 ? 0.0936 0.2006 0.0888 -0.0086 -0.0082 0.0371  186 LEU A O   
114 C CB  . LEU A 15 ? 0.1185 0.1622 0.1175 -0.0278 -0.0068 0.0086  186 LEU A CB  
115 C CG  . LEU A 15 ? 0.1390 0.1482 0.1282 -0.0120 -0.0064 0.0060  186 LEU A CG  
116 C CD1 . LEU A 15 ? 0.1718 0.1385 0.1360 -0.0190 0.0055  0.0113  186 LEU A CD1 
117 C CD2 . LEU A 15 ? 0.1531 0.1440 0.1401 0.0075  -0.0014 -0.0093 186 LEU A CD2 
118 N N   . LYS A 16 ? 0.1185 0.1921 0.0894 -0.0274 -0.0099 0.0081  187 LYS A N   
119 C CA  . LYS A 16 ? 0.1513 0.2189 0.0892 -0.0257 -0.0255 -0.0005 187 LYS A CA  
120 C C   . LYS A 16 ? 0.1590 0.2336 0.1011 -0.0312 -0.0256 0.0037  187 LYS A C   
121 O O   . LYS A 16 ? 0.1727 0.2898 0.0961 -0.0241 -0.0194 0.0018  187 LYS A O   
122 C CB  . LYS A 16 ? 0.2299 0.2520 0.0973 -0.0032 -0.0084 -0.0152 187 LYS A CB  
123 C CG  . LYS A 16 ? 0.2700 0.2855 0.1960 0.0125  0.0092  -0.0375 187 LYS A CG  
124 C CD  . LYS A 16 ? 0.2965 0.3029 0.2617 0.0219  0.0205  -0.0394 187 LYS A CD  
125 C CE  . LYS A 16 ? 0.3216 0.3231 0.2932 0.0205  0.0319  -0.0394 187 LYS A CE  
126 N NZ  . LYS A 16 ? 0.3431 0.3372 0.3425 0.0233  0.0537  -0.0305 187 LYS A NZ  
127 N N   . ASN A 17 ? 0.1564 0.2187 0.1098 -0.0473 -0.0307 0.0053  188 ASN A N   
128 C CA  . ASN A 17 ? 0.1568 0.2437 0.1580 -0.0603 -0.0237 -0.0051 188 ASN A CA  
129 C C   . ASN A 17 ? 0.1254 0.2740 0.1443 -0.0611 -0.0252 -0.0056 188 ASN A C   
130 O O   . ASN A 17 ? 0.1243 0.2960 0.1715 -0.0622 -0.0324 -0.0135 188 ASN A O   
131 C CB  . ASN A 17 ? 0.1886 0.2529 0.2080 -0.0645 -0.0160 -0.0085 188 ASN A CB  
132 C CG  . ASN A 17 ? 0.2311 0.2732 0.2551 -0.0596 0.0041  -0.0131 188 ASN A CG  
133 O OD1 . ASN A 17 ? 0.2566 0.3020 0.2977 -0.0554 0.0161  -0.0254 188 ASN A OD1 
134 N ND2 . ASN A 17 ? 0.2236 0.2659 0.2636 -0.0504 -0.0046 -0.0088 188 ASN A ND2 
135 N N   . ASN A 18 ? 0.1269 0.2848 0.1224 -0.0498 -0.0024 0.0076  189 ASN A N   
136 C CA  A ASN A 18 ? 0.1106 0.3040 0.1301 -0.0452 -0.0111 -0.0009 189 ASN A CA  
137 C CA  B ASN A 18 ? 0.1188 0.3027 0.1383 -0.0420 -0.0085 -0.0004 189 ASN A CA  
138 C C   . ASN A 18 ? 0.1058 0.3030 0.1261 -0.0352 -0.0127 0.0140  189 ASN A C   
139 O O   . ASN A 18 ? 0.1353 0.3215 0.1452 -0.0145 0.0066  0.0362  189 ASN A O   
140 C CB  A ASN A 18 ? 0.1351 0.3185 0.1806 -0.0364 -0.0001 -0.0279 189 ASN A CB  
141 C CB  B ASN A 18 ? 0.1403 0.3214 0.1846 -0.0354 0.0007  -0.0245 189 ASN A CB  
142 C CG  A ASN A 18 ? 0.1558 0.3426 0.2226 -0.0262 0.0096  -0.0520 189 ASN A CG  
143 C CG  B ASN A 18 ? 0.1641 0.3441 0.2340 -0.0257 0.0132  -0.0457 189 ASN A CG  
144 O OD1 A ASN A 18 ? 0.1628 0.3534 0.2651 -0.0284 0.0280  -0.0703 189 ASN A OD1 
145 O OD1 B ASN A 18 ? 0.1783 0.3546 0.2726 -0.0246 0.0292  -0.0523 189 ASN A OD1 
146 N ND2 A ASN A 18 ? 0.1625 0.3530 0.2132 -0.0177 -0.0008 -0.0659 189 ASN A ND2 
147 N ND2 B ASN A 18 ? 0.1751 0.3461 0.2336 -0.0149 0.0102  -0.0564 189 ASN A ND2 
148 N N   . PHE A 19 ? 0.0989 0.2769 0.1005 -0.0448 -0.0097 0.0149  190 PHE A N   
149 C CA  A PHE A 19 ? 0.1090 0.2573 0.1082 -0.0451 -0.0010 0.0169  190 PHE A CA  
150 C CA  B PHE A 19 ? 0.1169 0.2632 0.1219 -0.0399 -0.0036 0.0111  190 PHE A CA  
151 C C   . PHE A 19 ? 0.1192 0.2569 0.1179 -0.0446 -0.0010 0.0109  190 PHE A C   
152 O O   . PHE A 19 ? 0.1200 0.2447 0.1241 -0.0343 0.0132  0.0303  190 PHE A O   
153 C CB  A PHE A 19 ? 0.1172 0.2584 0.1087 -0.0411 -0.0018 0.0166  190 PHE A CB  
154 C CB  B PHE A 19 ? 0.1381 0.2729 0.1485 -0.0278 -0.0072 0.0016  190 PHE A CB  
155 C CG  A PHE A 19 ? 0.1222 0.2536 0.1060 -0.0382 0.0024  0.0207  190 PHE A CG  
156 C CG  B PHE A 19 ? 0.1589 0.2804 0.1678 -0.0217 -0.0071 -0.0093 190 PHE A CG  
157 C CD1 A PHE A 19 ? 0.1225 0.2505 0.1066 -0.0305 -0.0112 0.0112  190 PHE A CD1 
158 C CD1 B PHE A 19 ? 0.1769 0.2773 0.1790 -0.0140 -0.0062 -0.0133 190 PHE A CD1 
159 C CD2 A PHE A 19 ? 0.1209 0.2425 0.1065 -0.0336 -0.0037 0.0302  190 PHE A CD2 
160 C CD2 B PHE A 19 ? 0.1734 0.2866 0.1837 -0.0167 -0.0047 -0.0121 190 PHE A CD2 
161 C CE1 A PHE A 19 ? 0.1087 0.2465 0.1065 -0.0332 -0.0293 -0.0012 190 PHE A CE1 
162 C CE1 B PHE A 19 ? 0.1907 0.2755 0.1906 -0.0075 0.0014  -0.0114 190 PHE A CE1 
163 C CE2 A PHE A 19 ? 0.1162 0.2349 0.1170 -0.0263 -0.0125 0.0226  190 PHE A CE2 
164 C CE2 B PHE A 19 ? 0.1855 0.2861 0.1972 -0.0116 0.0013  -0.0096 190 PHE A CE2 
165 C CZ  A PHE A 19 ? 0.1079 0.2362 0.1268 -0.0244 -0.0228 0.0114  190 PHE A CZ  
166 C CZ  B PHE A 19 ? 0.1906 0.2827 0.1926 -0.0106 0.0017  -0.0174 190 PHE A CZ  
167 N N   . GLU A 20 ? 0.1497 0.2406 0.1096 -0.0601 0.0011  0.0033  191 GLU A N   
168 C CA  . GLU A 20 ? 0.1710 0.2436 0.1300 -0.0637 -0.0036 -0.0021 191 GLU A CA  
169 C C   . GLU A 20 ? 0.1868 0.2266 0.1185 -0.0645 0.0109  0.0012  191 GLU A C   
170 O O   . GLU A 20 ? 0.2047 0.2187 0.1110 -0.0682 0.0237  -0.0091 191 GLU A O   
171 C CB  . GLU A 20 ? 0.1560 0.2686 0.1728 -0.0571 -0.0373 -0.0050 191 GLU A CB  
172 C CG  . GLU A 20 ? 0.1630 0.2835 0.2085 -0.0384 -0.0400 0.0440  191 GLU A CG  
173 C CD  . GLU A 20 ? 0.1767 0.2948 0.2285 -0.0359 -0.0408 0.0769  191 GLU A CD  
174 O OE1 . GLU A 20 ? 0.2002 0.2981 0.2844 -0.0172 -0.0406 0.0936  191 GLU A OE1 
175 O OE2 . GLU A 20 ? 0.1919 0.2867 0.1976 -0.0285 -0.0359 0.0985  191 GLU A OE2 
176 N N   . ASN A 21 ? 0.2013 0.2018 0.1268 -0.0520 0.0148  0.0074  192 ASN A N   
177 C CA  . ASN A 21 ? 0.2155 0.2103 0.1675 -0.0419 0.0154  -0.0226 192 ASN A CA  
178 C C   . ASN A 21 ? 0.1854 0.2176 0.1658 -0.0446 0.0242  -0.0375 192 ASN A C   
179 O O   . ASN A 21 ? 0.2265 0.2122 0.2129 -0.0286 0.0491  -0.0541 192 ASN A O   
180 C CB  . ASN A 21 ? 0.2766 0.2422 0.2156 -0.0381 0.0285  -0.0287 192 ASN A CB  
181 C CG  . ASN A 21 ? 0.3380 0.2981 0.2724 -0.0200 0.0384  -0.0236 192 ASN A CG  
182 O OD1 . ASN A 21 ? 0.3817 0.3168 0.2853 -0.0018 0.0483  -0.0114 192 ASN A OD1 
183 N ND2 . ASN A 21 ? 0.3401 0.3242 0.3019 -0.0155 0.0391  -0.0250 192 ASN A ND2 
184 N N   . ASP A 22 ? 0.1354 0.2168 0.1248 -0.0512 -0.0024 -0.0278 193 ASP A N   
185 C CA  A ASP A 22 ? 0.1356 0.2152 0.1192 -0.0523 -0.0010 -0.0257 193 ASP A CA  
186 C CA  B ASP A 22 ? 0.1275 0.2178 0.1127 -0.0518 0.0002  -0.0258 193 ASP A CA  
187 C C   . ASP A 22 ? 0.1130 0.2044 0.1037 -0.0493 -0.0039 -0.0304 193 ASP A C   
188 O O   . ASP A 22 ? 0.1215 0.2202 0.1121 -0.0375 0.0102  -0.0411 193 ASP A O   
189 C CB  A ASP A 22 ? 0.1453 0.2266 0.1194 -0.0425 -0.0048 0.0067  193 ASP A CB  
190 C CB  B ASP A 22 ? 0.1216 0.2367 0.1034 -0.0485 -0.0004 -0.0065 193 ASP A CB  
191 C CG  A ASP A 22 ? 0.1408 0.2459 0.1078 -0.0238 -0.0221 0.0264  193 ASP A CG  
192 C CG  B ASP A 22 ? 0.1119 0.2521 0.1047 -0.0383 -0.0024 0.0104  193 ASP A CG  
193 O OD1 A ASP A 22 ? 0.1254 0.2411 0.0960 -0.0177 -0.0211 0.0421  193 ASP A OD1 
194 O OD1 B ASP A 22 ? 0.1252 0.2432 0.1118 -0.0282 0.0095  0.0287  193 ASP A OD1 
195 O OD2 A ASP A 22 ? 0.1554 0.2817 0.1388 -0.0222 -0.0176 0.0245  193 ASP A OD2 
196 O OD2 B ASP A 22 ? 0.0992 0.2547 0.1284 -0.0276 -0.0090 0.0052  193 ASP A OD2 
197 N N   . GLN A 23 ? 0.1070 0.1684 0.1084 -0.0252 -0.0047 -0.0215 194 GLN A N   
198 C CA  . GLN A 23 ? 0.1096 0.1400 0.1485 -0.0099 0.0006  -0.0177 194 GLN A CA  
199 C C   . GLN A 23 ? 0.0979 0.1333 0.1206 -0.0124 -0.0017 -0.0066 194 GLN A C   
200 O O   . GLN A 23 ? 0.0946 0.1419 0.1132 -0.0080 -0.0086 -0.0144 194 GLN A O   
201 C CB  . GLN A 23 ? 0.1439 0.1331 0.1720 0.0065  0.0125  -0.0097 194 GLN A CB  
202 C CG  . GLN A 23 ? 0.2307 0.1546 0.2278 0.0010  0.0465  -0.0112 194 GLN A CG  
203 C CD  . GLN A 23 ? 0.2964 0.1811 0.2821 -0.0021 0.0890  -0.0067 194 GLN A CD  
204 O OE1 . GLN A 23 ? 0.2949 0.2302 0.2771 -0.0226 0.0949  -0.0394 194 GLN A OE1 
205 N NE2 . GLN A 23 ? 0.3309 0.1793 0.3245 0.0001  0.1051  0.0042  194 GLN A NE2 
206 N N   . ALA A 24 ? 0.0987 0.1137 0.1173 -0.0002 -0.0035 0.0134  195 ALA A N   
207 C CA  . ALA A 24 ? 0.1175 0.1205 0.0913 0.0029  -0.0084 0.0001  195 ALA A CA  
208 C C   . ALA A 24 ? 0.0937 0.1212 0.0836 0.0030  -0.0136 0.0004  195 ALA A C   
209 O O   . ALA A 24 ? 0.1014 0.1228 0.0814 0.0004  -0.0093 -0.0030 195 ALA A O   
210 C CB  . ALA A 24 ? 0.1339 0.1217 0.1015 0.0108  -0.0067 -0.0003 195 ALA A CB  
211 N N   . ALA A 25 ? 0.0840 0.1206 0.0903 0.0007  -0.0084 -0.0055 196 ALA A N   
212 C CA  . ALA A 25 ? 0.0815 0.1436 0.1153 0.0073  -0.0007 -0.0064 196 ALA A CA  
213 C C   . ALA A 25 ? 0.0981 0.1303 0.0889 0.0049  -0.0001 -0.0062 196 ALA A C   
214 O O   . ALA A 25 ? 0.1038 0.1464 0.1060 0.0171  -0.0044 -0.0261 196 ALA A O   
215 C CB  . ALA A 25 ? 0.0950 0.1689 0.1485 0.0023  0.0099  -0.0020 196 ALA A CB  
216 N N   . VAL A 26 ? 0.0917 0.1435 0.0731 -0.0109 -0.0071 -0.0015 197 VAL A N   
217 C CA  . VAL A 26 ? 0.1108 0.1363 0.0859 -0.0185 -0.0118 0.0099  197 VAL A CA  
218 C C   . VAL A 26 ? 0.1082 0.1106 0.0995 -0.0109 -0.0037 0.0269  197 VAL A C   
219 O O   . VAL A 26 ? 0.1203 0.1173 0.0840 -0.0044 -0.0013 0.0210  197 VAL A O   
220 C CB  . VAL A 26 ? 0.1530 0.1416 0.1084 -0.0287 0.0034  0.0263  197 VAL A CB  
221 C CG1 . VAL A 26 ? 0.1852 0.1657 0.1008 -0.0124 -0.0100 0.0180  197 VAL A CG1 
222 C CG2 . VAL A 26 ? 0.1542 0.1390 0.1309 -0.0486 0.0226  0.0193  197 VAL A CG2 
223 N N   . ARG A 27 ? 0.0828 0.1048 0.1025 -0.0175 -0.0036 0.0199  198 ARG A N   
224 C CA  A ARG A 27 ? 0.0983 0.1196 0.1005 -0.0115 0.0009  0.0260  198 ARG A CA  
225 C CA  B ARG A 27 ? 0.0959 0.1179 0.1075 -0.0131 0.0056  0.0226  198 ARG A CA  
226 C C   . ARG A 27 ? 0.1074 0.1160 0.0929 -0.0129 -0.0068 0.0111  198 ARG A C   
227 O O   . ARG A 27 ? 0.1108 0.1296 0.0709 -0.0190 -0.0161 -0.0088 198 ARG A O   
228 C CB  A ARG A 27 ? 0.1062 0.1375 0.0972 -0.0180 -0.0005 0.0147  198 ARG A CB  
229 C CB  B ARG A 27 ? 0.0958 0.1334 0.1197 -0.0185 0.0158  0.0136  198 ARG A CB  
230 C CG  A ARG A 27 ? 0.1290 0.1631 0.0947 -0.0184 0.0049  0.0141  198 ARG A CG  
231 C CG  B ARG A 27 ? 0.1045 0.1557 0.1281 -0.0208 0.0265  0.0089  198 ARG A CG  
232 C CD  A ARG A 27 ? 0.1516 0.1767 0.0892 -0.0057 0.0132  0.0173  198 ARG A CD  
233 C CD  B ARG A 27 ? 0.1070 0.1585 0.1378 -0.0094 0.0326  0.0027  198 ARG A CD  
234 N NE  A ARG A 27 ? 0.1401 0.1871 0.0954 0.0006  0.0066  0.0142  198 ARG A NE  
235 N NE  B ARG A 27 ? 0.0919 0.1581 0.1414 -0.0078 0.0279  -0.0082 198 ARG A NE  
236 C CZ  A ARG A 27 ? 0.1546 0.2099 0.1103 -0.0098 0.0119  -0.0083 198 ARG A CZ  
237 C CZ  B ARG A 27 ? 0.0924 0.1353 0.1537 -0.0048 0.0319  -0.0173 198 ARG A CZ  
238 N NH1 A ARG A 27 ? 0.1571 0.2188 0.1148 -0.0190 0.0202  -0.0244 198 ARG A NH1 
239 N NH1 B ARG A 27 ? 0.1002 0.1287 0.1413 0.0059  0.0318  -0.0105 198 ARG A NH1 
240 N NH2 A ARG A 27 ? 0.1735 0.2154 0.1512 0.0018  0.0210  0.0005  198 ARG A NH2 
241 N NH2 B ARG A 27 ? 0.0941 0.1198 0.1627 -0.0144 0.0348  -0.0306 198 ARG A NH2 
242 N N   . GLN A 28 ? 0.0975 0.1076 0.1013 0.0144  -0.0165 0.0305  199 GLN A N   
243 C CA  . GLN A 28 ? 0.1280 0.1133 0.0924 0.0091  -0.0207 0.0253  199 GLN A CA  
244 C C   . GLN A 28 ? 0.0937 0.1147 0.1004 0.0048  -0.0168 0.0156  199 GLN A C   
245 O O   . GLN A 28 ? 0.1136 0.1225 0.0972 0.0052  -0.0109 0.0096  199 GLN A O   
246 C CB  . GLN A 28 ? 0.1409 0.1191 0.1091 0.0190  -0.0400 0.0203  199 GLN A CB  
247 C CG  . GLN A 28 ? 0.1535 0.1425 0.1459 0.0234  -0.0383 0.0337  199 GLN A CG  
248 C CD  . GLN A 28 ? 0.1673 0.1650 0.1574 0.0139  -0.0353 0.0216  199 GLN A CD  
249 O OE1 . GLN A 28 ? 0.1627 0.1788 0.1830 0.0275  -0.0565 -0.0098 199 GLN A OE1 
250 N NE2 . GLN A 28 ? 0.1939 0.2118 0.1693 0.0029  -0.0211 0.0346  199 GLN A NE2 
251 N N   . VAL A 29 ? 0.0748 0.1196 0.0946 0.0000  -0.0079 0.0186  200 VAL A N   
252 C CA  . VAL A 29 ? 0.0732 0.1335 0.0941 -0.0026 -0.0116 -0.0052 200 VAL A CA  
253 C C   . VAL A 29 ? 0.0760 0.1328 0.0986 0.0076  -0.0013 -0.0005 200 VAL A C   
254 O O   . VAL A 29 ? 0.0663 0.1435 0.1189 -0.0043 -0.0084 -0.0196 200 VAL A O   
255 C CB  . VAL A 29 ? 0.0685 0.1508 0.1157 0.0054  -0.0161 -0.0189 200 VAL A CB  
256 C CG1 . VAL A 29 ? 0.0958 0.1278 0.1422 0.0098  0.0169  -0.0154 200 VAL A CG1 
257 C CG2 . VAL A 29 ? 0.0963 0.1721 0.1206 0.0191  -0.0147 -0.0156 200 VAL A CG2 
258 N N   . MET A 30 ? 0.0732 0.1246 0.0928 0.0144  -0.0077 0.0107  201 MET A N   
259 C CA  . MET A 30 ? 0.0956 0.1093 0.0852 0.0045  0.0027  0.0165  201 MET A CA  
260 C C   . MET A 30 ? 0.0834 0.1139 0.0668 0.0020  0.0001  -0.0009 201 MET A C   
261 O O   . MET A 30 ? 0.0766 0.1467 0.0882 0.0123  -0.0044 0.0009  201 MET A O   
262 C CB  . MET A 30 ? 0.1237 0.1056 0.0797 0.0020  -0.0061 0.0054  201 MET A CB  
263 C CG  . MET A 30 ? 0.1401 0.1416 0.0761 -0.0209 -0.0186 0.0030  201 MET A CG  
264 S SD  . MET A 30 ? 0.1785 0.1775 0.1079 -0.0418 -0.0091 0.0142  201 MET A SD  
265 C CE  . MET A 30 ? 0.1821 0.1927 0.1351 -0.0372 -0.0229 0.0165  201 MET A CE  
266 N N   . GLU A 31 ? 0.0649 0.1067 0.0904 -0.0021 0.0092  0.0175  202 GLU A N   
267 C CA  A GLU A 31 ? 0.0671 0.1290 0.0916 0.0047  0.0077  0.0169  202 GLU A CA  
268 C CA  B GLU A 31 ? 0.0886 0.1256 0.0922 0.0039  0.0167  0.0206  202 GLU A CA  
269 C C   . GLU A 31 ? 0.0804 0.1260 0.0957 0.0061  0.0036  0.0086  202 GLU A C   
270 O O   . GLU A 31 ? 0.0758 0.1397 0.0905 -0.0145 -0.0027 -0.0017 202 GLU A O   
271 C CB  A GLU A 31 ? 0.1030 0.1425 0.1054 0.0063  0.0222  -0.0022 202 GLU A CB  
272 C CB  B GLU A 31 ? 0.1422 0.1376 0.0970 0.0061  0.0396  0.0196  202 GLU A CB  
273 C CG  A GLU A 31 ? 0.1194 0.1548 0.1461 0.0053  0.0152  -0.0127 202 GLU A CG  
274 C CG  B GLU A 31 ? 0.1880 0.1472 0.1170 0.0113  0.0493  0.0242  202 GLU A CG  
275 C CD  A GLU A 31 ? 0.1329 0.1727 0.2352 0.0186  0.0032  -0.0092 202 GLU A CD  
276 C CD  B GLU A 31 ? 0.2025 0.1634 0.1539 0.0203  0.0555  0.0416  202 GLU A CD  
277 O OE1 A GLU A 31 ? 0.1609 0.1995 0.2562 0.0317  -0.0033 -0.0079 202 GLU A OE1 
278 O OE1 B GLU A 31 ? 0.2114 0.1784 0.1899 0.0125  0.0611  0.0442  202 GLU A OE1 
279 O OE2 A GLU A 31 ? 0.1208 0.1724 0.2856 0.0248  -0.0031 0.0000  202 GLU A OE2 
280 O OE2 B GLU A 31 ? 0.2107 0.1898 0.1640 0.0269  0.0581  0.0407  202 GLU A OE2 
281 N N   . ARG A 32 ? 0.0787 0.1176 0.1057 0.0249  0.0033  0.0022  203 ARG A N   
282 C CA  . ARG A 32 ? 0.0955 0.1089 0.0928 0.0133  0.0142  0.0091  203 ARG A CA  
283 C C   . ARG A 32 ? 0.0940 0.1043 0.0981 0.0087  0.0023  -0.0053 203 ARG A C   
284 O O   . ARG A 32 ? 0.0865 0.1174 0.1201 0.0012  -0.0182 -0.0305 203 ARG A O   
285 C CB  . ARG A 32 ? 0.0993 0.1062 0.1010 0.0278  -0.0043 -0.0002 203 ARG A CB  
286 C CG  . ARG A 32 ? 0.0965 0.0995 0.1282 0.0315  -0.0068 -0.0014 203 ARG A CG  
287 C CD  . ARG A 32 ? 0.1052 0.1170 0.1529 0.0383  0.0076  0.0076  203 ARG A CD  
288 N NE  . ARG A 32 ? 0.1466 0.1107 0.1713 0.0455  0.0283  0.0326  203 ARG A NE  
289 C CZ  . ARG A 32 ? 0.1963 0.1221 0.1660 0.0484  0.0404  0.0325  203 ARG A CZ  
290 N NH1 . ARG A 32 ? 0.2207 0.1401 0.1742 0.0529  0.0488  0.0194  203 ARG A NH1 
291 N NH2 . ARG A 32 ? 0.1950 0.1279 0.1830 0.0491  0.0358  0.0244  203 ARG A NH2 
292 N N   . LEU A 33 ? 0.0909 0.1036 0.0946 0.0154  0.0060  0.0070  204 LEU A N   
293 C CA  . LEU A 33 ? 0.0845 0.1185 0.0805 -0.0029 -0.0004 -0.0011 204 LEU A CA  
294 C C   . LEU A 33 ? 0.0661 0.1293 0.0832 -0.0031 -0.0083 -0.0098 204 LEU A C   
295 O O   . LEU A 33 ? 0.0726 0.1246 0.0937 0.0009  -0.0001 -0.0035 204 LEU A O   
296 C CB  . LEU A 33 ? 0.0988 0.1164 0.1051 -0.0018 -0.0029 -0.0055 204 LEU A CB  
297 C CG  . LEU A 33 ? 0.1012 0.1414 0.1222 0.0125  -0.0015 -0.0039 204 LEU A CG  
298 C CD1 . LEU A 33 ? 0.1302 0.1550 0.1316 0.0118  0.0124  -0.0073 204 LEU A CD1 
299 C CD2 . LEU A 33 ? 0.1067 0.1602 0.1037 0.0060  0.0030  -0.0112 204 LEU A CD2 
300 N N   . GLN A 34 ? 0.0507 0.1281 0.1066 0.0020  -0.0149 -0.0001 205 GLN A N   
301 C CA  . GLN A 34 ? 0.0765 0.1306 0.1116 0.0045  -0.0075 -0.0176 205 GLN A CA  
302 C C   . GLN A 34 ? 0.0808 0.1202 0.1054 -0.0089 0.0053  -0.0242 205 GLN A C   
303 O O   . GLN A 34 ? 0.1019 0.1402 0.1089 -0.0131 -0.0081 -0.0392 205 GLN A O   
304 C CB  . GLN A 34 ? 0.0680 0.1242 0.1254 0.0130  -0.0018 -0.0088 205 GLN A CB  
305 C CG  . GLN A 34 ? 0.1023 0.1376 0.1327 0.0181  0.0232  0.0101  205 GLN A CG  
306 C CD  . GLN A 34 ? 0.1257 0.1844 0.1091 0.0060  0.0244  -0.0091 205 GLN A CD  
307 O OE1 . GLN A 34 ? 0.1616 0.2142 0.1612 -0.0048 0.0314  -0.0232 205 GLN A OE1 
308 N NE2 . GLN A 34 ? 0.1397 0.1725 0.1018 0.0500  0.0121  0.0125  205 GLN A NE2 
309 N N   . LYS A 35 ? 0.0680 0.1289 0.1213 -0.0237 0.0280  -0.0161 206 LYS A N   
310 C CA  . LYS A 35 ? 0.0872 0.1429 0.1263 -0.0156 0.0232  -0.0011 206 LYS A CA  
311 C C   . LYS A 35 ? 0.1038 0.1556 0.1322 -0.0155 0.0188  -0.0249 206 LYS A C   
312 O O   . LYS A 35 ? 0.0812 0.1868 0.1463 -0.0282 0.0010  -0.0495 206 LYS A O   
313 C CB  . LYS A 35 ? 0.1453 0.1606 0.1525 -0.0150 0.0359  0.0046  206 LYS A CB  
314 C CG  . LYS A 35 ? 0.2153 0.1869 0.1863 -0.0141 0.0520  0.0145  206 LYS A CG  
315 C CD  . LYS A 35 ? 0.2796 0.2356 0.2316 -0.0141 0.0743  0.0286  206 LYS A CD  
316 C CE  . LYS A 35 ? 0.3251 0.2830 0.2689 -0.0019 0.0954  0.0415  206 LYS A CE  
317 N NZ  . LYS A 35 ? 0.3485 0.3152 0.3137 0.0038  0.1064  0.0398  206 LYS A NZ  
318 N N   . GLY A 36 ? 0.0916 0.1480 0.1106 -0.0166 0.0173  -0.0404 207 GLY A N   
319 C CA  . GLY A 36 ? 0.1072 0.1643 0.0975 -0.0162 0.0221  -0.0492 207 GLY A CA  
320 C C   . GLY A 36 ? 0.0966 0.1691 0.1081 -0.0281 0.0141  -0.0428 207 GLY A C   
321 O O   . GLY A 36 ? 0.1030 0.1807 0.1229 -0.0279 0.0156  -0.0575 207 GLY A O   
322 N N   . TRP A 37 ? 0.1067 0.1638 0.1135 -0.0226 0.0139  -0.0316 208 TRP A N   
323 C CA  . TRP A 37 ? 0.1116 0.1564 0.1273 -0.0173 -0.0059 -0.0398 208 TRP A CA  
324 C C   . TRP A 37 ? 0.1312 0.1773 0.1427 -0.0315 0.0001  -0.0516 208 TRP A C   
325 O O   . TRP A 37 ? 0.1466 0.1992 0.1415 -0.0426 0.0084  -0.0575 208 TRP A O   
326 C CB  . TRP A 37 ? 0.1322 0.1495 0.1377 -0.0011 -0.0071 -0.0557 208 TRP A CB  
327 C CG  . TRP A 37 ? 0.1157 0.1657 0.1374 0.0013  -0.0246 -0.0359 208 TRP A CG  
328 C CD1 . TRP A 37 ? 0.1264 0.1952 0.1659 0.0114  -0.0163 -0.0201 208 TRP A CD1 
329 C CD2 . TRP A 37 ? 0.1326 0.1517 0.1257 0.0001  -0.0209 -0.0268 208 TRP A CD2 
330 N NE1 . TRP A 37 ? 0.1444 0.1873 0.1642 0.0228  -0.0163 -0.0093 208 TRP A NE1 
331 C CE2 . TRP A 37 ? 0.1521 0.1604 0.1469 0.0167  -0.0081 -0.0084 208 TRP A CE2 
332 C CE3 . TRP A 37 ? 0.1412 0.1351 0.1398 -0.0229 0.0000  -0.0244 208 TRP A CE3 
333 C CZ2 . TRP A 37 ? 0.1535 0.1434 0.1412 0.0050  -0.0080 -0.0211 208 TRP A CZ2 
334 C CZ3 . TRP A 37 ? 0.1418 0.1345 0.1351 -0.0136 -0.0026 -0.0183 208 TRP A CZ3 
335 C CH2 . TRP A 37 ? 0.1340 0.1385 0.1371 -0.0168 -0.0142 -0.0204 208 TRP A CH2 
336 N N   . SER A 38 ? 0.1020 0.1934 0.1688 -0.0230 -0.0156 -0.0471 209 SER A N   
337 C CA  . SER A 38 ? 0.1160 0.2189 0.2186 -0.0256 -0.0051 -0.0598 209 SER A CA  
338 C C   . SER A 38 ? 0.1267 0.2122 0.1998 -0.0399 -0.0062 -0.0569 209 SER A C   
339 O O   . SER A 38 ? 0.1409 0.2111 0.1983 -0.0319 -0.0326 -0.0681 209 SER A O   
340 C CB  . SER A 38 ? 0.1133 0.2855 0.2909 -0.0205 0.0082  -0.0568 209 SER A CB  
341 O OG  . SER A 38 ? 0.1589 0.3259 0.3427 -0.0158 0.0248  -0.0661 209 SER A OG  
342 N N   . LEU A 39 ? 0.1274 0.2109 0.1889 -0.0608 0.0050  -0.0394 210 LEU A N   
343 C CA  . LEU A 39 ? 0.1355 0.2095 0.2020 -0.0506 0.0002  -0.0292 210 LEU A CA  
344 C C   . LEU A 39 ? 0.1387 0.1966 0.1962 -0.0357 -0.0040 -0.0417 210 LEU A C   
345 O O   . LEU A 39 ? 0.1403 0.1861 0.2221 -0.0345 0.0047  -0.0331 210 LEU A O   
346 C CB  . LEU A 39 ? 0.1671 0.2380 0.2353 -0.0612 0.0183  -0.0015 210 LEU A CB  
347 C CG  . LEU A 39 ? 0.1551 0.2646 0.2713 -0.0729 0.0226  0.0165  210 LEU A CG  
348 C CD1 . LEU A 39 ? 0.1552 0.2900 0.2775 -0.0696 0.0283  0.0356  210 LEU A CD1 
349 C CD2 . LEU A 39 ? 0.1326 0.2635 0.2890 -0.0882 0.0363  0.0289  210 LEU A CD2 
408 N N   . PRO B 7  ? 0.1521 0.1232 0.0800 0.0063  0.0295  -0.0003 178 PRO B N   
409 C CA  . PRO B 7  ? 0.1523 0.1130 0.0861 0.0019  0.0173  -0.0002 178 PRO B CA  
410 C C   . PRO B 7  ? 0.1153 0.1304 0.0802 -0.0129 0.0012  -0.0209 178 PRO B C   
411 O O   . PRO B 7  ? 0.1368 0.1333 0.0944 -0.0051 0.0029  -0.0289 178 PRO B O   
412 C CB  . PRO B 7  ? 0.1722 0.1155 0.1035 0.0029  0.0225  -0.0014 178 PRO B CB  
413 C CG  . PRO B 7  ? 0.1650 0.1042 0.1294 0.0249  0.0231  -0.0080 178 PRO B CG  
414 C CD  . PRO B 7  ? 0.1642 0.1228 0.1005 0.0261  0.0398  0.0059  178 PRO B CD  
415 N N   . TRP B 8  ? 0.0931 0.1496 0.0828 -0.0196 0.0045  -0.0243 179 TRP B N   
416 C CA  . TRP B 8  ? 0.0991 0.1471 0.0934 -0.0115 -0.0065 -0.0347 179 TRP B CA  
417 C C   . TRP B 8  ? 0.0962 0.1679 0.1072 -0.0061 -0.0061 -0.0297 179 TRP B C   
418 O O   . TRP B 8  ? 0.1085 0.1717 0.1026 -0.0040 -0.0052 -0.0307 179 TRP B O   
419 C CB  . TRP B 8  ? 0.0901 0.1419 0.1137 -0.0045 0.0010  -0.0402 179 TRP B CB  
420 C CG  . TRP B 8  ? 0.0978 0.1369 0.1189 0.0139  0.0024  -0.0379 179 TRP B CG  
421 C CD1 . TRP B 8  ? 0.0974 0.1296 0.1723 0.0307  0.0065  -0.0317 179 TRP B CD1 
422 C CD2 . TRP B 8  ? 0.0842 0.1477 0.1289 0.0063  -0.0076 -0.0536 179 TRP B CD2 
423 N NE1 . TRP B 8  ? 0.0867 0.1414 0.1866 0.0225  0.0070  -0.0160 179 TRP B NE1 
424 C CE2 . TRP B 8  ? 0.0811 0.1441 0.1683 0.0105  0.0050  -0.0323 179 TRP B CE2 
425 C CE3 . TRP B 8  ? 0.0770 0.1625 0.1370 0.0117  -0.0089 -0.0540 179 TRP B CE3 
426 C CZ2 . TRP B 8  ? 0.0959 0.1390 0.1663 0.0007  0.0007  -0.0535 179 TRP B CZ2 
427 C CZ3 . TRP B 8  ? 0.0949 0.1442 0.1629 0.0099  0.0079  -0.0486 179 TRP B CZ3 
428 C CH2 . TRP B 8  ? 0.0876 0.1553 0.1826 -0.0006 0.0052  -0.0578 179 TRP B CH2 
429 N N   . ASP B 9  ? 0.1080 0.1979 0.1072 -0.0182 -0.0011 -0.0137 180 ASP B N   
430 C CA  . ASP B 9  ? 0.0843 0.2538 0.1395 -0.0329 0.0000  0.0024  180 ASP B CA  
431 C C   . ASP B 9  ? 0.0875 0.2328 0.1172 -0.0575 -0.0040 -0.0056 180 ASP B C   
432 O O   . ASP B 9  ? 0.1109 0.2261 0.0995 -0.0500 0.0020  0.0008  180 ASP B O   
433 C CB  . ASP B 9  ? 0.0925 0.3230 0.1609 -0.0221 -0.0099 0.0111  180 ASP B CB  
434 C CG  . ASP B 9  ? 0.1183 0.3849 0.2228 0.0101  -0.0178 0.0080  180 ASP B CG  
435 O OD1 . ASP B 9  ? 0.1712 0.3918 0.2434 0.0206  0.0219  0.0212  180 ASP B OD1 
436 O OD2 . ASP B 9  ? 0.1737 0.4126 0.2923 0.0597  -0.0179 0.0117  180 ASP B OD2 
437 N N   . ASP B 10 ? 0.1138 0.2192 0.0952 -0.0661 -0.0094 -0.0194 181 ASP B N   
438 C CA  . ASP B 10 ? 0.1558 0.2218 0.0835 -0.0634 -0.0044 -0.0045 181 ASP B CA  
439 C C   . ASP B 10 ? 0.1364 0.1983 0.0893 -0.0587 0.0029  0.0057  181 ASP B C   
440 O O   . ASP B 10 ? 0.1526 0.2059 0.0957 -0.0602 0.0053  0.0072  181 ASP B O   
441 C CB  . ASP B 10 ? 0.1731 0.2268 0.0777 -0.0863 -0.0139 -0.0041 181 ASP B CB  
442 C CG  . ASP B 10 ? 0.2121 0.2586 0.1226 -0.0837 -0.0194 -0.0150 181 ASP B CG  
443 O OD1 . ASP B 10 ? 0.2224 0.2553 0.1585 -0.0903 -0.0324 -0.0159 181 ASP B OD1 
444 O OD2 . ASP B 10 ? 0.2205 0.2695 0.1387 -0.0764 -0.0213 -0.0066 181 ASP B OD2 
445 N N   . ILE B 11 ? 0.1191 0.1804 0.0939 -0.0475 0.0051  0.0006  182 ILE B N   
446 C CA  . ILE B 11 ? 0.1328 0.1573 0.0876 -0.0398 0.0103  -0.0113 182 ILE B CA  
447 C C   . ILE B 11 ? 0.1325 0.1651 0.0816 -0.0340 0.0055  -0.0103 182 ILE B C   
448 O O   . ILE B 11 ? 0.1332 0.1796 0.0769 -0.0147 0.0047  0.0069  182 ILE B O   
449 C CB  . ILE B 11 ? 0.1473 0.1342 0.1010 -0.0290 0.0139  -0.0156 182 ILE B CB  
450 C CG1 . ILE B 11 ? 0.1486 0.1337 0.0965 -0.0241 0.0238  0.0024  182 ILE B CG1 
451 C CG2 . ILE B 11 ? 0.1244 0.1342 0.1228 -0.0340 -0.0099 -0.0425 182 ILE B CG2 
452 C CD1 . ILE B 11 ? 0.1548 0.1470 0.1398 -0.0186 0.0346  0.0091  182 ILE B CD1 
453 N N   . GLU B 12 ? 0.1333 0.1595 0.0630 -0.0394 0.0021  -0.0195 183 GLU B N   
454 C CA  . GLU B 12 ? 0.1382 0.1763 0.0683 -0.0228 -0.0018 -0.0143 183 GLU B CA  
455 C C   . GLU B 12 ? 0.1090 0.1793 0.0741 -0.0130 -0.0005 -0.0144 183 GLU B C   
456 O O   . GLU B 12 ? 0.1056 0.1978 0.0968 0.0089  0.0049  0.0049  183 GLU B O   
457 C CB  . GLU B 12 ? 0.1747 0.2013 0.0809 -0.0095 -0.0060 -0.0138 183 GLU B CB  
458 C CG  . GLU B 12 ? 0.2293 0.2414 0.0901 0.0069  0.0067  -0.0152 183 GLU B CG  
459 C CD  . GLU B 12 ? 0.2948 0.2894 0.1392 0.0298  0.0369  -0.0039 183 GLU B CD  
460 O OE1 . GLU B 12 ? 0.3284 0.3038 0.1982 0.0443  0.0601  0.0048  183 GLU B OE1 
461 O OE2 . GLU B 12 ? 0.3240 0.3147 0.1801 0.0442  0.0520  -0.0036 183 GLU B OE2 
462 N N   . ALA B 13 ? 0.1242 0.1679 0.0846 -0.0173 0.0152  -0.0073 184 ALA B N   
463 C CA  . ALA B 13 ? 0.1306 0.1799 0.0948 -0.0278 0.0097  -0.0067 184 ALA B CA  
464 C C   . ALA B 13 ? 0.1205 0.1634 0.0929 -0.0190 0.0221  -0.0143 184 ALA B C   
465 O O   . ALA B 13 ? 0.1265 0.1494 0.0911 -0.0179 0.0171  -0.0178 184 ALA B O   
466 C CB  . ALA B 13 ? 0.1343 0.2116 0.1146 -0.0454 0.0014  -0.0026 184 ALA B CB  
467 N N   . LEU B 14 ? 0.1105 0.1843 0.0923 -0.0248 0.0223  -0.0254 185 LEU B N   
468 C CA  A LEU B 14 ? 0.1227 0.1905 0.1008 -0.0103 0.0295  -0.0167 185 LEU B CA  
469 C CA  B LEU B 14 ? 0.1237 0.1900 0.1040 -0.0100 0.0275  -0.0178 185 LEU B CA  
470 C C   . LEU B 14 ? 0.1276 0.1701 0.0983 0.0001  0.0220  -0.0143 185 LEU B C   
471 O O   . LEU B 14 ? 0.1359 0.1564 0.1297 -0.0004 0.0296  -0.0139 185 LEU B O   
472 C CB  A LEU B 14 ? 0.1240 0.2136 0.1351 -0.0053 0.0338  -0.0226 185 LEU B CB  
473 C CB  B LEU B 14 ? 0.1288 0.2146 0.1380 -0.0051 0.0322  -0.0228 185 LEU B CB  
474 C CG  A LEU B 14 ? 0.1428 0.2382 0.1740 -0.0005 0.0402  -0.0325 185 LEU B CG  
475 C CG  B LEU B 14 ? 0.1478 0.2378 0.1796 0.0020  0.0421  -0.0272 185 LEU B CG  
476 C CD1 A LEU B 14 ? 0.1349 0.2369 0.1769 -0.0062 0.0390  -0.0290 185 LEU B CD1 
477 C CD1 B LEU B 14 ? 0.1572 0.2367 0.1958 0.0038  0.0477  -0.0160 185 LEU B CD1 
478 C CD2 A LEU B 14 ? 0.1598 0.2620 0.2112 0.0109  0.0450  -0.0313 185 LEU B CD2 
479 C CD2 B LEU B 14 ? 0.1578 0.2551 0.2123 0.0143  0.0534  -0.0220 185 LEU B CD2 
480 N N   . LEU B 15 ? 0.1285 0.1601 0.1099 0.0158  0.0084  -0.0167 186 LEU B N   
481 C CA  . LEU B 15 ? 0.1365 0.1412 0.1181 0.0227  -0.0026 -0.0145 186 LEU B CA  
482 C C   . LEU B 15 ? 0.1311 0.1497 0.1095 0.0229  -0.0099 -0.0223 186 LEU B C   
483 O O   . LEU B 15 ? 0.1296 0.1443 0.1119 0.0212  -0.0213 -0.0248 186 LEU B O   
484 C CB  . LEU B 15 ? 0.1438 0.1351 0.1208 0.0340  -0.0102 -0.0085 186 LEU B CB  
485 C CG  . LEU B 15 ? 0.1263 0.1662 0.1530 0.0177  -0.0137 -0.0100 186 LEU B CG  
486 C CD1 . LEU B 15 ? 0.1256 0.1748 0.1720 0.0027  -0.0210 -0.0364 186 LEU B CD1 
487 C CD2 . LEU B 15 ? 0.1211 0.1738 0.1709 0.0238  -0.0054 0.0081  186 LEU B CD2 
488 N N   . LYS B 16 ? 0.1463 0.1590 0.1192 0.0175  0.0201  0.0017  187 LYS B N   
489 C CA  . LYS B 16 ? 0.1816 0.1860 0.1137 0.0207  0.0330  0.0021  187 LYS B CA  
490 C C   . LYS B 16 ? 0.1794 0.1705 0.1039 0.0125  0.0219  -0.0079 187 LYS B C   
491 O O   . LYS B 16 ? 0.1853 0.1623 0.1218 0.0259  0.0120  -0.0223 187 LYS B O   
492 C CB  . LYS B 16 ? 0.1850 0.2290 0.1580 0.0305  0.0469  0.0037  187 LYS B CB  
493 C CG  . LYS B 16 ? 0.1910 0.2857 0.1975 0.0227  0.0592  -0.0042 187 LYS B CG  
494 C CD  . LYS B 16 ? 0.2040 0.3354 0.2461 0.0129  0.0738  0.0031  187 LYS B CD  
495 C CE  . LYS B 16 ? 0.2200 0.3740 0.2739 -0.0066 0.0802  -0.0056 187 LYS B CE  
496 N NZ  . LYS B 16 ? 0.2322 0.3951 0.2996 -0.0127 0.0783  -0.0112 187 LYS B NZ  
497 N N   . ASN B 17 ? 0.1576 0.1597 0.1127 -0.0140 0.0134  -0.0127 188 ASN B N   
498 C CA  . ASN B 17 ? 0.1607 0.1497 0.1235 -0.0114 0.0112  -0.0241 188 ASN B CA  
499 C C   . ASN B 17 ? 0.1638 0.1474 0.1378 -0.0039 0.0151  -0.0229 188 ASN B C   
500 O O   . ASN B 17 ? 0.1778 0.1591 0.1735 0.0017  0.0136  -0.0379 188 ASN B O   
501 C CB  . ASN B 17 ? 0.1652 0.1398 0.1615 -0.0083 0.0163  -0.0172 188 ASN B CB  
502 C CG  . ASN B 17 ? 0.1744 0.1243 0.1791 -0.0141 0.0299  -0.0125 188 ASN B CG  
503 O OD1 . ASN B 17 ? 0.2067 0.1209 0.2205 0.0066  0.0466  0.0172  188 ASN B OD1 
504 N ND2 . ASN B 17 ? 0.1734 0.1224 0.1853 -0.0209 0.0310  -0.0519 188 ASN B ND2 
505 N N   . ASN B 18 ? 0.1560 0.1404 0.1453 -0.0066 0.0117  -0.0286 189 ASN B N   
506 C CA  . ASN B 18 ? 0.1567 0.1721 0.1436 0.0049  -0.0055 -0.0340 189 ASN B CA  
507 C C   . ASN B 18 ? 0.1650 0.1697 0.1424 0.0222  -0.0125 -0.0229 189 ASN B C   
508 O O   . ASN B 18 ? 0.1697 0.1848 0.1697 0.0459  -0.0269 -0.0384 189 ASN B O   
509 C CB  . ASN B 18 ? 0.1662 0.2121 0.1454 -0.0007 -0.0040 -0.0401 189 ASN B CB  
510 C CG  . ASN B 18 ? 0.1941 0.2334 0.1927 0.0047  0.0034  -0.0442 189 ASN B CG  
511 O OD1 . ASN B 18 ? 0.2028 0.2317 0.2120 0.0176  0.0190  -0.0269 189 ASN B OD1 
512 N ND2 . ASN B 18 ? 0.2017 0.2578 0.2310 0.0064  0.0027  -0.0436 189 ASN B ND2 
513 N N   . PHE B 19 ? 0.1767 0.1415 0.1168 0.0066  -0.0039 -0.0278 190 PHE B N   
514 C CA  A PHE B 19 ? 0.1749 0.1287 0.1354 0.0018  -0.0035 -0.0246 190 PHE B CA  
515 C CA  B PHE B 19 ? 0.1755 0.1424 0.1297 0.0037  -0.0063 -0.0240 190 PHE B CA  
516 C C   . PHE B 19 ? 0.1946 0.1420 0.1551 0.0116  -0.0030 -0.0149 190 PHE B C   
517 O O   . PHE B 19 ? 0.2080 0.1605 0.1803 0.0302  -0.0018 -0.0226 190 PHE B O   
518 C CB  A PHE B 19 ? 0.1535 0.1111 0.1326 -0.0018 -0.0107 -0.0261 190 PHE B CB  
519 C CB  B PHE B 19 ? 0.1559 0.1539 0.1146 0.0060  -0.0200 -0.0243 190 PHE B CB  
520 C CG  A PHE B 19 ? 0.1344 0.1037 0.1485 -0.0116 -0.0180 -0.0345 190 PHE B CG  
521 C CG  B PHE B 19 ? 0.1468 0.1775 0.1144 0.0027  -0.0296 -0.0310 190 PHE B CG  
522 C CD1 A PHE B 19 ? 0.1383 0.1080 0.1851 -0.0060 -0.0014 -0.0164 190 PHE B CD1 
523 C CD1 B PHE B 19 ? 0.1231 0.1900 0.1244 0.0039  -0.0461 -0.0355 190 PHE B CD1 
524 C CD2 A PHE B 19 ? 0.1461 0.1106 0.1602 -0.0071 -0.0110 -0.0352 190 PHE B CD2 
525 C CD2 B PHE B 19 ? 0.1450 0.2046 0.1272 0.0025  -0.0273 -0.0206 190 PHE B CD2 
526 C CE1 A PHE B 19 ? 0.1384 0.1017 0.1871 -0.0055 -0.0010 -0.0154 190 PHE B CE1 
527 C CE1 B PHE B 19 ? 0.1390 0.2082 0.1281 0.0078  -0.0375 -0.0170 190 PHE B CE1 
528 C CE2 A PHE B 19 ? 0.1303 0.1181 0.1803 -0.0154 -0.0130 -0.0322 190 PHE B CE2 
529 C CE2 B PHE B 19 ? 0.1289 0.2246 0.1173 -0.0117 -0.0447 -0.0318 190 PHE B CE2 
530 C CZ  A PHE B 19 ? 0.1311 0.1158 0.1823 -0.0123 -0.0100 -0.0208 190 PHE B CZ  
531 C CZ  B PHE B 19 ? 0.1436 0.2221 0.1149 -0.0050 -0.0373 -0.0248 190 PHE B CZ  
532 N N   . GLU B 20 ? 0.2349 0.1395 0.1687 0.0043  0.0108  0.0002  191 GLU B N   
533 C CA  A GLU B 20 ? 0.2556 0.1496 0.1829 0.0063  0.0221  0.0121  191 GLU B CA  
534 C CA  B GLU B 20 ? 0.2533 0.1528 0.1895 0.0047  0.0229  0.0088  191 GLU B CA  
535 C C   . GLU B 20 ? 0.2549 0.1377 0.1885 -0.0062 0.0326  0.0165  191 GLU B C   
536 O O   . GLU B 20 ? 0.2670 0.1422 0.1991 -0.0046 0.0397  0.0094  191 GLU B O   
537 C CB  A GLU B 20 ? 0.2604 0.1682 0.2244 0.0236  0.0220  0.0227  191 GLU B CB  
538 C CB  B GLU B 20 ? 0.2612 0.1802 0.2249 0.0174  0.0243  0.0105  191 GLU B CB  
539 C CG  A GLU B 20 ? 0.2519 0.1904 0.2449 0.0261  0.0045  0.0076  191 GLU B CG  
540 C CG  B GLU B 20 ? 0.2626 0.2096 0.2479 0.0234  0.0191  0.0021  191 GLU B CG  
541 C CD  A GLU B 20 ? 0.2447 0.2000 0.2453 0.0248  -0.0167 -0.0133 191 GLU B CD  
542 C CD  B GLU B 20 ? 0.2663 0.2339 0.2632 0.0289  0.0136  -0.0088 191 GLU B CD  
543 O OE1 A GLU B 20 ? 0.2468 0.2040 0.2752 0.0283  -0.0211 -0.0167 191 GLU B OE1 
544 O OE1 B GLU B 20 ? 0.2622 0.2506 0.2644 0.0300  0.0097  -0.0091 191 GLU B OE1 
545 O OE2 A GLU B 20 ? 0.2227 0.2144 0.2318 0.0153  -0.0338 -0.0261 191 GLU B OE2 
546 O OE2 B GLU B 20 ? 0.2771 0.2410 0.2682 0.0306  0.0132  -0.0147 191 GLU B OE2 
547 N N   . ASN B 21 ? 0.2483 0.1491 0.1779 -0.0295 0.0370  -0.0038 192 ASN B N   
548 C CA  . ASN B 21 ? 0.2408 0.1829 0.1979 -0.0344 0.0430  -0.0024 192 ASN B CA  
549 C C   . ASN B 21 ? 0.2303 0.1735 0.1708 -0.0167 0.0388  -0.0007 192 ASN B C   
550 O O   . ASN B 21 ? 0.2264 0.2055 0.2062 -0.0176 0.0551  -0.0019 192 ASN B O   
551 C CB  . ASN B 21 ? 0.2636 0.2213 0.2035 -0.0561 0.0504  -0.0274 192 ASN B CB  
552 C CG  . ASN B 21 ? 0.3204 0.2680 0.2314 -0.0566 0.0775  -0.0281 192 ASN B CG  
553 O OD1 . ASN B 21 ? 0.3336 0.2888 0.2358 -0.0539 0.0864  -0.0237 192 ASN B OD1 
554 N ND2 . ASN B 21 ? 0.3444 0.2789 0.2557 -0.0584 0.0864  -0.0303 192 ASN B ND2 
555 N N   . ASP B 22 ? 0.1992 0.1500 0.1443 0.0020  0.0040  -0.0035 193 ASP B N   
556 C CA  . ASP B 22 ? 0.1912 0.1423 0.1309 0.0069  -0.0092 0.0027  193 ASP B CA  
557 C C   . ASP B 22 ? 0.1808 0.1491 0.1246 0.0117  -0.0038 -0.0005 193 ASP B C   
558 O O   . ASP B 22 ? 0.1897 0.1636 0.1017 0.0113  0.0057  0.0011  193 ASP B O   
559 C CB  . ASP B 22 ? 0.1886 0.1681 0.1301 0.0128  -0.0356 -0.0031 193 ASP B CB  
560 C CG  . ASP B 22 ? 0.2248 0.1972 0.1236 0.0308  -0.0385 0.0056  193 ASP B CG  
561 O OD1 . ASP B 22 ? 0.2318 0.1866 0.1025 0.0217  -0.0341 0.0008  193 ASP B OD1 
562 O OD2 . ASP B 22 ? 0.2459 0.2187 0.1336 0.0463  -0.0424 -0.0071 193 ASP B OD2 
563 N N   . GLN B 23 ? 0.1497 0.1264 0.1348 0.0112  -0.0156 -0.0027 194 GLN B N   
564 C CA  . GLN B 23 ? 0.1430 0.1467 0.1433 0.0110  -0.0062 -0.0022 194 GLN B CA  
565 C C   . GLN B 23 ? 0.1232 0.1374 0.1156 0.0224  -0.0026 0.0063  194 GLN B C   
566 O O   . GLN B 23 ? 0.1259 0.1458 0.1087 0.0243  -0.0129 0.0079  194 GLN B O   
567 C CB  . GLN B 23 ? 0.1441 0.1793 0.1727 0.0080  -0.0029 0.0013  194 GLN B CB  
568 C CG  . GLN B 23 ? 0.1917 0.2066 0.2322 0.0035  0.0180  -0.0108 194 GLN B CG  
569 C CD  . GLN B 23 ? 0.2229 0.2285 0.2604 -0.0083 0.0364  -0.0209 194 GLN B CD  
570 O OE1 . GLN B 23 ? 0.2843 0.2230 0.2485 0.0071  0.0633  -0.0410 194 GLN B OE1 
571 N NE2 . GLN B 23 ? 0.2344 0.2602 0.3056 -0.0045 0.0363  -0.0088 194 GLN B NE2 
572 N N   . ALA B 24 ? 0.1264 0.1198 0.0902 0.0166  0.0003  -0.0090 195 ALA B N   
573 C CA  . ALA B 24 ? 0.1170 0.1376 0.0800 0.0024  0.0097  -0.0094 195 ALA B CA  
574 C C   . ALA B 24 ? 0.1140 0.1336 0.0861 0.0196  0.0043  -0.0058 195 ALA B C   
575 O O   . ALA B 24 ? 0.1259 0.1464 0.0863 0.0085  0.0018  -0.0156 195 ALA B O   
576 C CB  . ALA B 24 ? 0.1478 0.1484 0.0797 -0.0019 0.0193  -0.0112 195 ALA B CB  
577 N N   . ALA B 25 ? 0.1178 0.1290 0.0821 0.0304  -0.0014 -0.0181 196 ALA B N   
578 C CA  . ALA B 25 ? 0.1134 0.1350 0.0874 0.0356  -0.0071 -0.0146 196 ALA B CA  
579 C C   . ALA B 25 ? 0.1037 0.1426 0.0833 0.0271  -0.0057 -0.0019 196 ALA B C   
580 O O   . ALA B 25 ? 0.1093 0.1725 0.0846 0.0107  0.0066  0.0147  196 ALA B O   
581 C CB  . ALA B 25 ? 0.1234 0.1413 0.1227 0.0460  -0.0039 -0.0178 196 ALA B CB  
582 N N   . VAL B 26 ? 0.1197 0.1211 0.0734 0.0233  -0.0187 -0.0171 197 VAL B N   
583 C CA  . VAL B 26 ? 0.1336 0.1279 0.0623 0.0106  -0.0160 -0.0166 197 VAL B CA  
584 C C   . VAL B 26 ? 0.1153 0.1401 0.0767 -0.0006 -0.0060 -0.0036 197 VAL B C   
585 O O   . VAL B 26 ? 0.1093 0.1380 0.0806 -0.0100 0.0024  0.0090  197 VAL B O   
586 C CB  . VAL B 26 ? 0.1469 0.1816 0.0955 -0.0070 -0.0218 -0.0087 197 VAL B CB  
587 C CG1 . VAL B 26 ? 0.1470 0.2294 0.0905 -0.0272 -0.0309 -0.0149 197 VAL B CG1 
588 C CG2 . VAL B 26 ? 0.1711 0.1703 0.1276 -0.0247 0.0000  -0.0105 197 VAL B CG2 
589 N N   . ARG B 27 ? 0.1170 0.1485 0.0787 0.0115  -0.0118 -0.0089 198 ARG B N   
590 C CA  . ARG B 27 ? 0.1393 0.1413 0.0955 0.0098  0.0024  -0.0073 198 ARG B CA  
591 C C   . ARG B 27 ? 0.1503 0.1636 0.0792 0.0067  -0.0014 0.0037  198 ARG B C   
592 O O   . ARG B 27 ? 0.1697 0.1803 0.0752 0.0204  -0.0092 0.0014  198 ARG B O   
593 C CB  . ARG B 27 ? 0.1664 0.1528 0.0916 0.0236  0.0004  -0.0076 198 ARG B CB  
594 C CG  . ARG B 27 ? 0.2223 0.1643 0.1346 0.0434  0.0166  0.0059  198 ARG B CG  
595 C CD  . ARG B 27 ? 0.2252 0.1819 0.1623 0.0515  0.0186  0.0020  198 ARG B CD  
596 N NE  . ARG B 27 ? 0.2531 0.1797 0.1924 0.0562  0.0332  0.0027  198 ARG B NE  
597 C CZ  . ARG B 27 ? 0.2831 0.2091 0.2023 0.0533  0.0579  -0.0100 198 ARG B CZ  
598 N NH1 . ARG B 27 ? 0.3013 0.2232 0.1776 0.0600  0.0824  -0.0011 198 ARG B NH1 
599 N NH2 . ARG B 27 ? 0.2945 0.2209 0.2422 0.0453  0.0637  -0.0342 198 ARG B NH2 
600 N N   . GLN B 28 ? 0.1522 0.1621 0.0694 -0.0069 -0.0155 -0.0092 199 GLN B N   
601 C CA  . GLN B 28 ? 0.1527 0.1831 0.0735 -0.0176 -0.0191 0.0066  199 GLN B CA  
602 C C   . GLN B 28 ? 0.1405 0.1582 0.0708 -0.0209 -0.0083 0.0171  199 GLN B C   
603 O O   . GLN B 28 ? 0.1554 0.1730 0.0808 -0.0292 -0.0176 0.0146  199 GLN B O   
604 C CB  . GLN B 28 ? 0.1613 0.2239 0.0832 -0.0274 -0.0203 0.0108  199 GLN B CB  
605 C CG  . GLN B 28 ? 0.1712 0.2414 0.1174 -0.0134 -0.0269 0.0243  199 GLN B CG  
606 C CD  . GLN B 28 ? 0.2200 0.2308 0.1264 -0.0041 -0.0134 0.0214  199 GLN B CD  
607 O OE1 . GLN B 28 ? 0.2277 0.2452 0.1472 -0.0181 0.0085  0.0067  199 GLN B OE1 
608 N NE2 . GLN B 28 ? 0.2462 0.2201 0.1357 0.0143  -0.0326 0.0094  199 GLN B NE2 
609 N N   . VAL B 29 ? 0.1242 0.1518 0.0594 -0.0014 -0.0090 0.0060  200 VAL B N   
610 C CA  . VAL B 29 ? 0.1182 0.1585 0.0875 0.0044  -0.0050 0.0128  200 VAL B CA  
611 C C   . VAL B 29 ? 0.0965 0.1293 0.0808 0.0037  -0.0027 0.0063  200 VAL B C   
612 O O   . VAL B 29 ? 0.1120 0.1259 0.0709 0.0121  -0.0009 0.0145  200 VAL B O   
613 C CB  . VAL B 29 ? 0.1337 0.1622 0.1336 0.0181  0.0058  0.0361  200 VAL B CB  
614 C CG1 . VAL B 29 ? 0.1335 0.1511 0.1312 0.0107  0.0135  0.0302  200 VAL B CG1 
615 C CG2 . VAL B 29 ? 0.1187 0.1582 0.1698 0.0094  -0.0075 0.0278  200 VAL B CG2 
616 N N   . MET B 30 ? 0.0826 0.1197 0.0840 -0.0049 0.0013  0.0093  201 MET B N   
617 C CA  . MET B 30 ? 0.0844 0.1343 0.0693 -0.0131 -0.0022 0.0061  201 MET B CA  
618 C C   . MET B 30 ? 0.0945 0.1324 0.0747 0.0164  0.0042  0.0187  201 MET B C   
619 O O   . MET B 30 ? 0.0943 0.1445 0.0738 0.0106  0.0056  0.0217  201 MET B O   
620 C CB  . MET B 30 ? 0.1108 0.1510 0.0923 -0.0120 -0.0063 0.0104  201 MET B CB  
621 C CG  . MET B 30 ? 0.1509 0.1659 0.0932 -0.0077 -0.0206 -0.0092 201 MET B CG  
622 S SD  . MET B 30 ? 0.1848 0.1696 0.1097 -0.0234 -0.0072 -0.0204 201 MET B SD  
623 C CE  . MET B 30 ? 0.1985 0.1790 0.1296 -0.0211 -0.0169 0.0031  201 MET B CE  
624 N N   . GLU B 31 ? 0.0974 0.1356 0.0795 0.0174  -0.0060 -0.0030 202 GLU B N   
625 C CA  . GLU B 31 ? 0.1162 0.1456 0.0753 -0.0038 0.0035  -0.0160 202 GLU B CA  
626 C C   . GLU B 31 ? 0.1153 0.1403 0.0837 0.0097  0.0050  -0.0008 202 GLU B C   
627 O O   . GLU B 31 ? 0.1207 0.1224 0.0857 0.0156  -0.0003 -0.0060 202 GLU B O   
628 C CB  . GLU B 31 ? 0.1688 0.1628 0.1238 -0.0277 0.0392  -0.0311 202 GLU B CB  
629 C CG  . GLU B 31 ? 0.2168 0.2045 0.1888 -0.0322 0.0542  -0.0462 202 GLU B CG  
630 C CD  . GLU B 31 ? 0.2358 0.2358 0.2649 -0.0319 0.0486  -0.0766 202 GLU B CD  
631 O OE1 . GLU B 31 ? 0.2610 0.2500 0.2781 -0.0054 0.0530  -0.0895 202 GLU B OE1 
632 O OE2 . GLU B 31 ? 0.2596 0.2448 0.3166 -0.0265 0.0584  -0.0752 202 GLU B OE2 
633 N N   . ARG B 32 ? 0.0910 0.1476 0.1049 0.0125  0.0031  -0.0135 203 ARG B N   
634 C CA  . ARG B 32 ? 0.0925 0.1305 0.0917 0.0140  0.0036  -0.0138 203 ARG B CA  
635 C C   . ARG B 32 ? 0.0977 0.1133 0.0979 0.0104  -0.0057 -0.0113 203 ARG B C   
636 O O   . ARG B 32 ? 0.0989 0.1259 0.1093 -0.0111 -0.0063 -0.0010 203 ARG B O   
637 C CB  . ARG B 32 ? 0.0797 0.1497 0.1085 -0.0044 -0.0037 -0.0074 203 ARG B CB  
638 C CG  . ARG B 32 ? 0.0795 0.1646 0.1129 -0.0116 -0.0059 -0.0031 203 ARG B CG  
639 C CD  . ARG B 32 ? 0.0593 0.1680 0.1253 -0.0170 -0.0191 -0.0104 203 ARG B CD  
640 N NE  . ARG B 32 ? 0.0875 0.1940 0.1427 -0.0108 -0.0246 -0.0263 203 ARG B NE  
641 C CZ  . ARG B 32 ? 0.1099 0.2360 0.1609 0.0012  -0.0272 -0.0177 203 ARG B CZ  
642 N NH1 . ARG B 32 ? 0.1245 0.2873 0.1568 0.0019  -0.0411 -0.0224 203 ARG B NH1 
643 N NH2 . ARG B 32 ? 0.1131 0.2407 0.1809 0.0065  -0.0185 -0.0095 203 ARG B NH2 
644 N N   . LEU B 33 ? 0.0866 0.1079 0.0919 -0.0025 0.0034  -0.0086 204 LEU B N   
645 C CA  . LEU B 33 ? 0.0940 0.0960 0.0837 0.0022  0.0081  -0.0048 204 LEU B CA  
646 C C   . LEU B 33 ? 0.0930 0.1030 0.1099 -0.0009 0.0136  -0.0021 204 LEU B C   
647 O O   . LEU B 33 ? 0.0904 0.0984 0.0953 0.0058  0.0131  -0.0035 204 LEU B O   
648 C CB  . LEU B 33 ? 0.0914 0.1107 0.1123 0.0022  0.0138  0.0139  204 LEU B CB  
649 C CG  . LEU B 33 ? 0.0901 0.1205 0.1127 0.0150  0.0136  0.0106  204 LEU B CG  
650 C CD1 . LEU B 33 ? 0.1120 0.1178 0.0931 0.0021  0.0053  -0.0116 204 LEU B CD1 
651 C CD2 . LEU B 33 ? 0.1157 0.1418 0.1097 0.0191  0.0336  0.0041  204 LEU B CD2 
652 N N   . GLN B 34 ? 0.0806 0.1126 0.0938 0.0059  -0.0037 -0.0145 205 GLN B N   
653 C CA  . GLN B 34 ? 0.0954 0.1106 0.0917 0.0179  -0.0033 -0.0033 205 GLN B CA  
654 C C   . GLN B 34 ? 0.0887 0.1124 0.1018 0.0110  0.0017  -0.0147 205 GLN B C   
655 O O   . GLN B 34 ? 0.1101 0.1090 0.1213 0.0037  0.0123  0.0125  205 GLN B O   
656 C CB  . GLN B 34 ? 0.0956 0.1039 0.1025 0.0215  -0.0056 -0.0050 205 GLN B CB  
657 C CG  . GLN B 34 ? 0.1018 0.1210 0.0930 0.0164  -0.0096 -0.0155 205 GLN B CG  
658 C CD  . GLN B 34 ? 0.1375 0.1301 0.0818 0.0105  0.0091  0.0036  205 GLN B CD  
659 O OE1 . GLN B 34 ? 0.2149 0.1646 0.1392 0.0263  0.0305  0.0227  205 GLN B OE1 
660 N NE2 . GLN B 34 ? 0.0808 0.1639 0.0857 0.0048  0.0021  -0.0068 205 GLN B NE2 
661 N N   . LYS B 35 ? 0.0916 0.1044 0.1022 0.0145  0.0044  -0.0216 206 LYS B N   
662 C CA  . LYS B 35 ? 0.1016 0.1091 0.1221 -0.0002 0.0099  -0.0258 206 LYS B CA  
663 C C   . LYS B 35 ? 0.0939 0.1160 0.1335 0.0008  0.0225  -0.0094 206 LYS B C   
664 O O   . LYS B 35 ? 0.1287 0.1061 0.1279 0.0115  0.0299  -0.0166 206 LYS B O   
665 C CB  . LYS B 35 ? 0.1183 0.1428 0.1359 -0.0300 -0.0044 -0.0500 206 LYS B CB  
666 C CG  . LYS B 35 ? 0.1613 0.1834 0.1673 -0.0419 0.0070  -0.0450 206 LYS B CG  
667 C CD  . LYS B 35 ? 0.2177 0.2290 0.1916 -0.0482 0.0197  -0.0591 206 LYS B CD  
668 C CE  . LYS B 35 ? 0.2597 0.2784 0.2146 -0.0375 0.0309  -0.0432 206 LYS B CE  
669 N NZ  . LYS B 35 ? 0.2731 0.3023 0.1911 -0.0506 0.0301  -0.0427 206 LYS B NZ  
670 N N   . GLY B 36 ? 0.0947 0.1267 0.1267 0.0001  0.0262  -0.0308 207 GLY B N   
671 C CA  . GLY B 36 ? 0.1029 0.1227 0.1154 -0.0086 0.0301  -0.0218 207 GLY B CA  
672 C C   . GLY B 36 ? 0.1077 0.1185 0.1252 0.0052  0.0214  0.0052  207 GLY B C   
673 O O   . GLY B 36 ? 0.1015 0.1439 0.1465 -0.0057 0.0340  -0.0015 207 GLY B O   
674 N N   . TRP B 37 ? 0.1191 0.1028 0.1123 0.0047  0.0132  -0.0031 208 TRP B N   
675 C CA  . TRP B 37 ? 0.1230 0.0940 0.1235 -0.0056 0.0198  0.0017  208 TRP B CA  
676 C C   . TRP B 37 ? 0.1166 0.0993 0.1310 -0.0071 0.0185  0.0056  208 TRP B C   
677 O O   . TRP B 37 ? 0.1342 0.1039 0.1491 -0.0053 0.0361  0.0071  208 TRP B O   
678 C CB  . TRP B 37 ? 0.1156 0.1020 0.1321 -0.0062 0.0167  -0.0021 208 TRP B CB  
679 C CG  . TRP B 37 ? 0.1135 0.1112 0.1182 -0.0114 0.0199  0.0026  208 TRP B CG  
680 C CD1 . TRP B 37 ? 0.1328 0.1276 0.1370 -0.0102 0.0305  -0.0046 208 TRP B CD1 
681 C CD2 . TRP B 37 ? 0.1064 0.1129 0.1253 -0.0134 0.0214  0.0012  208 TRP B CD2 
682 N NE1 . TRP B 37 ? 0.1183 0.1345 0.1254 -0.0102 0.0279  -0.0065 208 TRP B NE1 
683 C CE2 . TRP B 37 ? 0.1146 0.1204 0.1172 -0.0075 0.0184  -0.0052 208 TRP B CE2 
684 C CE3 . TRP B 37 ? 0.1142 0.1097 0.1340 -0.0162 0.0213  -0.0029 208 TRP B CE3 
685 C CZ2 . TRP B 37 ? 0.1234 0.1099 0.1175 0.0063  0.0129  0.0053  208 TRP B CZ2 
686 C CZ3 . TRP B 37 ? 0.1091 0.1250 0.1299 -0.0155 0.0053  -0.0090 208 TRP B CZ3 
687 C CH2 . TRP B 37 ? 0.1170 0.0989 0.1240 -0.0074 0.0087  0.0023  208 TRP B CH2 
688 N N   . SER B 38 ? 0.1374 0.0953 0.1361 -0.0072 0.0244  -0.0061 209 SER B N   
689 C CA  A SER B 38 ? 0.1600 0.0928 0.1658 -0.0097 0.0251  -0.0198 209 SER B CA  
690 C CA  B SER B 38 ? 0.1496 0.0905 0.1610 -0.0128 0.0256  -0.0117 209 SER B CA  
691 C C   . SER B 38 ? 0.1568 0.1045 0.1587 -0.0207 0.0270  -0.0064 209 SER B C   
692 O O   . SER B 38 ? 0.1783 0.1472 0.1916 -0.0122 0.0298  0.0276  209 SER B O   
693 C CB  A SER B 38 ? 0.1825 0.0966 0.1924 -0.0002 0.0181  -0.0435 209 SER B CB  
694 C CB  B SER B 38 ? 0.1517 0.0831 0.1812 -0.0098 0.0209  -0.0217 209 SER B CB  
695 O OG  A SER B 38 ? 0.2002 0.1179 0.2262 0.0151  0.0304  -0.0191 209 SER B OG  
696 O OG  B SER B 38 ? 0.1480 0.0842 0.2034 -0.0051 0.0260  -0.0057 209 SER B OG  
697 N N   . LEU B 39 ? 0.1372 0.1121 0.1618 -0.0260 0.0237  -0.0294 210 LEU B N   
698 C CA  . LEU B 39 ? 0.1466 0.1406 0.1591 -0.0360 0.0287  -0.0218 210 LEU B CA  
699 C C   . LEU B 39 ? 0.1583 0.1620 0.1583 -0.0365 0.0333  -0.0044 210 LEU B C   
700 O O   . LEU B 39 ? 0.2063 0.1805 0.1798 -0.0391 0.0557  -0.0108 210 LEU B O   
701 C CB  . LEU B 39 ? 0.1347 0.1414 0.1473 -0.0463 0.0228  -0.0272 210 LEU B CB  
702 C CG  . LEU B 39 ? 0.1562 0.1356 0.1751 -0.0459 0.0291  -0.0303 210 LEU B CG  
703 C CD1 . LEU B 39 ? 0.1636 0.1717 0.1872 -0.0503 0.0219  -0.0348 210 LEU B CD1 
704 C CD2 . LEU B 39 ? 0.1919 0.1273 0.2112 -0.0372 0.0411  -0.0359 210 LEU B CD2 
# 
